data_1IJW
# 
_entry.id   1IJW 
# 
_audit_conform.dict_name       mmcif_pdbx.dic 
_audit_conform.dict_version    5.389 
_audit_conform.dict_location   http://mmcif.pdb.org/dictionaries/ascii/mmcif_pdbx.dic 
# 
loop_
_database_2.database_id 
_database_2.database_code 
_database_2.pdbx_database_accession 
_database_2.pdbx_DOI 
PDB   1IJW         pdb_00001ijw 10.2210/pdb1ijw/pdb 
NDB   PD0213       ?            ?                   
RCSB  RCSB013347   ?            ?                   
WWPDB D_1000013347 ?            ?                   
# 
loop_
_pdbx_audit_revision_history.ordinal 
_pdbx_audit_revision_history.data_content_type 
_pdbx_audit_revision_history.major_revision 
_pdbx_audit_revision_history.minor_revision 
_pdbx_audit_revision_history.revision_date 
1 'Structure model' 1 0 2002-02-22 
2 'Structure model' 1 1 2008-04-27 
3 'Structure model' 1 2 2011-07-13 
4 'Structure model' 1 3 2024-02-07 
5 'Structure model' 1 4 2024-04-03 
# 
_pdbx_audit_revision_details.ordinal             1 
_pdbx_audit_revision_details.revision_ordinal    1 
_pdbx_audit_revision_details.data_content_type   'Structure model' 
_pdbx_audit_revision_details.provider            repository 
_pdbx_audit_revision_details.type                'Initial release' 
_pdbx_audit_revision_details.description         ? 
_pdbx_audit_revision_details.details             ? 
# 
loop_
_pdbx_audit_revision_group.ordinal 
_pdbx_audit_revision_group.revision_ordinal 
_pdbx_audit_revision_group.data_content_type 
_pdbx_audit_revision_group.group 
1 2 'Structure model' 'Version format compliance' 
2 3 'Structure model' 'Version format compliance' 
3 4 'Structure model' 'Data collection'           
4 4 'Structure model' 'Database references'       
5 4 'Structure model' 'Derived calculations'      
6 5 'Structure model' 'Refinement description'    
# 
loop_
_pdbx_audit_revision_category.ordinal 
_pdbx_audit_revision_category.revision_ordinal 
_pdbx_audit_revision_category.data_content_type 
_pdbx_audit_revision_category.category 
1 4 'Structure model' chem_comp_atom                
2 4 'Structure model' chem_comp_bond                
3 4 'Structure model' database_2                    
4 4 'Structure model' struct_conn                   
5 4 'Structure model' struct_site                   
6 5 'Structure model' pdbx_initial_refinement_model 
# 
loop_
_pdbx_audit_revision_item.ordinal 
_pdbx_audit_revision_item.revision_ordinal 
_pdbx_audit_revision_item.data_content_type 
_pdbx_audit_revision_item.item 
1 4 'Structure model' '_database_2.pdbx_DOI'                
2 4 'Structure model' '_database_2.pdbx_database_accession' 
3 4 'Structure model' '_struct_conn.pdbx_leaving_atom_flag' 
4 4 'Structure model' '_struct_site.pdbx_auth_asym_id'      
5 4 'Structure model' '_struct_site.pdbx_auth_comp_id'      
6 4 'Structure model' '_struct_site.pdbx_auth_seq_id'       
# 
_pdbx_database_status.status_code                     REL 
_pdbx_database_status.entry_id                        1IJW 
_pdbx_database_status.recvd_initial_deposition_date   2001-04-30 
_pdbx_database_status.deposit_site                    RCSB 
_pdbx_database_status.process_site                    RCSB 
_pdbx_database_status.status_code_sf                  REL 
_pdbx_database_status.SG_entry                        . 
_pdbx_database_status.pdb_format_compatible           Y 
_pdbx_database_status.status_code_mr                  ? 
_pdbx_database_status.status_code_cs                  ? 
_pdbx_database_status.status_code_nmr_data            ? 
_pdbx_database_status.methods_development_category    ? 
# 
loop_
_pdbx_database_related.db_name 
_pdbx_database_related.db_id 
_pdbx_database_related.details 
_pdbx_database_related.content_type 
PDB 1HCR 
;Native wild-type Hin recombinase DNA-binding domain bound to underivatized 
hixL half-site.
;
unspecified 
PDB 1JJ6 'FORM1 I5 DERIVATIVE'                                                                         unspecified 
PDB 1JJ8 'FORM2 I4 DERIVATIVE'                                                                         unspecified 
PDB 1JKO 'FORM1 A10G MUTANT'                                                                           unspecified 
PDB 1JKP 'FORM1 T11G MUTANT'                                                                           unspecified 
PDB 1JKQ 'FORM1 G9T MUTANT'                                                                            unspecified 
PDB 1JKR 'FORM1 T11C MUTANT'                                                                           unspecified 
# 
loop_
_audit_author.name 
_audit_author.pdbx_ordinal 
'Chiu, T.K.'      1 
'Sohn, C.'        2 
'Johnson, R.C.'   3 
'Dickerson, R.E.' 4 
# 
loop_
_citation.id 
_citation.title 
_citation.journal_abbrev 
_citation.journal_volume 
_citation.page_first 
_citation.page_last 
_citation.year 
_citation.journal_id_ASTM 
_citation.country 
_citation.journal_id_ISSN 
_citation.journal_id_CSD 
_citation.book_publisher 
_citation.pdbx_database_id_PubMed 
_citation.pdbx_database_id_DOI 
primary 'Testing water-mediated DNA recognition by the Hin recombinase.' 'EMBO J.' 21  801 814 2002 EMJODG UK 0261-4189 0897 ? 
11847127 10.1093/emboj/21.4.801 
1       
'How Hin Recombinase, FIS and Cations Bind DNA. Chapter 4. Water-Mediated Sequence-Specific Recognition by Hin Recombinase.' 
Thesis    ?   145 241 2001 ?      ?  ?         ?    ? ?        ?                      
2       'Hin Recombinase Bound to DNA: the Origin of Specificity in Major and Minor Groove Interactions.' Science   263 348 355 
1994 SCIEAS US 0036-8075 0038 ? ?        ?                      
# 
loop_
_citation_author.citation_id 
_citation_author.name 
_citation_author.ordinal 
_citation_author.identifier_ORCID 
primary 'Chiu, T.K.'      1 ? 
primary 'Sohn, C.'        2 ? 
primary 'Dickerson, R.E.' 3 ? 
primary 'Johnson, R.C.'   4 ? 
1       'Chiu, T.K.'      5 ? 
2       'Feng, J.A.'      6 ? 
2       'Johnson, R.C.'   7 ? 
2       'Dickerson, R.E.' 8 ? 
# 
loop_
_entity.id 
_entity.type 
_entity.src_method 
_entity.pdbx_description 
_entity.formula_weight 
_entity.pdbx_number_of_molecules 
_entity.pdbx_ec 
_entity.pdbx_mutation 
_entity.pdbx_fragment 
_entity.details 
1 polymer     syn "5'-D(*TP*GP*TP*TP*TP*TP*TP*GP*AP*TP*AP*AP*GP*A)-3'"     4324.836 1 ? ? ?                     ? 
2 polymer     syn "5'-D(*AP*TP*(CBR)P*TP*TP*AP*TP*CP*AP*AP*AP*AP*AP*C)-3'" 4310.702 1 ? ? ?                     ? 
3 polymer     syn 'DNA-INVERTASE HIN'                                      6047.051 1 ? ? 'RESIDUES 139 TO 190' ? 
4 non-polymer syn 2-AMINO-2-HYDROXYMETHYL-PROPANE-1,3-DIOL                 122.143  2 ? ? ?                     ? 
5 water       nat water                                                    18.015   7 ? ? ?                     ? 
# 
_entity_name_com.entity_id   3 
_entity_name_com.name        'Hin Recombinase' 
# 
loop_
_entity_poly.entity_id 
_entity_poly.type 
_entity_poly.nstd_linkage 
_entity_poly.nstd_monomer 
_entity_poly.pdbx_seq_one_letter_code 
_entity_poly.pdbx_seq_one_letter_code_can 
_entity_poly.pdbx_strand_id 
_entity_poly.pdbx_target_identifier 
1 polydeoxyribonucleotide no no  '(DT)(DG)(DT)(DT)(DT)(DT)(DT)(DG)(DA)(DT)(DA)(DA)(DG)(DA)'  TGTTTTTGATAAGA A ? 
2 polydeoxyribonucleotide no yes '(DA)(DT)(CBR)(DT)(DT)(DA)(DT)(DC)(DA)(DA)(DA)(DA)(DA)(DC)' ATCTTATCAAAAAC B ? 
3 'polypeptide(L)'        no no  GRPRAINKHEQEQISRLLEKGHPRQQLAIIFGIGVSTLYRYFPASSIKKRMN        
GRPRAINKHEQEQISRLLEKGHPRQQLAIIFGIGVSTLYRYFPASSIKKRMN C ? 
# 
loop_
_pdbx_entity_nonpoly.entity_id 
_pdbx_entity_nonpoly.name 
_pdbx_entity_nonpoly.comp_id 
4 2-AMINO-2-HYDROXYMETHYL-PROPANE-1,3-DIOL TRS 
5 water                                    HOH 
# 
loop_
_entity_poly_seq.entity_id 
_entity_poly_seq.num 
_entity_poly_seq.mon_id 
_entity_poly_seq.hetero 
1 1  DT  n 
1 2  DG  n 
1 3  DT  n 
1 4  DT  n 
1 5  DT  n 
1 6  DT  n 
1 7  DT  n 
1 8  DG  n 
1 9  DA  n 
1 10 DT  n 
1 11 DA  n 
1 12 DA  n 
1 13 DG  n 
1 14 DA  n 
2 1  DA  n 
2 2  DT  n 
2 3  CBR n 
2 4  DT  n 
2 5  DT  n 
2 6  DA  n 
2 7  DT  n 
2 8  DC  n 
2 9  DA  n 
2 10 DA  n 
2 11 DA  n 
2 12 DA  n 
2 13 DA  n 
2 14 DC  n 
3 1  GLY n 
3 2  ARG n 
3 3  PRO n 
3 4  ARG n 
3 5  ALA n 
3 6  ILE n 
3 7  ASN n 
3 8  LYS n 
3 9  HIS n 
3 10 GLU n 
3 11 GLN n 
3 12 GLU n 
3 13 GLN n 
3 14 ILE n 
3 15 SER n 
3 16 ARG n 
3 17 LEU n 
3 18 LEU n 
3 19 GLU n 
3 20 LYS n 
3 21 GLY n 
3 22 HIS n 
3 23 PRO n 
3 24 ARG n 
3 25 GLN n 
3 26 GLN n 
3 27 LEU n 
3 28 ALA n 
3 29 ILE n 
3 30 ILE n 
3 31 PHE n 
3 32 GLY n 
3 33 ILE n 
3 34 GLY n 
3 35 VAL n 
3 36 SER n 
3 37 THR n 
3 38 LEU n 
3 39 TYR n 
3 40 ARG n 
3 41 TYR n 
3 42 PHE n 
3 43 PRO n 
3 44 ALA n 
3 45 SER n 
3 46 SER n 
3 47 ILE n 
3 48 LYS n 
3 49 LYS n 
3 50 ARG n 
3 51 MET n 
3 52 ASN n 
# 
_pdbx_entity_src_syn.entity_id              3 
_pdbx_entity_src_syn.pdbx_src_id            1 
_pdbx_entity_src_syn.pdbx_alt_source_flag   sample 
_pdbx_entity_src_syn.pdbx_beg_seq_num       ? 
_pdbx_entity_src_syn.pdbx_end_seq_num       ? 
_pdbx_entity_src_syn.organism_scientific    ? 
_pdbx_entity_src_syn.organism_common_name   ? 
_pdbx_entity_src_syn.ncbi_taxonomy_id       ? 
_pdbx_entity_src_syn.details                'SYNTHETIC PEPTIDE' 
# 
loop_
_chem_comp.id 
_chem_comp.type 
_chem_comp.mon_nstd_flag 
_chem_comp.name 
_chem_comp.pdbx_synonyms 
_chem_comp.formula 
_chem_comp.formula_weight 
ALA 'L-peptide linking' y ALANINE                                      ?             'C3 H7 N O2'        89.093  
ARG 'L-peptide linking' y ARGININE                                     ?             'C6 H15 N4 O2 1'    175.209 
ASN 'L-peptide linking' y ASPARAGINE                                   ?             'C4 H8 N2 O3'       132.118 
CBR 'DNA linking'       n "5-BROMO-2'-DEOXY-CYTIDINE-5'-MONOPHOSPHATE" ?             'C9 H13 Br N3 O7 P' 386.093 
DA  'DNA linking'       y "2'-DEOXYADENOSINE-5'-MONOPHOSPHATE"         ?             'C10 H14 N5 O6 P'   331.222 
DC  'DNA linking'       y "2'-DEOXYCYTIDINE-5'-MONOPHOSPHATE"          ?             'C9 H14 N3 O7 P'    307.197 
DG  'DNA linking'       y "2'-DEOXYGUANOSINE-5'-MONOPHOSPHATE"         ?             'C10 H14 N5 O7 P'   347.221 
DT  'DNA linking'       y "THYMIDINE-5'-MONOPHOSPHATE"                 ?             'C10 H15 N2 O8 P'   322.208 
GLN 'L-peptide linking' y GLUTAMINE                                    ?             'C5 H10 N2 O3'      146.144 
GLU 'L-peptide linking' y 'GLUTAMIC ACID'                              ?             'C5 H9 N O4'        147.129 
GLY 'peptide linking'   y GLYCINE                                      ?             'C2 H5 N O2'        75.067  
HIS 'L-peptide linking' y HISTIDINE                                    ?             'C6 H10 N3 O2 1'    156.162 
HOH non-polymer         . WATER                                        ?             'H2 O'              18.015  
ILE 'L-peptide linking' y ISOLEUCINE                                   ?             'C6 H13 N O2'       131.173 
LEU 'L-peptide linking' y LEUCINE                                      ?             'C6 H13 N O2'       131.173 
LYS 'L-peptide linking' y LYSINE                                       ?             'C6 H15 N2 O2 1'    147.195 
MET 'L-peptide linking' y METHIONINE                                   ?             'C5 H11 N O2 S'     149.211 
PHE 'L-peptide linking' y PHENYLALANINE                                ?             'C9 H11 N O2'       165.189 
PRO 'L-peptide linking' y PROLINE                                      ?             'C5 H9 N O2'        115.130 
SER 'L-peptide linking' y SERINE                                       ?             'C3 H7 N O3'        105.093 
THR 'L-peptide linking' y THREONINE                                    ?             'C4 H9 N O3'        119.119 
TRS non-polymer         . 2-AMINO-2-HYDROXYMETHYL-PROPANE-1,3-DIOL     'TRIS BUFFER' 'C4 H12 N O3 1'     122.143 
TYR 'L-peptide linking' y TYROSINE                                     ?             'C9 H11 N O3'       181.189 
VAL 'L-peptide linking' y VALINE                                       ?             'C5 H11 N O2'       117.146 
# 
loop_
_pdbx_poly_seq_scheme.asym_id 
_pdbx_poly_seq_scheme.entity_id 
_pdbx_poly_seq_scheme.seq_id 
_pdbx_poly_seq_scheme.mon_id 
_pdbx_poly_seq_scheme.ndb_seq_num 
_pdbx_poly_seq_scheme.pdb_seq_num 
_pdbx_poly_seq_scheme.auth_seq_num 
_pdbx_poly_seq_scheme.pdb_mon_id 
_pdbx_poly_seq_scheme.auth_mon_id 
_pdbx_poly_seq_scheme.pdb_strand_id 
_pdbx_poly_seq_scheme.pdb_ins_code 
_pdbx_poly_seq_scheme.hetero 
A 1 1  DT  1  2   2   DT  T   A . n 
A 1 2  DG  2  3   3   DG  G   A . n 
A 1 3  DT  3  4   4   DT  T   A . n 
A 1 4  DT  4  5   5   DT  T   A . n 
A 1 5  DT  5  6   6   DT  T   A . n 
A 1 6  DT  6  7   7   DT  T   A . n 
A 1 7  DT  7  8   8   DT  T   A . n 
A 1 8  DG  8  9   9   DG  G   A . n 
A 1 9  DA  9  10  10  DA  A   A . n 
A 1 10 DT  10 11  11  DT  T   A . n 
A 1 11 DA  11 12  12  DA  A   A . n 
A 1 12 DA  12 13  13  DA  A   A . n 
A 1 13 DG  13 14  14  DG  G   A . n 
A 1 14 DA  14 15  15  DA  A   A . n 
B 2 1  DA  1  16  16  DA  A   B . n 
B 2 2  DT  2  17  17  DT  T   B . n 
B 2 3  CBR 3  18  18  CBR C   B . n 
B 2 4  DT  4  19  19  DT  T   B . n 
B 2 5  DT  5  20  20  DT  T   B . n 
B 2 6  DA  6  21  21  DA  A   B . n 
B 2 7  DT  7  22  22  DT  T   B . n 
B 2 8  DC  8  23  23  DC  C   B . n 
B 2 9  DA  9  24  24  DA  A   B . n 
B 2 10 DA  10 25  25  DA  A   B . n 
B 2 11 DA  11 26  26  DA  A   B . n 
B 2 12 DA  12 27  27  DA  A   B . n 
B 2 13 DA  13 28  28  DA  A   B . n 
B 2 14 DC  14 29  29  DC  C   B . n 
C 3 1  GLY 1  139 139 GLY GLY C . n 
C 3 2  ARG 2  140 140 ARG ARG C . n 
C 3 3  PRO 3  141 141 PRO PRO C . n 
C 3 4  ARG 4  142 142 ARG ARG C . n 
C 3 5  ALA 5  143 143 ALA ALA C . n 
C 3 6  ILE 6  144 144 ILE ILE C . n 
C 3 7  ASN 7  145 145 ASN ASN C . n 
C 3 8  LYS 8  146 146 LYS LYS C . n 
C 3 9  HIS 9  147 147 HIS HIS C . n 
C 3 10 GLU 10 148 148 GLU GLU C . n 
C 3 11 GLN 11 149 149 GLN GLN C . n 
C 3 12 GLU 12 150 150 GLU GLU C . n 
C 3 13 GLN 13 151 151 GLN GLN C . n 
C 3 14 ILE 14 152 152 ILE ILE C . n 
C 3 15 SER 15 153 153 SER SER C . n 
C 3 16 ARG 16 154 154 ARG ARG C . n 
C 3 17 LEU 17 155 155 LEU LEU C . n 
C 3 18 LEU 18 156 156 LEU LEU C . n 
C 3 19 GLU 19 157 157 GLU GLU C . n 
C 3 20 LYS 20 158 158 LYS LYS C . n 
C 3 21 GLY 21 159 159 GLY GLY C . n 
C 3 22 HIS 22 160 160 HIS HIS C . n 
C 3 23 PRO 23 161 161 PRO PRO C . n 
C 3 24 ARG 24 162 162 ARG ARG C . n 
C 3 25 GLN 25 163 163 GLN GLN C . n 
C 3 26 GLN 26 164 164 GLN GLN C . n 
C 3 27 LEU 27 165 165 LEU LEU C . n 
C 3 28 ALA 28 166 166 ALA ALA C . n 
C 3 29 ILE 29 167 167 ILE ILE C . n 
C 3 30 ILE 30 168 168 ILE ILE C . n 
C 3 31 PHE 31 169 169 PHE PHE C . n 
C 3 32 GLY 32 170 170 GLY GLY C . n 
C 3 33 ILE 33 171 171 ILE ILE C . n 
C 3 34 GLY 34 172 172 GLY GLY C . n 
C 3 35 VAL 35 173 173 VAL VAL C . n 
C 3 36 SER 36 174 174 SER SER C . n 
C 3 37 THR 37 175 175 THR THR C . n 
C 3 38 LEU 38 176 176 LEU LEU C . n 
C 3 39 TYR 39 177 177 TYR TYR C . n 
C 3 40 ARG 40 178 178 ARG ARG C . n 
C 3 41 TYR 41 179 179 TYR TYR C . n 
C 3 42 PHE 42 180 180 PHE PHE C . n 
C 3 43 PRO 43 181 181 PRO PRO C . n 
C 3 44 ALA 44 182 182 ALA ALA C . n 
C 3 45 SER 45 183 183 SER SER C . n 
C 3 46 SER 46 184 184 SER SER C . n 
C 3 47 ILE 47 185 185 ILE ILE C . n 
C 3 48 LYS 48 186 ?   ?   ?   C . n 
C 3 49 LYS 49 187 ?   ?   ?   C . n 
C 3 50 ARG 50 188 ?   ?   ?   C . n 
C 3 51 MET 51 189 ?   ?   ?   C . n 
C 3 52 ASN 52 190 ?   ?   ?   C . n 
# 
loop_
_pdbx_nonpoly_scheme.asym_id 
_pdbx_nonpoly_scheme.entity_id 
_pdbx_nonpoly_scheme.mon_id 
_pdbx_nonpoly_scheme.ndb_seq_num 
_pdbx_nonpoly_scheme.pdb_seq_num 
_pdbx_nonpoly_scheme.auth_seq_num 
_pdbx_nonpoly_scheme.pdb_mon_id 
_pdbx_nonpoly_scheme.auth_mon_id 
_pdbx_nonpoly_scheme.pdb_strand_id 
_pdbx_nonpoly_scheme.pdb_ins_code 
D 4 TRS 1 204 204 TRS TRS B . 
E 4 TRS 1 203 203 TRS TRS C . 
F 5 HOH 1 201 201 HOH HOH A . 
F 5 HOH 2 202 202 HOH HOH A . 
F 5 HOH 3 208 208 HOH HOH A . 
F 5 HOH 4 212 212 HOH HOH A . 
G 5 HOH 1 205 205 HOH HOH B . 
G 5 HOH 2 207 207 HOH HOH B . 
H 5 HOH 1 206 206 HOH HOH C . 
# 
loop_
_pdbx_unobs_or_zero_occ_atoms.id 
_pdbx_unobs_or_zero_occ_atoms.PDB_model_num 
_pdbx_unobs_or_zero_occ_atoms.polymer_flag 
_pdbx_unobs_or_zero_occ_atoms.occupancy_flag 
_pdbx_unobs_or_zero_occ_atoms.auth_asym_id 
_pdbx_unobs_or_zero_occ_atoms.auth_comp_id 
_pdbx_unobs_or_zero_occ_atoms.auth_seq_id 
_pdbx_unobs_or_zero_occ_atoms.PDB_ins_code 
_pdbx_unobs_or_zero_occ_atoms.auth_atom_id 
_pdbx_unobs_or_zero_occ_atoms.label_alt_id 
_pdbx_unobs_or_zero_occ_atoms.label_asym_id 
_pdbx_unobs_or_zero_occ_atoms.label_comp_id 
_pdbx_unobs_or_zero_occ_atoms.label_seq_id 
_pdbx_unobs_or_zero_occ_atoms.label_atom_id 
1  1 Y 1 C LYS 146 ? CG  ? C LYS 8  CG  
2  1 Y 1 C LYS 146 ? CD  ? C LYS 8  CD  
3  1 Y 1 C LYS 146 ? CE  ? C LYS 8  CE  
4  1 Y 1 C LYS 146 ? NZ  ? C LYS 8  NZ  
5  1 Y 1 C HIS 147 ? CB  ? C HIS 9  CB  
6  1 Y 1 C HIS 147 ? CG  ? C HIS 9  CG  
7  1 Y 1 C HIS 147 ? ND1 ? C HIS 9  ND1 
8  1 Y 1 C HIS 147 ? CD2 ? C HIS 9  CD2 
9  1 Y 1 C HIS 147 ? CE1 ? C HIS 9  CE1 
10 1 Y 1 C HIS 147 ? NE2 ? C HIS 9  NE2 
11 1 Y 1 C GLU 150 ? CG  ? C GLU 12 CG  
12 1 Y 1 C GLU 150 ? CD  ? C GLU 12 CD  
13 1 Y 1 C GLU 150 ? OE1 ? C GLU 12 OE1 
14 1 Y 1 C GLU 150 ? OE2 ? C GLU 12 OE2 
15 1 Y 1 C LYS 158 ? CG  ? C LYS 20 CG  
16 1 Y 1 C LYS 158 ? CD  ? C LYS 20 CD  
17 1 Y 1 C LYS 158 ? CE  ? C LYS 20 CE  
18 1 Y 1 C LYS 158 ? NZ  ? C LYS 20 NZ  
19 1 Y 1 C GLN 164 ? CG  ? C GLN 26 CG  
20 1 Y 1 C GLN 164 ? CD  ? C GLN 26 CD  
21 1 Y 1 C GLN 164 ? OE1 ? C GLN 26 OE1 
22 1 Y 1 C GLN 164 ? NE2 ? C GLN 26 NE2 
# 
loop_
_software.name 
_software.classification 
_software.version 
_software.citation_id 
_software.pdbx_ordinal 
SOLVE     phasing          . ? 1 
CNS       refinement       . ? 2 
DENZO     'data reduction' . ? 3 
SCALEPACK 'data scaling'   . ? 4 
# 
_cell.entry_id           1IJW 
_cell.length_a           85.749 
_cell.length_b           81.136 
_cell.length_c           44.596 
_cell.angle_alpha        90.00 
_cell.angle_beta         90.00 
_cell.angle_gamma        90.00 
_cell.Z_PDB              8 
_cell.pdbx_unique_axis   ? 
# 
_symmetry.entry_id                         1IJW 
_symmetry.space_group_name_H-M             'C 2 2 21' 
_symmetry.pdbx_full_space_group_name_H-M   ? 
_symmetry.cell_setting                     ? 
_symmetry.Int_Tables_number                20 
# 
_exptl.entry_id          1IJW 
_exptl.method            'X-RAY DIFFRACTION' 
_exptl.crystals_number   1 
# 
_exptl_crystal.id                    1 
_exptl_crystal.density_meas          ? 
_exptl_crystal.density_Matthews      2.66 
_exptl_crystal.density_percent_sol   52.0 
_exptl_crystal.description           ? 
# 
_exptl_crystal_grow.crystal_id      1 
_exptl_crystal_grow.method          'VAPOR DIFFUSION, HANGING DROP' 
_exptl_crystal_grow.temp            281 
_exptl_crystal_grow.temp_details    ? 
_exptl_crystal_grow.pH              8.5 
_exptl_crystal_grow.pdbx_details    
;Hanging drop vapor diffusion at 4C, with initial concentration in
drop of 0.13 mM DNA, 0.33 mM Hin, 46 mMTris (pH 8.5), 46 mM CaCl2, 63 mM NaCl, 11.6% v/v PEG400, and 2.03 mM Na cacodylate. Reservoir solution contains 100 mM Tris (pH 8.5), 100 mM CaCl2, 100 mM NaCl, and 25% PEG400. Concentration of PEG400 in reservoir solution was increased in 5% increments to 35%., VAPOR DIFFUSION, HANGING DROP, temperature 281K
;
_exptl_crystal_grow.pdbx_pH_range   ? 
# 
loop_
_exptl_crystal_grow_comp.crystal_id 
_exptl_crystal_grow_comp.id 
_exptl_crystal_grow_comp.sol_id 
_exptl_crystal_grow_comp.name 
_exptl_crystal_grow_comp.volume 
_exptl_crystal_grow_comp.conc 
_exptl_crystal_grow_comp.details 
1 1 1 Tris                ? ? ? 
1 2 1 CaCl2               ? ? ? 
1 3 1 NaCl                ? ? ? 
1 4 1 'PEG 400'           ? ? ? 
1 5 1 'sodium cacodylate' ? ? ? 
1 6 2 Tris                ? ? ? 
1 7 2 CaCl2               ? ? ? 
1 8 2 NaCl                ? ? ? 
1 9 2 'PEG 400'           ? ? ? 
# 
_diffrn.id                     1 
_diffrn.ambient_temp           100 
_diffrn.ambient_temp_details   ? 
_diffrn.crystal_id             1 
_diffrn.details                
;MULTIPLE WAVELENGTH WITH ANOMALOUS SCATTERING
USING THREE IODINE AND ONE BROMINE DERIVATIVES.
THE IODINE DERIVATIVES REPLACE THYMINE AT POSITIONS
4, 5, AND 7+19 WITH 5-IODO URACIL.  THE BROMINE
DERIVATIVE REPLACES CYTOSINE AT POSITION 18 WITH 5-BROMO
CYTOSINE.
;
# 
_diffrn_detector.diffrn_id              1 
_diffrn_detector.detector               CCD 
_diffrn_detector.type                   ? 
_diffrn_detector.pdbx_collection_date   1999-06-01 
_diffrn_detector.details                ? 
# 
_diffrn_radiation.diffrn_id                        1 
_diffrn_radiation.wavelength_id                    1 
_diffrn_radiation.pdbx_monochromatic_or_laue_m_l   M 
_diffrn_radiation.monochromator                    ? 
_diffrn_radiation.pdbx_diffrn_protocol             MAD 
_diffrn_radiation.pdbx_scattering_type             x-ray 
# 
_diffrn_radiation_wavelength.id           1 
_diffrn_radiation_wavelength.wavelength   0.917 
_diffrn_radiation_wavelength.wt           1.0 
# 
_diffrn_source.diffrn_id                   1 
_diffrn_source.source                      SYNCHROTRON 
_diffrn_source.type                        'NSLS BEAMLINE X12C' 
_diffrn_source.pdbx_synchrotron_site       NSLS 
_diffrn_source.pdbx_synchrotron_beamline   X12C 
_diffrn_source.pdbx_wavelength             0.917 
_diffrn_source.pdbx_wavelength_list        ? 
# 
_reflns.entry_id                     1IJW 
_reflns.observed_criterion_sigma_I   0.0 
_reflns.observed_criterion_sigma_F   ? 
_reflns.d_resolution_low             30.0 
_reflns.d_resolution_high            2.40 
_reflns.number_obs                   5435 
_reflns.number_all                   ? 
_reflns.percent_possible_obs         85.35 
_reflns.pdbx_Rmerge_I_obs            ? 
_reflns.pdbx_Rsym_value              0.079 
_reflns.pdbx_netI_over_sigmaI        16.59 
_reflns.B_iso_Wilson_estimate        47 
_reflns.pdbx_redundancy              26 
_reflns.R_free_details               ? 
_reflns.pdbx_diffrn_id               1 
_reflns.pdbx_ordinal                 1 
# 
_reflns_shell.d_res_high             2.40 
_reflns_shell.d_res_low              2.51 
_reflns_shell.percent_possible_all   43.76 
_reflns_shell.Rmerge_I_obs           ? 
_reflns_shell.pdbx_Rsym_value        0.27 
_reflns_shell.meanI_over_sigI_obs    2.60 
_reflns_shell.pdbx_redundancy        1.91 
_reflns_shell.percent_possible_obs   ? 
_reflns_shell.number_unique_all      ? 
_reflns_shell.pdbx_diffrn_id         ? 
_reflns_shell.pdbx_ordinal           1 
# 
_refine.entry_id                                 1IJW 
_refine.ls_number_reflns_obs                     5435 
_refine.ls_number_reflns_all                     ? 
_refine.pdbx_ls_sigma_I                          ? 
_refine.pdbx_ls_sigma_F                          0.000 
_refine.pdbx_data_cutoff_high_absF               ? 
_refine.pdbx_data_cutoff_low_absF                ? 
_refine.pdbx_data_cutoff_high_rms_absF           10000 
_refine.ls_d_res_low                             30.00 
_refine.ls_d_res_high                            2.40 
_refine.ls_percent_reflns_obs                    85.4 
_refine.ls_R_factor_obs                          0.223 
_refine.ls_R_factor_all                          ? 
_refine.ls_R_factor_R_work                       0.223 
_refine.ls_R_factor_R_free                       0.278 
_refine.ls_R_factor_R_free_error                 ? 
_refine.ls_R_factor_R_free_error_details         ? 
_refine.ls_percent_reflns_R_free                 8.4 
_refine.ls_number_reflns_R_free                  536 
_refine.ls_number_parameters                     ? 
_refine.ls_number_restraints                     ? 
_refine.occupancy_min                            ? 
_refine.occupancy_max                            ? 
_refine.B_iso_mean                               40 
_refine.aniso_B[1][1]                            14.66 
_refine.aniso_B[2][2]                            4.55 
_refine.aniso_B[3][3]                            -19.21 
_refine.aniso_B[1][2]                            0.00 
_refine.aniso_B[1][3]                            0.00 
_refine.aniso_B[2][3]                            0.00 
_refine.solvent_model_details                    ? 
_refine.solvent_model_param_ksol                 0.30 
_refine.solvent_model_param_bsol                 50 
_refine.pdbx_ls_cross_valid_method               ? 
_refine.details                                  ? 
_refine.pdbx_starting_model                      'MIRAS PHASES' 
_refine.pdbx_method_to_determine_struct          MIRAS 
_refine.pdbx_isotropic_thermal_model             ANISOTROPIC_FIXED_ISOTROPIC 
_refine.pdbx_stereochemistry_target_values       MLHL 
_refine.pdbx_stereochem_target_val_spec_case     ? 
_refine.pdbx_R_Free_selection_details            RANDOM 
_refine.pdbx_overall_ESU_R                       ? 
_refine.pdbx_overall_ESU_R_Free                  ? 
_refine.overall_SU_ML                            ? 
_refine.overall_SU_B                             ? 
_refine.ls_redundancy_reflns_obs                 ? 
_refine.correlation_coeff_Fo_to_Fc               ? 
_refine.overall_SU_R_Cruickshank_DPI             ? 
_refine.overall_SU_R_free                        ? 
_refine.correlation_coeff_Fo_to_Fc_free          ? 
_refine.pdbx_solvent_vdw_probe_radii             ? 
_refine.pdbx_solvent_ion_probe_radii             ? 
_refine.pdbx_solvent_shrinkage_radii             ? 
_refine.pdbx_refine_id                           'X-RAY DIFFRACTION' 
_refine.pdbx_diffrn_id                           1 
_refine.pdbx_TLS_residual_ADP_flag               ? 
_refine.pdbx_overall_phase_error                 ? 
_refine.pdbx_overall_SU_R_free_Cruickshank_DPI   ? 
_refine.pdbx_overall_SU_R_Blow_DPI               ? 
_refine.pdbx_overall_SU_R_free_Blow_DPI          ? 
# 
_refine_analyze.entry_id                        1IJW 
_refine_analyze.Luzzati_coordinate_error_obs    0.39 
_refine_analyze.Luzzati_sigma_a_obs             0.57 
_refine_analyze.Luzzati_d_res_low_obs           5.0 
_refine_analyze.Luzzati_coordinate_error_free   0.44 
_refine_analyze.Luzzati_sigma_a_free            0.52 
_refine_analyze.Luzzati_d_res_low_free          ? 
_refine_analyze.number_disordered_residues      ? 
_refine_analyze.occupancy_sum_hydrogen          ? 
_refine_analyze.occupancy_sum_non_hydrogen      ? 
_refine_analyze.pdbx_refine_id                  'X-RAY DIFFRACTION' 
# 
_refine_hist.pdbx_refine_id                   'X-RAY DIFFRACTION' 
_refine_hist.cycle_id                         LAST 
_refine_hist.pdbx_number_atoms_protein        358 
_refine_hist.pdbx_number_atoms_nucleic_acid   576 
_refine_hist.pdbx_number_atoms_ligand         17 
_refine_hist.number_atoms_solvent             7 
_refine_hist.number_atoms_total               958 
_refine_hist.d_res_high                       2.40 
_refine_hist.d_res_low                        30.00 
# 
loop_
_refine_ls_restr.type 
_refine_ls_restr.dev_ideal 
_refine_ls_restr.dev_ideal_target 
_refine_ls_restr.weight 
_refine_ls_restr.number 
_refine_ls_restr.pdbx_refine_id 
_refine_ls_restr.pdbx_restraint_function 
c_bond_d                0.0087 ?   ? ? 'X-RAY DIFFRACTION' ? 
c_bond_d_na             ?      ?   ? ? 'X-RAY DIFFRACTION' ? 
c_bond_d_prot           ?      ?   ? ? 'X-RAY DIFFRACTION' ? 
c_angle_d               ?      ?   ? ? 'X-RAY DIFFRACTION' ? 
c_angle_d_na            ?      ?   ? ? 'X-RAY DIFFRACTION' ? 
c_angle_d_prot          ?      ?   ? ? 'X-RAY DIFFRACTION' ? 
c_angle_deg             1.819  ?   ? ? 'X-RAY DIFFRACTION' ? 
c_angle_deg_na          ?      ?   ? ? 'X-RAY DIFFRACTION' ? 
c_angle_deg_prot        ?      ?   ? ? 'X-RAY DIFFRACTION' ? 
c_dihedral_angle_d      17.88  ?   ? ? 'X-RAY DIFFRACTION' ? 
c_dihedral_angle_d_na   ?      ?   ? ? 'X-RAY DIFFRACTION' ? 
c_dihedral_angle_d_prot ?      ?   ? ? 'X-RAY DIFFRACTION' ? 
c_improper_angle_d      1.846  ?   ? ? 'X-RAY DIFFRACTION' ? 
c_improper_angle_d_na   ?      ?   ? ? 'X-RAY DIFFRACTION' ? 
c_improper_angle_d_prot ?      ?   ? ? 'X-RAY DIFFRACTION' ? 
c_mcbond_it             5.9    1.5 ? ? 'X-RAY DIFFRACTION' ? 
c_mcangle_it            8.2    3.0 ? ? 'X-RAY DIFFRACTION' ? 
c_scbond_it             9.8    3.0 ? ? 'X-RAY DIFFRACTION' ? 
c_scangle_it            12.6   3.5 ? ? 'X-RAY DIFFRACTION' ? 
# 
_refine_ls_shell.pdbx_total_number_of_bins_used   8 
_refine_ls_shell.d_res_high                       2.40 
_refine_ls_shell.d_res_low                        2.51 
_refine_ls_shell.number_reflns_R_work             337 
_refine_ls_shell.R_factor_R_work                  0.424 
_refine_ls_shell.percent_reflns_obs               43.8 
_refine_ls_shell.R_factor_R_free                  0.421 
_refine_ls_shell.R_factor_R_free_error            ? 
_refine_ls_shell.percent_reflns_R_free            5.1 
_refine_ls_shell.number_reflns_R_free             39 
_refine_ls_shell.redundancy_reflns_obs            ? 
_refine_ls_shell.pdbx_refine_id                   'X-RAY DIFFRACTION' 
_refine_ls_shell.number_reflns_all                ? 
_refine_ls_shell.R_factor_all                     ? 
# 
loop_
_pdbx_xplor_file.serial_no 
_pdbx_xplor_file.param_file 
_pdbx_xplor_file.topol_file 
_pdbx_xplor_file.pdbx_refine_id 
1 PROTEIN_REP.PARAM PROTEIN.TOP 'X-RAY DIFFRACTION' 
2 DNA-RNA_REP.PARAM DNA-RNA.TOP 'X-RAY DIFFRACTION' 
3 WATER_REP.PARAM   WATER.TOP   'X-RAY DIFFRACTION' 
4 ION.PARAM         ION.TOP     'X-RAY DIFFRACTION' 
# 
_struct.entry_id                  1IJW 
_struct.title                     'Testing the Water-Mediated Hin Recombinase DNA Recognition by Systematic Mutations.' 
_struct.pdbx_model_details        ? 
_struct.pdbx_CASP_flag            ? 
_struct.pdbx_model_type_details   ? 
# 
_struct_keywords.entry_id        1IJW 
_struct_keywords.pdbx_keywords   'DNA BINDING PROTEIN/DNA' 
_struct_keywords.text            
'water-mediated recognition, protein-DNA complex, Hin recombinase, BR18, DNA BINDING PROTEIN-DNA COMPLEX' 
# 
loop_
_struct_asym.id 
_struct_asym.pdbx_blank_PDB_chainid_flag 
_struct_asym.pdbx_modified 
_struct_asym.entity_id 
_struct_asym.details 
A N N 1 ? 
B N N 2 ? 
C N N 3 ? 
D N N 4 ? 
E N N 4 ? 
F N N 5 ? 
G N N 5 ? 
H N N 5 ? 
# 
loop_
_struct_ref.id 
_struct_ref.db_name 
_struct_ref.db_code 
_struct_ref.entity_id 
_struct_ref.pdbx_seq_one_letter_code 
_struct_ref.pdbx_align_begin 
_struct_ref.pdbx_db_accession 
_struct_ref.pdbx_db_isoform 
1 UNP HIN_SALTY 3 GRPRAINKHEQEQISRLLEKGHPRQQLAIIFGIGVSTLYRYFPASSIKKRMN 139 P03013 ? 
2 PDB 1IJW      1 ?                                                    ?   1IJW   ? 
3 PDB 1IJW      2 ?                                                    ?   1IJW   ? 
# 
loop_
_struct_ref_seq.align_id 
_struct_ref_seq.ref_id 
_struct_ref_seq.pdbx_PDB_id_code 
_struct_ref_seq.pdbx_strand_id 
_struct_ref_seq.seq_align_beg 
_struct_ref_seq.pdbx_seq_align_beg_ins_code 
_struct_ref_seq.seq_align_end 
_struct_ref_seq.pdbx_seq_align_end_ins_code 
_struct_ref_seq.pdbx_db_accession 
_struct_ref_seq.db_align_beg 
_struct_ref_seq.pdbx_db_align_beg_ins_code 
_struct_ref_seq.db_align_end 
_struct_ref_seq.pdbx_db_align_end_ins_code 
_struct_ref_seq.pdbx_auth_seq_align_beg 
_struct_ref_seq.pdbx_auth_seq_align_end 
1 1 1IJW C 1 ? 52 ? P03013 139 ? 190 ? 139 190 
2 2 1IJW A 1 ? 14 ? 1IJW   2   ? 15  ? 2   15  
3 3 1IJW B 1 ? 14 ? 1IJW   16  ? 29  ? 16  29  
# 
_pdbx_struct_assembly.id                   1 
_pdbx_struct_assembly.details              author_defined_assembly 
_pdbx_struct_assembly.method_details       ? 
_pdbx_struct_assembly.oligomeric_details   trimeric 
_pdbx_struct_assembly.oligomeric_count     3 
# 
_pdbx_struct_assembly_gen.assembly_id       1 
_pdbx_struct_assembly_gen.oper_expression   1 
_pdbx_struct_assembly_gen.asym_id_list      A,B,C,D,E,F,G,H 
# 
_pdbx_struct_oper_list.id                   1 
_pdbx_struct_oper_list.type                 'identity operation' 
_pdbx_struct_oper_list.name                 1_555 
_pdbx_struct_oper_list.symmetry_operation   x,y,z 
_pdbx_struct_oper_list.matrix[1][1]         1.0000000000 
_pdbx_struct_oper_list.matrix[1][2]         0.0000000000 
_pdbx_struct_oper_list.matrix[1][3]         0.0000000000 
_pdbx_struct_oper_list.vector[1]            0.0000000000 
_pdbx_struct_oper_list.matrix[2][1]         0.0000000000 
_pdbx_struct_oper_list.matrix[2][2]         1.0000000000 
_pdbx_struct_oper_list.matrix[2][3]         0.0000000000 
_pdbx_struct_oper_list.vector[2]            0.0000000000 
_pdbx_struct_oper_list.matrix[3][1]         0.0000000000 
_pdbx_struct_oper_list.matrix[3][2]         0.0000000000 
_pdbx_struct_oper_list.matrix[3][3]         1.0000000000 
_pdbx_struct_oper_list.vector[3]            0.0000000000 
# 
_struct_biol.id                    1 
_struct_biol.pdbx_parent_biol_id   ? 
_struct_biol.details               ? 
# 
loop_
_struct_conf.conf_type_id 
_struct_conf.id 
_struct_conf.pdbx_PDB_helix_id 
_struct_conf.beg_label_comp_id 
_struct_conf.beg_label_asym_id 
_struct_conf.beg_label_seq_id 
_struct_conf.pdbx_beg_PDB_ins_code 
_struct_conf.end_label_comp_id 
_struct_conf.end_label_asym_id 
_struct_conf.end_label_seq_id 
_struct_conf.pdbx_end_PDB_ins_code 
_struct_conf.beg_auth_comp_id 
_struct_conf.beg_auth_asym_id 
_struct_conf.beg_auth_seq_id 
_struct_conf.end_auth_comp_id 
_struct_conf.end_auth_asym_id 
_struct_conf.end_auth_seq_id 
_struct_conf.pdbx_PDB_helix_class 
_struct_conf.details 
_struct_conf.pdbx_PDB_helix_length 
HELX_P HELX_P1 1 ASN C 7  ? LYS C 20 ? ASN C 145 LYS C 158 1 ? 14 
HELX_P HELX_P2 2 PRO C 23 ? GLY C 32 ? PRO C 161 GLY C 170 1 ? 10 
HELX_P HELX_P3 3 GLY C 34 ? PHE C 42 ? GLY C 172 PHE C 180 1 ? 9  
# 
_struct_conf_type.id          HELX_P 
_struct_conf_type.criteria    ? 
_struct_conf_type.reference   ? 
# 
loop_
_struct_conn.id 
_struct_conn.conn_type_id 
_struct_conn.pdbx_leaving_atom_flag 
_struct_conn.pdbx_PDB_id 
_struct_conn.ptnr1_label_asym_id 
_struct_conn.ptnr1_label_comp_id 
_struct_conn.ptnr1_label_seq_id 
_struct_conn.ptnr1_label_atom_id 
_struct_conn.pdbx_ptnr1_label_alt_id 
_struct_conn.pdbx_ptnr1_PDB_ins_code 
_struct_conn.pdbx_ptnr1_standard_comp_id 
_struct_conn.ptnr1_symmetry 
_struct_conn.ptnr2_label_asym_id 
_struct_conn.ptnr2_label_comp_id 
_struct_conn.ptnr2_label_seq_id 
_struct_conn.ptnr2_label_atom_id 
_struct_conn.pdbx_ptnr2_label_alt_id 
_struct_conn.pdbx_ptnr2_PDB_ins_code 
_struct_conn.ptnr1_auth_asym_id 
_struct_conn.ptnr1_auth_comp_id 
_struct_conn.ptnr1_auth_seq_id 
_struct_conn.ptnr2_auth_asym_id 
_struct_conn.ptnr2_auth_comp_id 
_struct_conn.ptnr2_auth_seq_id 
_struct_conn.ptnr2_symmetry 
_struct_conn.pdbx_ptnr3_label_atom_id 
_struct_conn.pdbx_ptnr3_label_seq_id 
_struct_conn.pdbx_ptnr3_label_comp_id 
_struct_conn.pdbx_ptnr3_label_asym_id 
_struct_conn.pdbx_ptnr3_label_alt_id 
_struct_conn.pdbx_ptnr3_PDB_ins_code 
_struct_conn.details 
_struct_conn.pdbx_dist_value 
_struct_conn.pdbx_value_order 
_struct_conn.pdbx_role 
covale1  covale both ? B DT  2  "O3'" ? ? ? 1_555 B CBR 3  P  ? ? B DT  17 B CBR 18 1_555 ? ? ? ? ? ? ?            1.586 ? ? 
covale2  covale both ? B CBR 3  "O3'" ? ? ? 1_555 B DT  4  P  ? ? B CBR 18 B DT  19 1_555 ? ? ? ? ? ? ?            1.711 ? ? 
hydrog1  hydrog ?    ? A DG  2  N1    ? ? ? 1_555 B DC  14 N3 ? ? A DG  3  B DC  29 1_555 ? ? ? ? ? ? WATSON-CRICK ?     ? ? 
hydrog2  hydrog ?    ? A DG  2  N2    ? ? ? 1_555 B DC  14 O2 ? ? A DG  3  B DC  29 1_555 ? ? ? ? ? ? WATSON-CRICK ?     ? ? 
hydrog3  hydrog ?    ? A DG  2  O6    ? ? ? 1_555 B DC  14 N4 ? ? A DG  3  B DC  29 1_555 ? ? ? ? ? ? WATSON-CRICK ?     ? ? 
hydrog4  hydrog ?    ? A DT  3  N3    ? ? ? 1_555 B DA  13 N1 ? ? A DT  4  B DA  28 1_555 ? ? ? ? ? ? WATSON-CRICK ?     ? ? 
hydrog5  hydrog ?    ? A DT  3  O4    ? ? ? 1_555 B DA  13 N6 ? ? A DT  4  B DA  28 1_555 ? ? ? ? ? ? WATSON-CRICK ?     ? ? 
hydrog6  hydrog ?    ? A DT  4  N3    ? ? ? 1_555 B DA  12 N1 ? ? A DT  5  B DA  27 1_555 ? ? ? ? ? ? WATSON-CRICK ?     ? ? 
hydrog7  hydrog ?    ? A DT  4  O4    ? ? ? 1_555 B DA  12 N6 ? ? A DT  5  B DA  27 1_555 ? ? ? ? ? ? WATSON-CRICK ?     ? ? 
hydrog8  hydrog ?    ? A DT  5  N3    ? ? ? 1_555 B DA  11 N1 ? ? A DT  6  B DA  26 1_555 ? ? ? ? ? ? WATSON-CRICK ?     ? ? 
hydrog9  hydrog ?    ? A DT  5  O4    ? ? ? 1_555 B DA  11 N6 ? ? A DT  6  B DA  26 1_555 ? ? ? ? ? ? WATSON-CRICK ?     ? ? 
hydrog10 hydrog ?    ? A DT  6  N3    ? ? ? 1_555 B DA  10 N1 ? ? A DT  7  B DA  25 1_555 ? ? ? ? ? ? WATSON-CRICK ?     ? ? 
hydrog11 hydrog ?    ? A DT  6  O4    ? ? ? 1_555 B DA  10 N6 ? ? A DT  7  B DA  25 1_555 ? ? ? ? ? ? WATSON-CRICK ?     ? ? 
hydrog12 hydrog ?    ? A DT  7  N3    ? ? ? 1_555 B DA  9  N1 ? ? A DT  8  B DA  24 1_555 ? ? ? ? ? ? WATSON-CRICK ?     ? ? 
hydrog13 hydrog ?    ? A DT  7  O4    ? ? ? 1_555 B DA  9  N6 ? ? A DT  8  B DA  24 1_555 ? ? ? ? ? ? WATSON-CRICK ?     ? ? 
hydrog14 hydrog ?    ? A DG  8  N1    ? ? ? 1_555 B DC  8  N3 ? ? A DG  9  B DC  23 1_555 ? ? ? ? ? ? WATSON-CRICK ?     ? ? 
hydrog15 hydrog ?    ? A DG  8  N2    ? ? ? 1_555 B DC  8  O2 ? ? A DG  9  B DC  23 1_555 ? ? ? ? ? ? WATSON-CRICK ?     ? ? 
hydrog16 hydrog ?    ? A DG  8  O6    ? ? ? 1_555 B DC  8  N4 ? ? A DG  9  B DC  23 1_555 ? ? ? ? ? ? WATSON-CRICK ?     ? ? 
hydrog17 hydrog ?    ? A DA  9  N1    ? ? ? 1_555 B DT  7  N3 ? ? A DA  10 B DT  22 1_555 ? ? ? ? ? ? WATSON-CRICK ?     ? ? 
hydrog18 hydrog ?    ? A DA  9  N6    ? ? ? 1_555 B DT  7  O4 ? ? A DA  10 B DT  22 1_555 ? ? ? ? ? ? WATSON-CRICK ?     ? ? 
hydrog19 hydrog ?    ? A DT  10 N3    ? ? ? 1_555 B DA  6  N1 ? ? A DT  11 B DA  21 1_555 ? ? ? ? ? ? WATSON-CRICK ?     ? ? 
hydrog20 hydrog ?    ? A DT  10 O4    ? ? ? 1_555 B DA  6  N6 ? ? A DT  11 B DA  21 1_555 ? ? ? ? ? ? WATSON-CRICK ?     ? ? 
hydrog21 hydrog ?    ? A DA  11 N1    ? ? ? 1_555 B DT  5  N3 ? ? A DA  12 B DT  20 1_555 ? ? ? ? ? ? WATSON-CRICK ?     ? ? 
hydrog22 hydrog ?    ? A DA  11 N6    ? ? ? 1_555 B DT  5  O4 ? ? A DA  12 B DT  20 1_555 ? ? ? ? ? ? WATSON-CRICK ?     ? ? 
hydrog23 hydrog ?    ? A DA  12 N1    ? ? ? 1_555 B DT  4  N3 ? ? A DA  13 B DT  19 1_555 ? ? ? ? ? ? WATSON-CRICK ?     ? ? 
hydrog24 hydrog ?    ? A DA  12 N6    ? ? ? 1_555 B DT  4  O4 ? ? A DA  13 B DT  19 1_555 ? ? ? ? ? ? WATSON-CRICK ?     ? ? 
hydrog25 hydrog ?    ? A DG  13 N1    ? ? ? 1_555 B CBR 3  N3 ? ? A DG  14 B CBR 18 1_555 ? ? ? ? ? ? WATSON-CRICK ?     ? ? 
hydrog26 hydrog ?    ? A DG  13 N2    ? ? ? 1_555 B CBR 3  O2 ? ? A DG  14 B CBR 18 1_555 ? ? ? ? ? ? WATSON-CRICK ?     ? ? 
hydrog27 hydrog ?    ? A DG  13 O6    ? ? ? 1_555 B CBR 3  N4 ? ? A DG  14 B CBR 18 1_555 ? ? ? ? ? ? WATSON-CRICK ?     ? ? 
# 
loop_
_struct_conn_type.id 
_struct_conn_type.criteria 
_struct_conn_type.reference 
covale ? ? 
hydrog ? ? 
# 
loop_
_struct_site.id 
_struct_site.pdbx_evidence_code 
_struct_site.pdbx_auth_asym_id 
_struct_site.pdbx_auth_comp_id 
_struct_site.pdbx_auth_seq_id 
_struct_site.pdbx_auth_ins_code 
_struct_site.pdbx_num_residues 
_struct_site.details 
AC1 Software C TRS 203 ? 3 'BINDING SITE FOR RESIDUE TRS C 203' 
AC2 Software B TRS 204 ? 4 'BINDING SITE FOR RESIDUE TRS B 204' 
# 
loop_
_struct_site_gen.id 
_struct_site_gen.site_id 
_struct_site_gen.pdbx_num_res 
_struct_site_gen.label_comp_id 
_struct_site_gen.label_asym_id 
_struct_site_gen.label_seq_id 
_struct_site_gen.pdbx_auth_ins_code 
_struct_site_gen.auth_comp_id 
_struct_site_gen.auth_asym_id 
_struct_site_gen.auth_seq_id 
_struct_site_gen.label_atom_id 
_struct_site_gen.label_alt_id 
_struct_site_gen.symmetry 
_struct_site_gen.details 
1 AC1 3 DG  A 8  ? DG  A 9   . ? 1_555 ? 
2 AC1 3 DC  B 8  ? DC  B 23  . ? 6_554 ? 
3 AC1 3 GLY C 32 ? GLY C 170 . ? 1_555 ? 
4 AC2 4 DA  A 9  ? DA  A 10  . ? 1_555 ? 
5 AC2 4 DT  A 10 ? DT  A 11  . ? 1_555 ? 
6 AC2 4 DC  B 8  ? DC  B 23  . ? 1_555 ? 
7 AC2 4 DA  B 9  ? DA  B 24  . ? 1_555 ? 
# 
loop_
_pdbx_validate_rmsd_bond.id 
_pdbx_validate_rmsd_bond.PDB_model_num 
_pdbx_validate_rmsd_bond.auth_atom_id_1 
_pdbx_validate_rmsd_bond.auth_asym_id_1 
_pdbx_validate_rmsd_bond.auth_comp_id_1 
_pdbx_validate_rmsd_bond.auth_seq_id_1 
_pdbx_validate_rmsd_bond.PDB_ins_code_1 
_pdbx_validate_rmsd_bond.label_alt_id_1 
_pdbx_validate_rmsd_bond.auth_atom_id_2 
_pdbx_validate_rmsd_bond.auth_asym_id_2 
_pdbx_validate_rmsd_bond.auth_comp_id_2 
_pdbx_validate_rmsd_bond.auth_seq_id_2 
_pdbx_validate_rmsd_bond.PDB_ins_code_2 
_pdbx_validate_rmsd_bond.label_alt_id_2 
_pdbx_validate_rmsd_bond.bond_value 
_pdbx_validate_rmsd_bond.bond_target_value 
_pdbx_validate_rmsd_bond.bond_deviation 
_pdbx_validate_rmsd_bond.bond_standard_deviation 
_pdbx_validate_rmsd_bond.linker_flag 
1 1 "O3'" B CBR 18 ? ? P     B DT 19 ? ? 1.711 1.607 0.104  0.012 Y 
2 1 "C4'" B DT  19 ? ? "C3'" B DT 19 ? ? 1.428 1.521 -0.093 0.010 N 
# 
loop_
_pdbx_validate_rmsd_angle.id 
_pdbx_validate_rmsd_angle.PDB_model_num 
_pdbx_validate_rmsd_angle.auth_atom_id_1 
_pdbx_validate_rmsd_angle.auth_asym_id_1 
_pdbx_validate_rmsd_angle.auth_comp_id_1 
_pdbx_validate_rmsd_angle.auth_seq_id_1 
_pdbx_validate_rmsd_angle.PDB_ins_code_1 
_pdbx_validate_rmsd_angle.label_alt_id_1 
_pdbx_validate_rmsd_angle.auth_atom_id_2 
_pdbx_validate_rmsd_angle.auth_asym_id_2 
_pdbx_validate_rmsd_angle.auth_comp_id_2 
_pdbx_validate_rmsd_angle.auth_seq_id_2 
_pdbx_validate_rmsd_angle.PDB_ins_code_2 
_pdbx_validate_rmsd_angle.label_alt_id_2 
_pdbx_validate_rmsd_angle.auth_atom_id_3 
_pdbx_validate_rmsd_angle.auth_asym_id_3 
_pdbx_validate_rmsd_angle.auth_comp_id_3 
_pdbx_validate_rmsd_angle.auth_seq_id_3 
_pdbx_validate_rmsd_angle.PDB_ins_code_3 
_pdbx_validate_rmsd_angle.label_alt_id_3 
_pdbx_validate_rmsd_angle.angle_value 
_pdbx_validate_rmsd_angle.angle_target_value 
_pdbx_validate_rmsd_angle.angle_deviation 
_pdbx_validate_rmsd_angle.angle_standard_deviation 
_pdbx_validate_rmsd_angle.linker_flag 
1 1 "C5'" B DA  16 ? ? "C4'" B DA  16 ? ? "C3'" B DA 16 ? A 125.90 115.70 10.20  1.20 N 
2 1 "C3'" B CBR 18 ? ? "O3'" B CBR 18 ? ? P     B DT 19 ? ? 141.15 119.70 21.45  1.20 Y 
3 1 "O4'" B DT  19 ? ? "C4'" B DT  19 ? ? "C3'" B DT 19 ? ? 114.73 106.00 8.73   0.60 N 
4 1 "C5'" B DT  19 ? ? "C4'" B DT  19 ? ? "O4'" B DT 19 ? ? 96.40  109.30 -12.90 1.90 N 
# 
loop_
_pdbx_validate_torsion.id 
_pdbx_validate_torsion.PDB_model_num 
_pdbx_validate_torsion.auth_comp_id 
_pdbx_validate_torsion.auth_asym_id 
_pdbx_validate_torsion.auth_seq_id 
_pdbx_validate_torsion.PDB_ins_code 
_pdbx_validate_torsion.label_alt_id 
_pdbx_validate_torsion.phi 
_pdbx_validate_torsion.psi 
1 1 SER C 183 ? ? -67.11  61.65 
2 1 SER C 184 ? ? -176.91 12.53 
# 
loop_
_pdbx_validate_planes.id 
_pdbx_validate_planes.PDB_model_num 
_pdbx_validate_planes.auth_comp_id 
_pdbx_validate_planes.auth_asym_id 
_pdbx_validate_planes.auth_seq_id 
_pdbx_validate_planes.PDB_ins_code 
_pdbx_validate_planes.label_alt_id 
_pdbx_validate_planes.rmsd 
_pdbx_validate_planes.type 
1 1 DA B 16 ? ? 0.052 'SIDE CHAIN' 
2 1 DA B 28 ? ? 0.103 'SIDE CHAIN' 
3 1 DC B 29 ? ? 0.077 'SIDE CHAIN' 
# 
_pdbx_struct_mod_residue.id               1 
_pdbx_struct_mod_residue.label_asym_id    B 
_pdbx_struct_mod_residue.label_comp_id    CBR 
_pdbx_struct_mod_residue.label_seq_id     3 
_pdbx_struct_mod_residue.auth_asym_id     B 
_pdbx_struct_mod_residue.auth_comp_id     CBR 
_pdbx_struct_mod_residue.auth_seq_id      18 
_pdbx_struct_mod_residue.PDB_ins_code     ? 
_pdbx_struct_mod_residue.parent_comp_id   DC 
_pdbx_struct_mod_residue.details          ? 
# 
loop_
_pdbx_unobs_or_zero_occ_residues.id 
_pdbx_unobs_or_zero_occ_residues.PDB_model_num 
_pdbx_unobs_or_zero_occ_residues.polymer_flag 
_pdbx_unobs_or_zero_occ_residues.occupancy_flag 
_pdbx_unobs_or_zero_occ_residues.auth_asym_id 
_pdbx_unobs_or_zero_occ_residues.auth_comp_id 
_pdbx_unobs_or_zero_occ_residues.auth_seq_id 
_pdbx_unobs_or_zero_occ_residues.PDB_ins_code 
_pdbx_unobs_or_zero_occ_residues.label_asym_id 
_pdbx_unobs_or_zero_occ_residues.label_comp_id 
_pdbx_unobs_or_zero_occ_residues.label_seq_id 
1 1 Y 1 C LYS 186 ? C LYS 48 
2 1 Y 1 C LYS 187 ? C LYS 49 
3 1 Y 1 C ARG 188 ? C ARG 50 
4 1 Y 1 C MET 189 ? C MET 51 
5 1 Y 1 C ASN 190 ? C ASN 52 
# 
loop_
_chem_comp_atom.comp_id 
_chem_comp_atom.atom_id 
_chem_comp_atom.type_symbol 
_chem_comp_atom.pdbx_aromatic_flag 
_chem_comp_atom.pdbx_stereo_config 
_chem_comp_atom.pdbx_ordinal 
ALA N      N  N N 1   
ALA CA     C  N S 2   
ALA C      C  N N 3   
ALA O      O  N N 4   
ALA CB     C  N N 5   
ALA OXT    O  N N 6   
ALA H      H  N N 7   
ALA H2     H  N N 8   
ALA HA     H  N N 9   
ALA HB1    H  N N 10  
ALA HB2    H  N N 11  
ALA HB3    H  N N 12  
ALA HXT    H  N N 13  
ARG N      N  N N 14  
ARG CA     C  N S 15  
ARG C      C  N N 16  
ARG O      O  N N 17  
ARG CB     C  N N 18  
ARG CG     C  N N 19  
ARG CD     C  N N 20  
ARG NE     N  N N 21  
ARG CZ     C  N N 22  
ARG NH1    N  N N 23  
ARG NH2    N  N N 24  
ARG OXT    O  N N 25  
ARG H      H  N N 26  
ARG H2     H  N N 27  
ARG HA     H  N N 28  
ARG HB2    H  N N 29  
ARG HB3    H  N N 30  
ARG HG2    H  N N 31  
ARG HG3    H  N N 32  
ARG HD2    H  N N 33  
ARG HD3    H  N N 34  
ARG HE     H  N N 35  
ARG HH11   H  N N 36  
ARG HH12   H  N N 37  
ARG HH21   H  N N 38  
ARG HH22   H  N N 39  
ARG HXT    H  N N 40  
ASN N      N  N N 41  
ASN CA     C  N S 42  
ASN C      C  N N 43  
ASN O      O  N N 44  
ASN CB     C  N N 45  
ASN CG     C  N N 46  
ASN OD1    O  N N 47  
ASN ND2    N  N N 48  
ASN OXT    O  N N 49  
ASN H      H  N N 50  
ASN H2     H  N N 51  
ASN HA     H  N N 52  
ASN HB2    H  N N 53  
ASN HB3    H  N N 54  
ASN HD21   H  N N 55  
ASN HD22   H  N N 56  
ASN HXT    H  N N 57  
CBR BR     BR N N 58  
CBR P      P  N N 59  
CBR OP1    O  N N 60  
CBR OP2    O  N N 61  
CBR "O5'"  O  N N 62  
CBR N1     N  N N 63  
CBR C6     C  N N 64  
CBR C2     C  N N 65  
CBR O2     O  N N 66  
CBR N3     N  N N 67  
CBR C4     C  N N 68  
CBR N4     N  N N 69  
CBR C5     C  N N 70  
CBR "C2'"  C  N N 71  
CBR "C5'"  C  N N 72  
CBR "C4'"  C  N R 73  
CBR "O4'"  O  N N 74  
CBR "C1'"  C  N R 75  
CBR "C3'"  C  N S 76  
CBR "O3'"  O  N N 77  
CBR OP3    O  N N 78  
CBR HOP2   H  N N 79  
CBR H6     H  N N 80  
CBR H41    H  N N 81  
CBR H42    H  N N 82  
CBR "H2'"  H  N N 83  
CBR "H2''" H  N N 84  
CBR "H5'"  H  N N 85  
CBR "H5''" H  N N 86  
CBR "H4'"  H  N N 87  
CBR "H1'"  H  N N 88  
CBR "H3'"  H  N N 89  
CBR "HO3'" H  N N 90  
CBR HOP3   H  N N 91  
DA  OP3    O  N N 92  
DA  P      P  N N 93  
DA  OP1    O  N N 94  
DA  OP2    O  N N 95  
DA  "O5'"  O  N N 96  
DA  "C5'"  C  N N 97  
DA  "C4'"  C  N R 98  
DA  "O4'"  O  N N 99  
DA  "C3'"  C  N S 100 
DA  "O3'"  O  N N 101 
DA  "C2'"  C  N N 102 
DA  "C1'"  C  N R 103 
DA  N9     N  Y N 104 
DA  C8     C  Y N 105 
DA  N7     N  Y N 106 
DA  C5     C  Y N 107 
DA  C6     C  Y N 108 
DA  N6     N  N N 109 
DA  N1     N  Y N 110 
DA  C2     C  Y N 111 
DA  N3     N  Y N 112 
DA  C4     C  Y N 113 
DA  HOP3   H  N N 114 
DA  HOP2   H  N N 115 
DA  "H5'"  H  N N 116 
DA  "H5''" H  N N 117 
DA  "H4'"  H  N N 118 
DA  "H3'"  H  N N 119 
DA  "HO3'" H  N N 120 
DA  "H2'"  H  N N 121 
DA  "H2''" H  N N 122 
DA  "H1'"  H  N N 123 
DA  H8     H  N N 124 
DA  H61    H  N N 125 
DA  H62    H  N N 126 
DA  H2     H  N N 127 
DC  OP3    O  N N 128 
DC  P      P  N N 129 
DC  OP1    O  N N 130 
DC  OP2    O  N N 131 
DC  "O5'"  O  N N 132 
DC  "C5'"  C  N N 133 
DC  "C4'"  C  N R 134 
DC  "O4'"  O  N N 135 
DC  "C3'"  C  N S 136 
DC  "O3'"  O  N N 137 
DC  "C2'"  C  N N 138 
DC  "C1'"  C  N R 139 
DC  N1     N  N N 140 
DC  C2     C  N N 141 
DC  O2     O  N N 142 
DC  N3     N  N N 143 
DC  C4     C  N N 144 
DC  N4     N  N N 145 
DC  C5     C  N N 146 
DC  C6     C  N N 147 
DC  HOP3   H  N N 148 
DC  HOP2   H  N N 149 
DC  "H5'"  H  N N 150 
DC  "H5''" H  N N 151 
DC  "H4'"  H  N N 152 
DC  "H3'"  H  N N 153 
DC  "HO3'" H  N N 154 
DC  "H2'"  H  N N 155 
DC  "H2''" H  N N 156 
DC  "H1'"  H  N N 157 
DC  H41    H  N N 158 
DC  H42    H  N N 159 
DC  H5     H  N N 160 
DC  H6     H  N N 161 
DG  OP3    O  N N 162 
DG  P      P  N N 163 
DG  OP1    O  N N 164 
DG  OP2    O  N N 165 
DG  "O5'"  O  N N 166 
DG  "C5'"  C  N N 167 
DG  "C4'"  C  N R 168 
DG  "O4'"  O  N N 169 
DG  "C3'"  C  N S 170 
DG  "O3'"  O  N N 171 
DG  "C2'"  C  N N 172 
DG  "C1'"  C  N R 173 
DG  N9     N  Y N 174 
DG  C8     C  Y N 175 
DG  N7     N  Y N 176 
DG  C5     C  Y N 177 
DG  C6     C  N N 178 
DG  O6     O  N N 179 
DG  N1     N  N N 180 
DG  C2     C  N N 181 
DG  N2     N  N N 182 
DG  N3     N  N N 183 
DG  C4     C  Y N 184 
DG  HOP3   H  N N 185 
DG  HOP2   H  N N 186 
DG  "H5'"  H  N N 187 
DG  "H5''" H  N N 188 
DG  "H4'"  H  N N 189 
DG  "H3'"  H  N N 190 
DG  "HO3'" H  N N 191 
DG  "H2'"  H  N N 192 
DG  "H2''" H  N N 193 
DG  "H1'"  H  N N 194 
DG  H8     H  N N 195 
DG  H1     H  N N 196 
DG  H21    H  N N 197 
DG  H22    H  N N 198 
DT  OP3    O  N N 199 
DT  P      P  N N 200 
DT  OP1    O  N N 201 
DT  OP2    O  N N 202 
DT  "O5'"  O  N N 203 
DT  "C5'"  C  N N 204 
DT  "C4'"  C  N R 205 
DT  "O4'"  O  N N 206 
DT  "C3'"  C  N S 207 
DT  "O3'"  O  N N 208 
DT  "C2'"  C  N N 209 
DT  "C1'"  C  N R 210 
DT  N1     N  N N 211 
DT  C2     C  N N 212 
DT  O2     O  N N 213 
DT  N3     N  N N 214 
DT  C4     C  N N 215 
DT  O4     O  N N 216 
DT  C5     C  N N 217 
DT  C7     C  N N 218 
DT  C6     C  N N 219 
DT  HOP3   H  N N 220 
DT  HOP2   H  N N 221 
DT  "H5'"  H  N N 222 
DT  "H5''" H  N N 223 
DT  "H4'"  H  N N 224 
DT  "H3'"  H  N N 225 
DT  "HO3'" H  N N 226 
DT  "H2'"  H  N N 227 
DT  "H2''" H  N N 228 
DT  "H1'"  H  N N 229 
DT  H3     H  N N 230 
DT  H71    H  N N 231 
DT  H72    H  N N 232 
DT  H73    H  N N 233 
DT  H6     H  N N 234 
GLN N      N  N N 235 
GLN CA     C  N S 236 
GLN C      C  N N 237 
GLN O      O  N N 238 
GLN CB     C  N N 239 
GLN CG     C  N N 240 
GLN CD     C  N N 241 
GLN OE1    O  N N 242 
GLN NE2    N  N N 243 
GLN OXT    O  N N 244 
GLN H      H  N N 245 
GLN H2     H  N N 246 
GLN HA     H  N N 247 
GLN HB2    H  N N 248 
GLN HB3    H  N N 249 
GLN HG2    H  N N 250 
GLN HG3    H  N N 251 
GLN HE21   H  N N 252 
GLN HE22   H  N N 253 
GLN HXT    H  N N 254 
GLU N      N  N N 255 
GLU CA     C  N S 256 
GLU C      C  N N 257 
GLU O      O  N N 258 
GLU CB     C  N N 259 
GLU CG     C  N N 260 
GLU CD     C  N N 261 
GLU OE1    O  N N 262 
GLU OE2    O  N N 263 
GLU OXT    O  N N 264 
GLU H      H  N N 265 
GLU H2     H  N N 266 
GLU HA     H  N N 267 
GLU HB2    H  N N 268 
GLU HB3    H  N N 269 
GLU HG2    H  N N 270 
GLU HG3    H  N N 271 
GLU HE2    H  N N 272 
GLU HXT    H  N N 273 
GLY N      N  N N 274 
GLY CA     C  N N 275 
GLY C      C  N N 276 
GLY O      O  N N 277 
GLY OXT    O  N N 278 
GLY H      H  N N 279 
GLY H2     H  N N 280 
GLY HA2    H  N N 281 
GLY HA3    H  N N 282 
GLY HXT    H  N N 283 
HIS N      N  N N 284 
HIS CA     C  N S 285 
HIS C      C  N N 286 
HIS O      O  N N 287 
HIS CB     C  N N 288 
HIS CG     C  Y N 289 
HIS ND1    N  Y N 290 
HIS CD2    C  Y N 291 
HIS CE1    C  Y N 292 
HIS NE2    N  Y N 293 
HIS OXT    O  N N 294 
HIS H      H  N N 295 
HIS H2     H  N N 296 
HIS HA     H  N N 297 
HIS HB2    H  N N 298 
HIS HB3    H  N N 299 
HIS HD1    H  N N 300 
HIS HD2    H  N N 301 
HIS HE1    H  N N 302 
HIS HE2    H  N N 303 
HIS HXT    H  N N 304 
HOH O      O  N N 305 
HOH H1     H  N N 306 
HOH H2     H  N N 307 
ILE N      N  N N 308 
ILE CA     C  N S 309 
ILE C      C  N N 310 
ILE O      O  N N 311 
ILE CB     C  N S 312 
ILE CG1    C  N N 313 
ILE CG2    C  N N 314 
ILE CD1    C  N N 315 
ILE OXT    O  N N 316 
ILE H      H  N N 317 
ILE H2     H  N N 318 
ILE HA     H  N N 319 
ILE HB     H  N N 320 
ILE HG12   H  N N 321 
ILE HG13   H  N N 322 
ILE HG21   H  N N 323 
ILE HG22   H  N N 324 
ILE HG23   H  N N 325 
ILE HD11   H  N N 326 
ILE HD12   H  N N 327 
ILE HD13   H  N N 328 
ILE HXT    H  N N 329 
LEU N      N  N N 330 
LEU CA     C  N S 331 
LEU C      C  N N 332 
LEU O      O  N N 333 
LEU CB     C  N N 334 
LEU CG     C  N N 335 
LEU CD1    C  N N 336 
LEU CD2    C  N N 337 
LEU OXT    O  N N 338 
LEU H      H  N N 339 
LEU H2     H  N N 340 
LEU HA     H  N N 341 
LEU HB2    H  N N 342 
LEU HB3    H  N N 343 
LEU HG     H  N N 344 
LEU HD11   H  N N 345 
LEU HD12   H  N N 346 
LEU HD13   H  N N 347 
LEU HD21   H  N N 348 
LEU HD22   H  N N 349 
LEU HD23   H  N N 350 
LEU HXT    H  N N 351 
LYS N      N  N N 352 
LYS CA     C  N S 353 
LYS C      C  N N 354 
LYS O      O  N N 355 
LYS CB     C  N N 356 
LYS CG     C  N N 357 
LYS CD     C  N N 358 
LYS CE     C  N N 359 
LYS NZ     N  N N 360 
LYS OXT    O  N N 361 
LYS H      H  N N 362 
LYS H2     H  N N 363 
LYS HA     H  N N 364 
LYS HB2    H  N N 365 
LYS HB3    H  N N 366 
LYS HG2    H  N N 367 
LYS HG3    H  N N 368 
LYS HD2    H  N N 369 
LYS HD3    H  N N 370 
LYS HE2    H  N N 371 
LYS HE3    H  N N 372 
LYS HZ1    H  N N 373 
LYS HZ2    H  N N 374 
LYS HZ3    H  N N 375 
LYS HXT    H  N N 376 
MET N      N  N N 377 
MET CA     C  N S 378 
MET C      C  N N 379 
MET O      O  N N 380 
MET CB     C  N N 381 
MET CG     C  N N 382 
MET SD     S  N N 383 
MET CE     C  N N 384 
MET OXT    O  N N 385 
MET H      H  N N 386 
MET H2     H  N N 387 
MET HA     H  N N 388 
MET HB2    H  N N 389 
MET HB3    H  N N 390 
MET HG2    H  N N 391 
MET HG3    H  N N 392 
MET HE1    H  N N 393 
MET HE2    H  N N 394 
MET HE3    H  N N 395 
MET HXT    H  N N 396 
PHE N      N  N N 397 
PHE CA     C  N S 398 
PHE C      C  N N 399 
PHE O      O  N N 400 
PHE CB     C  N N 401 
PHE CG     C  Y N 402 
PHE CD1    C  Y N 403 
PHE CD2    C  Y N 404 
PHE CE1    C  Y N 405 
PHE CE2    C  Y N 406 
PHE CZ     C  Y N 407 
PHE OXT    O  N N 408 
PHE H      H  N N 409 
PHE H2     H  N N 410 
PHE HA     H  N N 411 
PHE HB2    H  N N 412 
PHE HB3    H  N N 413 
PHE HD1    H  N N 414 
PHE HD2    H  N N 415 
PHE HE1    H  N N 416 
PHE HE2    H  N N 417 
PHE HZ     H  N N 418 
PHE HXT    H  N N 419 
PRO N      N  N N 420 
PRO CA     C  N S 421 
PRO C      C  N N 422 
PRO O      O  N N 423 
PRO CB     C  N N 424 
PRO CG     C  N N 425 
PRO CD     C  N N 426 
PRO OXT    O  N N 427 
PRO H      H  N N 428 
PRO HA     H  N N 429 
PRO HB2    H  N N 430 
PRO HB3    H  N N 431 
PRO HG2    H  N N 432 
PRO HG3    H  N N 433 
PRO HD2    H  N N 434 
PRO HD3    H  N N 435 
PRO HXT    H  N N 436 
SER N      N  N N 437 
SER CA     C  N S 438 
SER C      C  N N 439 
SER O      O  N N 440 
SER CB     C  N N 441 
SER OG     O  N N 442 
SER OXT    O  N N 443 
SER H      H  N N 444 
SER H2     H  N N 445 
SER HA     H  N N 446 
SER HB2    H  N N 447 
SER HB3    H  N N 448 
SER HG     H  N N 449 
SER HXT    H  N N 450 
THR N      N  N N 451 
THR CA     C  N S 452 
THR C      C  N N 453 
THR O      O  N N 454 
THR CB     C  N R 455 
THR OG1    O  N N 456 
THR CG2    C  N N 457 
THR OXT    O  N N 458 
THR H      H  N N 459 
THR H2     H  N N 460 
THR HA     H  N N 461 
THR HB     H  N N 462 
THR HG1    H  N N 463 
THR HG21   H  N N 464 
THR HG22   H  N N 465 
THR HG23   H  N N 466 
THR HXT    H  N N 467 
TRS C      C  N N 468 
TRS C1     C  N N 469 
TRS C2     C  N N 470 
TRS C3     C  N N 471 
TRS N      N  N N 472 
TRS O1     O  N N 473 
TRS O2     O  N N 474 
TRS O3     O  N N 475 
TRS H11    H  N N 476 
TRS H12    H  N N 477 
TRS H21    H  N N 478 
TRS H22    H  N N 479 
TRS H31    H  N N 480 
TRS H32    H  N N 481 
TRS HN1    H  N N 482 
TRS HN2    H  N N 483 
TRS HN3    H  N N 484 
TRS HO1    H  N N 485 
TRS HO2    H  N N 486 
TRS HO3    H  N N 487 
TYR N      N  N N 488 
TYR CA     C  N S 489 
TYR C      C  N N 490 
TYR O      O  N N 491 
TYR CB     C  N N 492 
TYR CG     C  Y N 493 
TYR CD1    C  Y N 494 
TYR CD2    C  Y N 495 
TYR CE1    C  Y N 496 
TYR CE2    C  Y N 497 
TYR CZ     C  Y N 498 
TYR OH     O  N N 499 
TYR OXT    O  N N 500 
TYR H      H  N N 501 
TYR H2     H  N N 502 
TYR HA     H  N N 503 
TYR HB2    H  N N 504 
TYR HB3    H  N N 505 
TYR HD1    H  N N 506 
TYR HD2    H  N N 507 
TYR HE1    H  N N 508 
TYR HE2    H  N N 509 
TYR HH     H  N N 510 
TYR HXT    H  N N 511 
VAL N      N  N N 512 
VAL CA     C  N S 513 
VAL C      C  N N 514 
VAL O      O  N N 515 
VAL CB     C  N N 516 
VAL CG1    C  N N 517 
VAL CG2    C  N N 518 
VAL OXT    O  N N 519 
VAL H      H  N N 520 
VAL H2     H  N N 521 
VAL HA     H  N N 522 
VAL HB     H  N N 523 
VAL HG11   H  N N 524 
VAL HG12   H  N N 525 
VAL HG13   H  N N 526 
VAL HG21   H  N N 527 
VAL HG22   H  N N 528 
VAL HG23   H  N N 529 
VAL HXT    H  N N 530 
# 
loop_
_chem_comp_bond.comp_id 
_chem_comp_bond.atom_id_1 
_chem_comp_bond.atom_id_2 
_chem_comp_bond.value_order 
_chem_comp_bond.pdbx_aromatic_flag 
_chem_comp_bond.pdbx_stereo_config 
_chem_comp_bond.pdbx_ordinal 
ALA N     CA     sing N N 1   
ALA N     H      sing N N 2   
ALA N     H2     sing N N 3   
ALA CA    C      sing N N 4   
ALA CA    CB     sing N N 5   
ALA CA    HA     sing N N 6   
ALA C     O      doub N N 7   
ALA C     OXT    sing N N 8   
ALA CB    HB1    sing N N 9   
ALA CB    HB2    sing N N 10  
ALA CB    HB3    sing N N 11  
ALA OXT   HXT    sing N N 12  
ARG N     CA     sing N N 13  
ARG N     H      sing N N 14  
ARG N     H2     sing N N 15  
ARG CA    C      sing N N 16  
ARG CA    CB     sing N N 17  
ARG CA    HA     sing N N 18  
ARG C     O      doub N N 19  
ARG C     OXT    sing N N 20  
ARG CB    CG     sing N N 21  
ARG CB    HB2    sing N N 22  
ARG CB    HB3    sing N N 23  
ARG CG    CD     sing N N 24  
ARG CG    HG2    sing N N 25  
ARG CG    HG3    sing N N 26  
ARG CD    NE     sing N N 27  
ARG CD    HD2    sing N N 28  
ARG CD    HD3    sing N N 29  
ARG NE    CZ     sing N N 30  
ARG NE    HE     sing N N 31  
ARG CZ    NH1    sing N N 32  
ARG CZ    NH2    doub N N 33  
ARG NH1   HH11   sing N N 34  
ARG NH1   HH12   sing N N 35  
ARG NH2   HH21   sing N N 36  
ARG NH2   HH22   sing N N 37  
ARG OXT   HXT    sing N N 38  
ASN N     CA     sing N N 39  
ASN N     H      sing N N 40  
ASN N     H2     sing N N 41  
ASN CA    C      sing N N 42  
ASN CA    CB     sing N N 43  
ASN CA    HA     sing N N 44  
ASN C     O      doub N N 45  
ASN C     OXT    sing N N 46  
ASN CB    CG     sing N N 47  
ASN CB    HB2    sing N N 48  
ASN CB    HB3    sing N N 49  
ASN CG    OD1    doub N N 50  
ASN CG    ND2    sing N N 51  
ASN ND2   HD21   sing N N 52  
ASN ND2   HD22   sing N N 53  
ASN OXT   HXT    sing N N 54  
CBR BR    C5     sing N N 55  
CBR P     OP1    doub N N 56  
CBR P     OP2    sing N N 57  
CBR P     "O5'"  sing N N 58  
CBR P     OP3    sing N N 59  
CBR OP2   HOP2   sing N N 60  
CBR "O5'" "C5'"  sing N N 61  
CBR N1    C6     sing N N 62  
CBR N1    C2     sing N N 63  
CBR N1    "C1'"  sing N N 64  
CBR C6    C5     doub N N 65  
CBR C6    H6     sing N N 66  
CBR C2    O2     doub N N 67  
CBR C2    N3     sing N N 68  
CBR N3    C4     doub N N 69  
CBR C4    N4     sing N N 70  
CBR C4    C5     sing N N 71  
CBR N4    H41    sing N N 72  
CBR N4    H42    sing N N 73  
CBR "C2'" "C1'"  sing N N 74  
CBR "C2'" "C3'"  sing N N 75  
CBR "C2'" "H2'"  sing N N 76  
CBR "C2'" "H2''" sing N N 77  
CBR "C5'" "C4'"  sing N N 78  
CBR "C5'" "H5'"  sing N N 79  
CBR "C5'" "H5''" sing N N 80  
CBR "C4'" "O4'"  sing N N 81  
CBR "C4'" "C3'"  sing N N 82  
CBR "C4'" "H4'"  sing N N 83  
CBR "O4'" "C1'"  sing N N 84  
CBR "C1'" "H1'"  sing N N 85  
CBR "C3'" "O3'"  sing N N 86  
CBR "C3'" "H3'"  sing N N 87  
CBR "O3'" "HO3'" sing N N 88  
CBR OP3   HOP3   sing N N 89  
DA  OP3   P      sing N N 90  
DA  OP3   HOP3   sing N N 91  
DA  P     OP1    doub N N 92  
DA  P     OP2    sing N N 93  
DA  P     "O5'"  sing N N 94  
DA  OP2   HOP2   sing N N 95  
DA  "O5'" "C5'"  sing N N 96  
DA  "C5'" "C4'"  sing N N 97  
DA  "C5'" "H5'"  sing N N 98  
DA  "C5'" "H5''" sing N N 99  
DA  "C4'" "O4'"  sing N N 100 
DA  "C4'" "C3'"  sing N N 101 
DA  "C4'" "H4'"  sing N N 102 
DA  "O4'" "C1'"  sing N N 103 
DA  "C3'" "O3'"  sing N N 104 
DA  "C3'" "C2'"  sing N N 105 
DA  "C3'" "H3'"  sing N N 106 
DA  "O3'" "HO3'" sing N N 107 
DA  "C2'" "C1'"  sing N N 108 
DA  "C2'" "H2'"  sing N N 109 
DA  "C2'" "H2''" sing N N 110 
DA  "C1'" N9     sing N N 111 
DA  "C1'" "H1'"  sing N N 112 
DA  N9    C8     sing Y N 113 
DA  N9    C4     sing Y N 114 
DA  C8    N7     doub Y N 115 
DA  C8    H8     sing N N 116 
DA  N7    C5     sing Y N 117 
DA  C5    C6     sing Y N 118 
DA  C5    C4     doub Y N 119 
DA  C6    N6     sing N N 120 
DA  C6    N1     doub Y N 121 
DA  N6    H61    sing N N 122 
DA  N6    H62    sing N N 123 
DA  N1    C2     sing Y N 124 
DA  C2    N3     doub Y N 125 
DA  C2    H2     sing N N 126 
DA  N3    C4     sing Y N 127 
DC  OP3   P      sing N N 128 
DC  OP3   HOP3   sing N N 129 
DC  P     OP1    doub N N 130 
DC  P     OP2    sing N N 131 
DC  P     "O5'"  sing N N 132 
DC  OP2   HOP2   sing N N 133 
DC  "O5'" "C5'"  sing N N 134 
DC  "C5'" "C4'"  sing N N 135 
DC  "C5'" "H5'"  sing N N 136 
DC  "C5'" "H5''" sing N N 137 
DC  "C4'" "O4'"  sing N N 138 
DC  "C4'" "C3'"  sing N N 139 
DC  "C4'" "H4'"  sing N N 140 
DC  "O4'" "C1'"  sing N N 141 
DC  "C3'" "O3'"  sing N N 142 
DC  "C3'" "C2'"  sing N N 143 
DC  "C3'" "H3'"  sing N N 144 
DC  "O3'" "HO3'" sing N N 145 
DC  "C2'" "C1'"  sing N N 146 
DC  "C2'" "H2'"  sing N N 147 
DC  "C2'" "H2''" sing N N 148 
DC  "C1'" N1     sing N N 149 
DC  "C1'" "H1'"  sing N N 150 
DC  N1    C2     sing N N 151 
DC  N1    C6     sing N N 152 
DC  C2    O2     doub N N 153 
DC  C2    N3     sing N N 154 
DC  N3    C4     doub N N 155 
DC  C4    N4     sing N N 156 
DC  C4    C5     sing N N 157 
DC  N4    H41    sing N N 158 
DC  N4    H42    sing N N 159 
DC  C5    C6     doub N N 160 
DC  C5    H5     sing N N 161 
DC  C6    H6     sing N N 162 
DG  OP3   P      sing N N 163 
DG  OP3   HOP3   sing N N 164 
DG  P     OP1    doub N N 165 
DG  P     OP2    sing N N 166 
DG  P     "O5'"  sing N N 167 
DG  OP2   HOP2   sing N N 168 
DG  "O5'" "C5'"  sing N N 169 
DG  "C5'" "C4'"  sing N N 170 
DG  "C5'" "H5'"  sing N N 171 
DG  "C5'" "H5''" sing N N 172 
DG  "C4'" "O4'"  sing N N 173 
DG  "C4'" "C3'"  sing N N 174 
DG  "C4'" "H4'"  sing N N 175 
DG  "O4'" "C1'"  sing N N 176 
DG  "C3'" "O3'"  sing N N 177 
DG  "C3'" "C2'"  sing N N 178 
DG  "C3'" "H3'"  sing N N 179 
DG  "O3'" "HO3'" sing N N 180 
DG  "C2'" "C1'"  sing N N 181 
DG  "C2'" "H2'"  sing N N 182 
DG  "C2'" "H2''" sing N N 183 
DG  "C1'" N9     sing N N 184 
DG  "C1'" "H1'"  sing N N 185 
DG  N9    C8     sing Y N 186 
DG  N9    C4     sing Y N 187 
DG  C8    N7     doub Y N 188 
DG  C8    H8     sing N N 189 
DG  N7    C5     sing Y N 190 
DG  C5    C6     sing N N 191 
DG  C5    C4     doub Y N 192 
DG  C6    O6     doub N N 193 
DG  C6    N1     sing N N 194 
DG  N1    C2     sing N N 195 
DG  N1    H1     sing N N 196 
DG  C2    N2     sing N N 197 
DG  C2    N3     doub N N 198 
DG  N2    H21    sing N N 199 
DG  N2    H22    sing N N 200 
DG  N3    C4     sing N N 201 
DT  OP3   P      sing N N 202 
DT  OP3   HOP3   sing N N 203 
DT  P     OP1    doub N N 204 
DT  P     OP2    sing N N 205 
DT  P     "O5'"  sing N N 206 
DT  OP2   HOP2   sing N N 207 
DT  "O5'" "C5'"  sing N N 208 
DT  "C5'" "C4'"  sing N N 209 
DT  "C5'" "H5'"  sing N N 210 
DT  "C5'" "H5''" sing N N 211 
DT  "C4'" "O4'"  sing N N 212 
DT  "C4'" "C3'"  sing N N 213 
DT  "C4'" "H4'"  sing N N 214 
DT  "O4'" "C1'"  sing N N 215 
DT  "C3'" "O3'"  sing N N 216 
DT  "C3'" "C2'"  sing N N 217 
DT  "C3'" "H3'"  sing N N 218 
DT  "O3'" "HO3'" sing N N 219 
DT  "C2'" "C1'"  sing N N 220 
DT  "C2'" "H2'"  sing N N 221 
DT  "C2'" "H2''" sing N N 222 
DT  "C1'" N1     sing N N 223 
DT  "C1'" "H1'"  sing N N 224 
DT  N1    C2     sing N N 225 
DT  N1    C6     sing N N 226 
DT  C2    O2     doub N N 227 
DT  C2    N3     sing N N 228 
DT  N3    C4     sing N N 229 
DT  N3    H3     sing N N 230 
DT  C4    O4     doub N N 231 
DT  C4    C5     sing N N 232 
DT  C5    C7     sing N N 233 
DT  C5    C6     doub N N 234 
DT  C7    H71    sing N N 235 
DT  C7    H72    sing N N 236 
DT  C7    H73    sing N N 237 
DT  C6    H6     sing N N 238 
GLN N     CA     sing N N 239 
GLN N     H      sing N N 240 
GLN N     H2     sing N N 241 
GLN CA    C      sing N N 242 
GLN CA    CB     sing N N 243 
GLN CA    HA     sing N N 244 
GLN C     O      doub N N 245 
GLN C     OXT    sing N N 246 
GLN CB    CG     sing N N 247 
GLN CB    HB2    sing N N 248 
GLN CB    HB3    sing N N 249 
GLN CG    CD     sing N N 250 
GLN CG    HG2    sing N N 251 
GLN CG    HG3    sing N N 252 
GLN CD    OE1    doub N N 253 
GLN CD    NE2    sing N N 254 
GLN NE2   HE21   sing N N 255 
GLN NE2   HE22   sing N N 256 
GLN OXT   HXT    sing N N 257 
GLU N     CA     sing N N 258 
GLU N     H      sing N N 259 
GLU N     H2     sing N N 260 
GLU CA    C      sing N N 261 
GLU CA    CB     sing N N 262 
GLU CA    HA     sing N N 263 
GLU C     O      doub N N 264 
GLU C     OXT    sing N N 265 
GLU CB    CG     sing N N 266 
GLU CB    HB2    sing N N 267 
GLU CB    HB3    sing N N 268 
GLU CG    CD     sing N N 269 
GLU CG    HG2    sing N N 270 
GLU CG    HG3    sing N N 271 
GLU CD    OE1    doub N N 272 
GLU CD    OE2    sing N N 273 
GLU OE2   HE2    sing N N 274 
GLU OXT   HXT    sing N N 275 
GLY N     CA     sing N N 276 
GLY N     H      sing N N 277 
GLY N     H2     sing N N 278 
GLY CA    C      sing N N 279 
GLY CA    HA2    sing N N 280 
GLY CA    HA3    sing N N 281 
GLY C     O      doub N N 282 
GLY C     OXT    sing N N 283 
GLY OXT   HXT    sing N N 284 
HIS N     CA     sing N N 285 
HIS N     H      sing N N 286 
HIS N     H2     sing N N 287 
HIS CA    C      sing N N 288 
HIS CA    CB     sing N N 289 
HIS CA    HA     sing N N 290 
HIS C     O      doub N N 291 
HIS C     OXT    sing N N 292 
HIS CB    CG     sing N N 293 
HIS CB    HB2    sing N N 294 
HIS CB    HB3    sing N N 295 
HIS CG    ND1    sing Y N 296 
HIS CG    CD2    doub Y N 297 
HIS ND1   CE1    doub Y N 298 
HIS ND1   HD1    sing N N 299 
HIS CD2   NE2    sing Y N 300 
HIS CD2   HD2    sing N N 301 
HIS CE1   NE2    sing Y N 302 
HIS CE1   HE1    sing N N 303 
HIS NE2   HE2    sing N N 304 
HIS OXT   HXT    sing N N 305 
HOH O     H1     sing N N 306 
HOH O     H2     sing N N 307 
ILE N     CA     sing N N 308 
ILE N     H      sing N N 309 
ILE N     H2     sing N N 310 
ILE CA    C      sing N N 311 
ILE CA    CB     sing N N 312 
ILE CA    HA     sing N N 313 
ILE C     O      doub N N 314 
ILE C     OXT    sing N N 315 
ILE CB    CG1    sing N N 316 
ILE CB    CG2    sing N N 317 
ILE CB    HB     sing N N 318 
ILE CG1   CD1    sing N N 319 
ILE CG1   HG12   sing N N 320 
ILE CG1   HG13   sing N N 321 
ILE CG2   HG21   sing N N 322 
ILE CG2   HG22   sing N N 323 
ILE CG2   HG23   sing N N 324 
ILE CD1   HD11   sing N N 325 
ILE CD1   HD12   sing N N 326 
ILE CD1   HD13   sing N N 327 
ILE OXT   HXT    sing N N 328 
LEU N     CA     sing N N 329 
LEU N     H      sing N N 330 
LEU N     H2     sing N N 331 
LEU CA    C      sing N N 332 
LEU CA    CB     sing N N 333 
LEU CA    HA     sing N N 334 
LEU C     O      doub N N 335 
LEU C     OXT    sing N N 336 
LEU CB    CG     sing N N 337 
LEU CB    HB2    sing N N 338 
LEU CB    HB3    sing N N 339 
LEU CG    CD1    sing N N 340 
LEU CG    CD2    sing N N 341 
LEU CG    HG     sing N N 342 
LEU CD1   HD11   sing N N 343 
LEU CD1   HD12   sing N N 344 
LEU CD1   HD13   sing N N 345 
LEU CD2   HD21   sing N N 346 
LEU CD2   HD22   sing N N 347 
LEU CD2   HD23   sing N N 348 
LEU OXT   HXT    sing N N 349 
LYS N     CA     sing N N 350 
LYS N     H      sing N N 351 
LYS N     H2     sing N N 352 
LYS CA    C      sing N N 353 
LYS CA    CB     sing N N 354 
LYS CA    HA     sing N N 355 
LYS C     O      doub N N 356 
LYS C     OXT    sing N N 357 
LYS CB    CG     sing N N 358 
LYS CB    HB2    sing N N 359 
LYS CB    HB3    sing N N 360 
LYS CG    CD     sing N N 361 
LYS CG    HG2    sing N N 362 
LYS CG    HG3    sing N N 363 
LYS CD    CE     sing N N 364 
LYS CD    HD2    sing N N 365 
LYS CD    HD3    sing N N 366 
LYS CE    NZ     sing N N 367 
LYS CE    HE2    sing N N 368 
LYS CE    HE3    sing N N 369 
LYS NZ    HZ1    sing N N 370 
LYS NZ    HZ2    sing N N 371 
LYS NZ    HZ3    sing N N 372 
LYS OXT   HXT    sing N N 373 
MET N     CA     sing N N 374 
MET N     H      sing N N 375 
MET N     H2     sing N N 376 
MET CA    C      sing N N 377 
MET CA    CB     sing N N 378 
MET CA    HA     sing N N 379 
MET C     O      doub N N 380 
MET C     OXT    sing N N 381 
MET CB    CG     sing N N 382 
MET CB    HB2    sing N N 383 
MET CB    HB3    sing N N 384 
MET CG    SD     sing N N 385 
MET CG    HG2    sing N N 386 
MET CG    HG3    sing N N 387 
MET SD    CE     sing N N 388 
MET CE    HE1    sing N N 389 
MET CE    HE2    sing N N 390 
MET CE    HE3    sing N N 391 
MET OXT   HXT    sing N N 392 
PHE N     CA     sing N N 393 
PHE N     H      sing N N 394 
PHE N     H2     sing N N 395 
PHE CA    C      sing N N 396 
PHE CA    CB     sing N N 397 
PHE CA    HA     sing N N 398 
PHE C     O      doub N N 399 
PHE C     OXT    sing N N 400 
PHE CB    CG     sing N N 401 
PHE CB    HB2    sing N N 402 
PHE CB    HB3    sing N N 403 
PHE CG    CD1    doub Y N 404 
PHE CG    CD2    sing Y N 405 
PHE CD1   CE1    sing Y N 406 
PHE CD1   HD1    sing N N 407 
PHE CD2   CE2    doub Y N 408 
PHE CD2   HD2    sing N N 409 
PHE CE1   CZ     doub Y N 410 
PHE CE1   HE1    sing N N 411 
PHE CE2   CZ     sing Y N 412 
PHE CE2   HE2    sing N N 413 
PHE CZ    HZ     sing N N 414 
PHE OXT   HXT    sing N N 415 
PRO N     CA     sing N N 416 
PRO N     CD     sing N N 417 
PRO N     H      sing N N 418 
PRO CA    C      sing N N 419 
PRO CA    CB     sing N N 420 
PRO CA    HA     sing N N 421 
PRO C     O      doub N N 422 
PRO C     OXT    sing N N 423 
PRO CB    CG     sing N N 424 
PRO CB    HB2    sing N N 425 
PRO CB    HB3    sing N N 426 
PRO CG    CD     sing N N 427 
PRO CG    HG2    sing N N 428 
PRO CG    HG3    sing N N 429 
PRO CD    HD2    sing N N 430 
PRO CD    HD3    sing N N 431 
PRO OXT   HXT    sing N N 432 
SER N     CA     sing N N 433 
SER N     H      sing N N 434 
SER N     H2     sing N N 435 
SER CA    C      sing N N 436 
SER CA    CB     sing N N 437 
SER CA    HA     sing N N 438 
SER C     O      doub N N 439 
SER C     OXT    sing N N 440 
SER CB    OG     sing N N 441 
SER CB    HB2    sing N N 442 
SER CB    HB3    sing N N 443 
SER OG    HG     sing N N 444 
SER OXT   HXT    sing N N 445 
THR N     CA     sing N N 446 
THR N     H      sing N N 447 
THR N     H2     sing N N 448 
THR CA    C      sing N N 449 
THR CA    CB     sing N N 450 
THR CA    HA     sing N N 451 
THR C     O      doub N N 452 
THR C     OXT    sing N N 453 
THR CB    OG1    sing N N 454 
THR CB    CG2    sing N N 455 
THR CB    HB     sing N N 456 
THR OG1   HG1    sing N N 457 
THR CG2   HG21   sing N N 458 
THR CG2   HG22   sing N N 459 
THR CG2   HG23   sing N N 460 
THR OXT   HXT    sing N N 461 
TRS C     C1     sing N N 462 
TRS C     C2     sing N N 463 
TRS C     C3     sing N N 464 
TRS C     N      sing N N 465 
TRS C1    O1     sing N N 466 
TRS C1    H11    sing N N 467 
TRS C1    H12    sing N N 468 
TRS C2    O2     sing N N 469 
TRS C2    H21    sing N N 470 
TRS C2    H22    sing N N 471 
TRS C3    O3     sing N N 472 
TRS C3    H31    sing N N 473 
TRS C3    H32    sing N N 474 
TRS N     HN1    sing N N 475 
TRS N     HN2    sing N N 476 
TRS N     HN3    sing N N 477 
TRS O1    HO1    sing N N 478 
TRS O2    HO2    sing N N 479 
TRS O3    HO3    sing N N 480 
TYR N     CA     sing N N 481 
TYR N     H      sing N N 482 
TYR N     H2     sing N N 483 
TYR CA    C      sing N N 484 
TYR CA    CB     sing N N 485 
TYR CA    HA     sing N N 486 
TYR C     O      doub N N 487 
TYR C     OXT    sing N N 488 
TYR CB    CG     sing N N 489 
TYR CB    HB2    sing N N 490 
TYR CB    HB3    sing N N 491 
TYR CG    CD1    doub Y N 492 
TYR CG    CD2    sing Y N 493 
TYR CD1   CE1    sing Y N 494 
TYR CD1   HD1    sing N N 495 
TYR CD2   CE2    doub Y N 496 
TYR CD2   HD2    sing N N 497 
TYR CE1   CZ     doub Y N 498 
TYR CE1   HE1    sing N N 499 
TYR CE2   CZ     sing Y N 500 
TYR CE2   HE2    sing N N 501 
TYR CZ    OH     sing N N 502 
TYR OH    HH     sing N N 503 
TYR OXT   HXT    sing N N 504 
VAL N     CA     sing N N 505 
VAL N     H      sing N N 506 
VAL N     H2     sing N N 507 
VAL CA    C      sing N N 508 
VAL CA    CB     sing N N 509 
VAL CA    HA     sing N N 510 
VAL C     O      doub N N 511 
VAL C     OXT    sing N N 512 
VAL CB    CG1    sing N N 513 
VAL CB    CG2    sing N N 514 
VAL CB    HB     sing N N 515 
VAL CG1   HG11   sing N N 516 
VAL CG1   HG12   sing N N 517 
VAL CG1   HG13   sing N N 518 
VAL CG2   HG21   sing N N 519 
VAL CG2   HG22   sing N N 520 
VAL CG2   HG23   sing N N 521 
VAL OXT   HXT    sing N N 522 
# 
loop_
_ndb_struct_conf_na.entry_id 
_ndb_struct_conf_na.feature 
1IJW 'double helix'        
1IJW 'b-form double helix' 
# 
loop_
_ndb_struct_na_base_pair.model_number 
_ndb_struct_na_base_pair.i_label_asym_id 
_ndb_struct_na_base_pair.i_label_comp_id 
_ndb_struct_na_base_pair.i_label_seq_id 
_ndb_struct_na_base_pair.i_symmetry 
_ndb_struct_na_base_pair.j_label_asym_id 
_ndb_struct_na_base_pair.j_label_comp_id 
_ndb_struct_na_base_pair.j_label_seq_id 
_ndb_struct_na_base_pair.j_symmetry 
_ndb_struct_na_base_pair.shear 
_ndb_struct_na_base_pair.stretch 
_ndb_struct_na_base_pair.stagger 
_ndb_struct_na_base_pair.buckle 
_ndb_struct_na_base_pair.propeller 
_ndb_struct_na_base_pair.opening 
_ndb_struct_na_base_pair.pair_number 
_ndb_struct_na_base_pair.pair_name 
_ndb_struct_na_base_pair.i_auth_asym_id 
_ndb_struct_na_base_pair.i_auth_seq_id 
_ndb_struct_na_base_pair.i_PDB_ins_code 
_ndb_struct_na_base_pair.j_auth_asym_id 
_ndb_struct_na_base_pair.j_auth_seq_id 
_ndb_struct_na_base_pair.j_PDB_ins_code 
_ndb_struct_na_base_pair.hbond_type_28 
_ndb_struct_na_base_pair.hbond_type_12 
1 A DG 2  1_555 B DC  14 1_555 0.158  -0.191 -0.233 -6.719 3.794   -0.243 1  A_DG3:DC29_B   A 3  ? B 29 ? 19 1 
1 A DT 3  1_555 B DA  13 1_555 -0.029 -0.201 -0.049 1.824  -9.622  -2.472 2  A_DT4:DA28_B   A 4  ? B 28 ? 20 1 
1 A DT 4  1_555 B DA  12 1_555 -0.048 -0.144 -0.130 0.395  -14.787 1.920  3  A_DT5:DA27_B   A 5  ? B 27 ? 20 1 
1 A DT 5  1_555 B DA  11 1_555 -0.215 -0.093 -0.607 2.806  -23.257 0.012  4  A_DT6:DA26_B   A 6  ? B 26 ? 20 1 
1 A DT 6  1_555 B DA  10 1_555 -0.281 -0.171 -0.321 -5.594 -8.958  -3.192 5  A_DT7:DA25_B   A 7  ? B 25 ? 20 1 
1 A DT 7  1_555 B DA  9  1_555 -0.509 0.009  0.026  -4.659 -9.395  3.833  6  A_DT8:DA24_B   A 8  ? B 24 ? 20 1 
1 A DG 8  1_555 B DC  8  1_555 -0.268 -0.363 -0.192 -1.438 -1.046  0.244  7  A_DG9:DC23_B   A 9  ? B 23 ? 19 1 
1 A DA 9  1_555 B DT  7  1_555 0.210  -0.204 0.013  -1.636 -8.627  -0.098 8  A_DA10:DT22_B  A 10 ? B 22 ? 20 1 
1 A DT 10 1_555 B DA  6  1_555 -0.096 -0.178 -0.037 -1.614 -8.840  -0.864 9  A_DT11:DA21_B  A 11 ? B 21 ? 20 1 
1 A DA 11 1_555 B DT  5  1_555 0.373  -0.396 -0.444 4.341  -15.850 -2.849 10 A_DA12:DT20_B  A 12 ? B 20 ? 20 1 
1 A DA 12 1_555 B DT  4  1_555 0.288  -0.201 0.011  7.328  -9.449  3.704  11 A_DA13:DT19_B  A 13 ? B 19 ? 20 1 
1 A DG 13 1_555 B CBR 3  1_555 -0.066 -0.149 0.189  2.779  -10.963 3.110  12 A_DG14:CBR18_B A 14 ? B 18 ? 19 1 
# 
loop_
_ndb_struct_na_base_pair_step.model_number 
_ndb_struct_na_base_pair_step.i_label_asym_id_1 
_ndb_struct_na_base_pair_step.i_label_comp_id_1 
_ndb_struct_na_base_pair_step.i_label_seq_id_1 
_ndb_struct_na_base_pair_step.i_symmetry_1 
_ndb_struct_na_base_pair_step.j_label_asym_id_1 
_ndb_struct_na_base_pair_step.j_label_comp_id_1 
_ndb_struct_na_base_pair_step.j_label_seq_id_1 
_ndb_struct_na_base_pair_step.j_symmetry_1 
_ndb_struct_na_base_pair_step.i_label_asym_id_2 
_ndb_struct_na_base_pair_step.i_label_comp_id_2 
_ndb_struct_na_base_pair_step.i_label_seq_id_2 
_ndb_struct_na_base_pair_step.i_symmetry_2 
_ndb_struct_na_base_pair_step.j_label_asym_id_2 
_ndb_struct_na_base_pair_step.j_label_comp_id_2 
_ndb_struct_na_base_pair_step.j_label_seq_id_2 
_ndb_struct_na_base_pair_step.j_symmetry_2 
_ndb_struct_na_base_pair_step.shift 
_ndb_struct_na_base_pair_step.slide 
_ndb_struct_na_base_pair_step.rise 
_ndb_struct_na_base_pair_step.tilt 
_ndb_struct_na_base_pair_step.roll 
_ndb_struct_na_base_pair_step.twist 
_ndb_struct_na_base_pair_step.x_displacement 
_ndb_struct_na_base_pair_step.y_displacement 
_ndb_struct_na_base_pair_step.helical_rise 
_ndb_struct_na_base_pair_step.inclination 
_ndb_struct_na_base_pair_step.tip 
_ndb_struct_na_base_pair_step.helical_twist 
_ndb_struct_na_base_pair_step.step_number 
_ndb_struct_na_base_pair_step.step_name 
_ndb_struct_na_base_pair_step.i_auth_asym_id_1 
_ndb_struct_na_base_pair_step.i_auth_seq_id_1 
_ndb_struct_na_base_pair_step.i_PDB_ins_code_1 
_ndb_struct_na_base_pair_step.j_auth_asym_id_1 
_ndb_struct_na_base_pair_step.j_auth_seq_id_1 
_ndb_struct_na_base_pair_step.j_PDB_ins_code_1 
_ndb_struct_na_base_pair_step.i_auth_asym_id_2 
_ndb_struct_na_base_pair_step.i_auth_seq_id_2 
_ndb_struct_na_base_pair_step.i_PDB_ins_code_2 
_ndb_struct_na_base_pair_step.j_auth_asym_id_2 
_ndb_struct_na_base_pair_step.j_auth_seq_id_2 
_ndb_struct_na_base_pair_step.j_PDB_ins_code_2 
1 A DG 2  1_555 B DC 14 1_555 A DT 3  1_555 B DA  13 1_555 -0.961 -0.340 3.159 -2.063 8.449  30.603 -2.110 1.391  3.017 15.617 
3.813   31.787 1  AA_DG3DT4:DA28DC29_BB    A 3  ? B 29 ? A 4  ? B 28 ? 
1 A DT 3  1_555 B DA 13 1_555 A DT 4  1_555 B DA  12 1_555 -0.141 -0.422 3.257 0.455  1.415  32.081 -1.015 0.335  3.234 2.559  
-0.823  32.115 2  AA_DT4DT5:DA27DA28_BB    A 4  ? B 28 ? A 5  ? B 27 ? 
1 A DT 4  1_555 B DA 12 1_555 A DT 5  1_555 B DA  11 1_555 -0.083 0.301  3.088 5.766  5.974  32.255 -0.423 1.060  3.034 10.537 
-10.170 33.279 3  AA_DT5DT6:DA26DA27_BB    A 5  ? B 27 ? A 6  ? B 26 ? 
1 A DT 5  1_555 B DA 11 1_555 A DT 6  1_555 B DA  10 1_555 0.984  0.919  3.439 0.398  -1.510 42.185 1.439  -1.323 3.414 -2.097 
-0.553  42.212 4  AA_DT6DT7:DA25DA26_BB    A 6  ? B 26 ? A 7  ? B 25 ? 
1 A DT 6  1_555 B DA 10 1_555 A DT 7  1_555 B DA  9  1_555 -0.253 -0.347 3.261 -3.589 0.009  32.756 -0.614 -0.165 3.269 0.016  
6.340   32.947 5  AA_DT7DT8:DA24DA25_BB    A 7  ? B 25 ? A 8  ? B 24 ? 
1 A DT 7  1_555 B DA 9  1_555 A DG 8  1_555 B DC  8  1_555 0.581  1.090  3.311 2.881  5.429  37.605 0.952  -0.510 3.463 8.354  
-4.432  38.086 6  AA_DT8DG9:DC23DA24_BB    A 8  ? B 24 ? A 9  ? B 23 ? 
1 A DG 8  1_555 B DC 8  1_555 A DA 9  1_555 B DT  7  1_555 -1.015 0.759  3.404 -5.056 4.242  38.435 0.587  0.866  3.564 6.387  
7.612   38.977 7  AA_DG9DA10:DT22DC23_BB   A 9  ? B 23 ? A 10 ? B 22 ? 
1 A DA 9  1_555 B DT 7  1_555 A DT 10 1_555 B DA  6  1_555 0.457  -0.599 3.332 -0.081 -2.535 31.147 -0.619 -0.865 3.368 -4.712 
0.150   31.247 8  AA_DA10DT11:DA21DT22_BB  A 10 ? B 22 ? A 11 ? B 21 ? 
1 A DT 10 1_555 B DA 6  1_555 A DA 11 1_555 B DT  5  1_555 -0.305 1.146  3.359 2.353  6.043  37.437 0.950  0.784  3.470 9.329  
-3.632  37.975 9  AA_DT11DA12:DT20DA21_BB  A 11 ? B 21 ? A 12 ? B 20 ? 
1 A DA 11 1_555 B DT 5  1_555 A DA 12 1_555 B DT  4  1_555 0.473  0.302  3.094 -2.751 2.253  34.374 0.180  -1.197 3.061 3.799  
4.640   34.552 10 AA_DA12DA13:DT19DT20_BB  A 12 ? B 20 ? A 13 ? B 19 ? 
1 A DA 12 1_555 B DT 4  1_555 A DG 13 1_555 B CBR 3  1_555 0.089  -0.451 3.367 -2.642 6.078  31.881 -1.884 -0.628 3.211 10.918 
4.745   32.545 11 AA_DA13DG14:CBR18DT19_BB A 13 ? B 19 ? A 14 ? B 18 ? 
# 
_pdbx_initial_refinement_model.accession_code   ? 
_pdbx_initial_refinement_model.id               1 
_pdbx_initial_refinement_model.entity_id_list   ? 
_pdbx_initial_refinement_model.type             'experimental model' 
_pdbx_initial_refinement_model.source_name      Other 
_pdbx_initial_refinement_model.details          'MIRAS PHASES' 
# 
_atom_sites.entry_id                    1IJW 
_atom_sites.fract_transf_matrix[1][1]   -0.00790704 
_atom_sites.fract_transf_matrix[1][2]   -0.00846509 
_atom_sites.fract_transf_matrix[1][3]   0.00135030 
_atom_sites.fract_transf_matrix[2][1]   0.00460915 
_atom_sites.fract_transf_matrix[2][2]   -0.00586988 
_atom_sites.fract_transf_matrix[2][3]   -0.00980846 
_atom_sites.fract_transf_matrix[3][1]   0.01418999 
_atom_sites.fract_transf_matrix[3][2]   -0.01112854 
_atom_sites.fract_transf_matrix[3][3]   0.01332800 
_atom_sites.fract_transf_vector[1]      0.278012 
_atom_sites.fract_transf_vector[2]      0.051879 
_atom_sites.fract_transf_vector[3]      0.206922 
# 
loop_
_atom_type.symbol 
BR 
C  
N  
O  
P  
# 
loop_
_atom_site.group_PDB 
_atom_site.id 
_atom_site.type_symbol 
_atom_site.label_atom_id 
_atom_site.label_alt_id 
_atom_site.label_comp_id 
_atom_site.label_asym_id 
_atom_site.label_entity_id 
_atom_site.label_seq_id 
_atom_site.pdbx_PDB_ins_code 
_atom_site.Cartn_x 
_atom_site.Cartn_y 
_atom_site.Cartn_z 
_atom_site.occupancy 
_atom_site.B_iso_or_equiv 
_atom_site.pdbx_formal_charge 
_atom_site.auth_seq_id 
_atom_site.auth_comp_id 
_atom_site.auth_asym_id 
_atom_site.auth_atom_id 
_atom_site.pdbx_PDB_model_num 
ATOM   1   O  "O5'" . DT  A 1 1  ? 24.765  5.508   -28.069 1.00 86.60 ? 2   DT  A "O5'" 1 
ATOM   2   C  "C5'" . DT  A 1 1  ? 24.328  4.327   -27.378 1.00 83.75 ? 2   DT  A "C5'" 1 
ATOM   3   C  "C4'" . DT  A 1 1  ? 24.875  4.245   -25.970 1.00 71.42 ? 2   DT  A "C4'" 1 
ATOM   4   O  "O4'" . DT  A 1 1  ? 24.244  5.268   -25.159 1.00 77.96 ? 2   DT  A "O4'" 1 
ATOM   5   C  "C3'" . DT  A 1 1  ? 24.602  2.916   -25.261 1.00 77.92 ? 2   DT  A "C3'" 1 
ATOM   6   O  "O3'" . DT  A 1 1  ? 25.724  2.530   -24.457 1.00 83.30 ? 2   DT  A "O3'" 1 
ATOM   7   C  "C2'" . DT  A 1 1  ? 23.407  3.222   -24.381 1.00 84.94 ? 2   DT  A "C2'" 1 
ATOM   8   C  "C1'" . DT  A 1 1  ? 23.626  4.682   -24.026 1.00 81.92 ? 2   DT  A "C1'" 1 
ATOM   9   N  N1    . DT  A 1 1  ? 22.375  5.422   -23.737 1.00 85.02 ? 2   DT  A N1    1 
ATOM   10  C  C2    . DT  A 1 1  ? 22.452  6.538   -22.930 1.00 76.36 ? 2   DT  A C2    1 
ATOM   11  O  O2    . DT  A 1 1  ? 23.503  6.953   -22.471 1.00 74.68 ? 2   DT  A O2    1 
ATOM   12  N  N3    . DT  A 1 1  ? 21.242  7.144   -22.673 1.00 76.14 ? 2   DT  A N3    1 
ATOM   13  C  C4    . DT  A 1 1  ? 19.991  6.747   -23.126 1.00 84.33 ? 2   DT  A C4    1 
ATOM   14  O  O4    . DT  A 1 1  ? 18.986  7.373   -22.786 1.00 88.63 ? 2   DT  A O4    1 
ATOM   15  C  C5    . DT  A 1 1  ? 19.988  5.577   -23.983 1.00 83.67 ? 2   DT  A C5    1 
ATOM   16  C  C7    . DT  A 1 1  ? 18.686  5.075   -24.528 1.00 74.86 ? 2   DT  A C7    1 
ATOM   17  C  C6    . DT  A 1 1  ? 21.164  4.988   -24.248 1.00 87.22 ? 2   DT  A C6    1 
ATOM   18  P  P     . DG  A 1 2  ? 25.592  1.281   -23.447 1.00 95.00 ? 3   DG  A P     1 
ATOM   19  O  OP1   . DG  A 1 2  ? 26.819  0.450   -23.609 1.00 92.84 ? 3   DG  A OP1   1 
ATOM   20  O  OP2   . DG  A 1 2  ? 24.246  0.640   -23.556 1.00 88.46 ? 3   DG  A OP2   1 
ATOM   21  O  "O5'" . DG  A 1 2  ? 25.662  1.969   -22.016 1.00 84.06 ? 3   DG  A "O5'" 1 
ATOM   22  C  "C5'" . DG  A 1 2  ? 26.880  2.527   -21.539 1.00 65.16 ? 3   DG  A "C5'" 1 
ATOM   23  C  "C4'" . DG  A 1 2  ? 26.836  2.589   -20.036 1.00 60.60 ? 3   DG  A "C4'" 1 
ATOM   24  O  "O4'" . DG  A 1 2  ? 25.927  3.649   -19.637 1.00 42.03 ? 3   DG  A "O4'" 1 
ATOM   25  C  "C3'" . DG  A 1 2  ? 26.263  1.295   -19.463 1.00 57.19 ? 3   DG  A "C3'" 1 
ATOM   26  O  "O3'" . DG  A 1 2  ? 26.893  0.953   -18.229 1.00 58.88 ? 3   DG  A "O3'" 1 
ATOM   27  C  "C2'" . DG  A 1 2  ? 24.804  1.634   -19.259 1.00 50.28 ? 3   DG  A "C2'" 1 
ATOM   28  C  "C1'" . DG  A 1 2  ? 24.850  3.112   -18.911 1.00 39.78 ? 3   DG  A "C1'" 1 
ATOM   29  N  N9    . DG  A 1 2  ? 23.642  3.823   -19.314 1.00 39.07 ? 3   DG  A N9    1 
ATOM   30  C  C8    . DG  A 1 2  ? 22.933  3.657   -20.476 1.00 28.98 ? 3   DG  A C8    1 
ATOM   31  N  N7    . DG  A 1 2  ? 21.850  4.384   -20.522 1.00 32.19 ? 3   DG  A N7    1 
ATOM   32  C  C5    . DG  A 1 2  ? 21.855  5.087   -19.328 1.00 31.06 ? 3   DG  A C5    1 
ATOM   33  C  C6    . DG  A 1 2  ? 20.923  6.022   -18.814 1.00 37.30 ? 3   DG  A C6    1 
ATOM   34  O  O6    . DG  A 1 2  ? 19.871  6.420   -19.335 1.00 39.57 ? 3   DG  A O6    1 
ATOM   35  N  N1    . DG  A 1 2  ? 21.315  6.499   -17.556 1.00 34.68 ? 3   DG  A N1    1 
ATOM   36  C  C2    . DG  A 1 2  ? 22.465  6.113   -16.890 1.00 32.39 ? 3   DG  A C2    1 
ATOM   37  N  N2    . DG  A 1 2  ? 22.687  6.665   -15.697 1.00 27.31 ? 3   DG  A N2    1 
ATOM   38  N  N3    . DG  A 1 2  ? 23.335  5.240   -17.368 1.00 29.48 ? 3   DG  A N3    1 
ATOM   39  C  C4    . DG  A 1 2  ? 22.966  4.768   -18.577 1.00 34.41 ? 3   DG  A C4    1 
ATOM   40  P  P     . DT  A 1 3  ? 26.402  -0.341  -17.419 1.00 67.47 ? 4   DT  A P     1 
ATOM   41  O  OP1   . DT  A 1 3  ? 27.572  -1.229  -17.212 1.00 67.61 ? 4   DT  A OP1   1 
ATOM   42  O  OP2   . DT  A 1 3  ? 25.163  -0.883  -18.036 1.00 67.04 ? 4   DT  A OP2   1 
ATOM   43  O  "O5'" . DT  A 1 3  ? 26.046  0.272   -16.007 1.00 53.91 ? 4   DT  A "O5'" 1 
ATOM   44  C  "C5'" . DT  A 1 3  ? 26.874  1.276   -15.464 1.00 39.46 ? 4   DT  A "C5'" 1 
ATOM   45  C  "C4'" . DT  A 1 3  ? 26.296  1.760   -14.160 1.00 41.14 ? 4   DT  A "C4'" 1 
ATOM   46  O  "O4'" . DT  A 1 3  ? 25.168  2.635   -14.390 1.00 43.47 ? 4   DT  A "O4'" 1 
ATOM   47  C  "C3'" . DT  A 1 3  ? 25.788  0.631   -13.280 1.00 31.69 ? 4   DT  A "C3'" 1 
ATOM   48  O  "O3'" . DT  A 1 3  ? 26.152  0.935   -11.943 1.00 35.25 ? 4   DT  A "O3'" 1 
ATOM   49  C  "C2'" . DT  A 1 3  ? 24.280  0.666   -13.488 1.00 32.21 ? 4   DT  A "C2'" 1 
ATOM   50  C  "C1'" . DT  A 1 3  ? 23.999  2.131   -13.771 1.00 26.36 ? 4   DT  A "C1'" 1 
ATOM   51  N  N1    . DT  A 1 3  ? 22.904  2.349   -14.716 1.00 34.54 ? 4   DT  A N1    1 
ATOM   52  C  C2    . DT  A 1 3  ? 21.945  3.277   -14.402 1.00 30.02 ? 4   DT  A C2    1 
ATOM   53  O  O2    . DT  A 1 3  ? 21.935  3.889   -13.357 1.00 32.05 ? 4   DT  A O2    1 
ATOM   54  N  N3    . DT  A 1 3  ? 20.980  3.452   -15.359 1.00 24.18 ? 4   DT  A N3    1 
ATOM   55  C  C4    . DT  A 1 3  ? 20.865  2.802   -16.563 1.00 28.57 ? 4   DT  A C4    1 
ATOM   56  O  O4    . DT  A 1 3  ? 19.934  3.075   -17.319 1.00 31.58 ? 4   DT  A O4    1 
ATOM   57  C  C5    . DT  A 1 3  ? 21.900  1.818   -16.828 1.00 25.69 ? 4   DT  A C5    1 
ATOM   58  C  C7    . DT  A 1 3  ? 21.862  1.051   -18.109 1.00 25.67 ? 4   DT  A C7    1 
ATOM   59  C  C6    . DT  A 1 3  ? 22.855  1.643   -15.898 1.00 25.90 ? 4   DT  A C6    1 
ATOM   60  P  P     . DT  A 1 4  ? 25.722  -0.045  -10.769 1.00 41.35 ? 5   DT  A P     1 
ATOM   61  O  OP1   . DT  A 1 4  ? 26.752  0.058   -9.696  1.00 33.32 ? 5   DT  A OP1   1 
ATOM   62  O  OP2   . DT  A 1 4  ? 25.445  -1.355  -11.405 1.00 45.49 ? 5   DT  A OP2   1 
ATOM   63  O  "O5'" . DT  A 1 4  ? 24.402  0.652   -10.231 1.00 43.40 ? 5   DT  A "O5'" 1 
ATOM   64  C  "C5'" . DT  A 1 4  ? 24.456  2.023   -9.882  1.00 49.09 ? 5   DT  A "C5'" 1 
ATOM   65  C  "C4'" . DT  A 1 4  ? 23.160  2.466   -9.258  1.00 44.00 ? 5   DT  A "C4'" 1 
ATOM   66  O  "O4'" . DT  A 1 4  ? 22.174  2.736   -10.279 1.00 49.93 ? 5   DT  A "O4'" 1 
ATOM   67  C  "C3'" . DT  A 1 4  ? 22.538  1.461   -8.292  1.00 39.04 ? 5   DT  A "C3'" 1 
ATOM   68  O  "O3'" . DT  A 1 4  ? 22.124  2.161   -7.112  1.00 37.64 ? 5   DT  A "O3'" 1 
ATOM   69  C  "C2'" . DT  A 1 4  ? 21.366  0.888   -9.085  1.00 40.90 ? 5   DT  A "C2'" 1 
ATOM   70  C  "C1'" . DT  A 1 4  ? 20.966  2.053   -9.986  1.00 27.95 ? 5   DT  A "C1'" 1 
ATOM   71  N  N1    . DT  A 1 4  ? 20.362  1.683   -11.272 1.00 33.54 ? 5   DT  A N1    1 
ATOM   72  C  C2    . DT  A 1 4  ? 19.249  2.372   -11.709 1.00 34.54 ? 5   DT  A C2    1 
ATOM   73  O  O2    . DT  A 1 4  ? 18.711  3.255   -11.065 1.00 36.88 ? 5   DT  A O2    1 
ATOM   74  N  N3    . DT  A 1 4  ? 18.787  1.985   -12.938 1.00 28.37 ? 5   DT  A N3    1 
ATOM   75  C  C4    . DT  A 1 4  ? 19.308  0.996   -13.748 1.00 29.55 ? 5   DT  A C4    1 
ATOM   76  O  O4    . DT  A 1 4  ? 18.784  0.752   -14.833 1.00 27.43 ? 5   DT  A O4    1 
ATOM   77  C  C5    . DT  A 1 4  ? 20.455  0.307   -13.217 1.00 29.03 ? 5   DT  A C5    1 
ATOM   78  C  C7    . DT  A 1 4  ? 21.062  -0.803  -14.008 1.00 21.05 ? 5   DT  A C7    1 
ATOM   79  C  C6    . DT  A 1 4  ? 20.922  0.681   -12.024 1.00 34.52 ? 5   DT  A C6    1 
ATOM   80  P  P     . DT  A 1 5  ? 21.736  1.343   -5.789  1.00 55.63 ? 6   DT  A P     1 
ATOM   81  O  OP1   . DT  A 1 5  ? 22.415  1.982   -4.641  1.00 54.03 ? 6   DT  A OP1   1 
ATOM   82  O  OP2   . DT  A 1 5  ? 21.895  -0.113  -6.018  1.00 55.94 ? 6   DT  A OP2   1 
ATOM   83  O  "O5'" . DT  A 1 5  ? 20.187  1.660   -5.669  1.00 58.64 ? 6   DT  A "O5'" 1 
ATOM   84  C  "C5'" . DT  A 1 5  ? 19.698  2.958   -6.005  1.00 61.51 ? 6   DT  A "C5'" 1 
ATOM   85  C  "C4'" . DT  A 1 5  ? 18.206  2.904   -6.221  1.00 54.66 ? 6   DT  A "C4'" 1 
ATOM   86  O  "O4'" . DT  A 1 5  ? 17.850  2.521   -7.575  1.00 39.03 ? 6   DT  A "O4'" 1 
ATOM   87  C  "C3'" . DT  A 1 5  ? 17.536  1.892   -5.301  1.00 42.18 ? 6   DT  A "C3'" 1 
ATOM   88  O  "O3'" . DT  A 1 5  ? 16.350  2.462   -4.784  1.00 48.78 ? 6   DT  A "O3'" 1 
ATOM   89  C  "C2'" . DT  A 1 5  ? 17.205  0.733   -6.226  1.00 38.43 ? 6   DT  A "C2'" 1 
ATOM   90  C  "C1'" . DT  A 1 5  ? 16.905  1.468   -7.518  1.00 20.57 ? 6   DT  A "C1'" 1 
ATOM   91  N  N1    . DT  A 1 5  ? 17.018  0.682   -8.763  1.00 18.62 ? 6   DT  A N1    1 
ATOM   92  C  C2    . DT  A 1 5  ? 16.232  1.087   -9.817  1.00 25.88 ? 6   DT  A C2    1 
ATOM   93  O  O2    . DT  A 1 5  ? 15.428  2.013   -9.730  1.00 29.80 ? 6   DT  A O2    1 
ATOM   94  N  N3    . DT  A 1 5  ? 16.417  0.372   -10.978 1.00 27.20 ? 6   DT  A N3    1 
ATOM   95  C  C4    . DT  A 1 5  ? 17.284  -0.682  -11.174 1.00 26.24 ? 6   DT  A C4    1 
ATOM   96  O  O4    . DT  A 1 5  ? 17.388  -1.189  -12.282 1.00 32.11 ? 6   DT  A O4    1 
ATOM   97  C  C5    . DT  A 1 5  ? 18.035  -1.091  -10.007 1.00 26.13 ? 6   DT  A C5    1 
ATOM   98  C  C7    . DT  A 1 5  ? 18.944  -2.277  -10.114 1.00 19.16 ? 6   DT  A C7    1 
ATOM   99  C  C6    . DT  A 1 5  ? 17.873  -0.392  -8.874  1.00 16.08 ? 6   DT  A C6    1 
ATOM   100 P  P     . DT  A 1 6  ? 15.664  1.811   -3.495  1.00 56.63 ? 7   DT  A P     1 
ATOM   101 O  OP1   . DT  A 1 6  ? 15.691  2.844   -2.445  1.00 32.78 ? 7   DT  A OP1   1 
ATOM   102 O  OP2   . DT  A 1 6  ? 16.261  0.478   -3.232  1.00 45.17 ? 7   DT  A OP2   1 
ATOM   103 O  "O5'" . DT  A 1 6  ? 14.170  1.667   -3.991  1.00 40.51 ? 7   DT  A "O5'" 1 
ATOM   104 C  "C5'" . DT  A 1 6  ? 13.589  2.757   -4.682  1.00 49.02 ? 7   DT  A "C5'" 1 
ATOM   105 C  "C4'" . DT  A 1 6  ? 12.593  2.267   -5.697  1.00 54.18 ? 7   DT  A "C4'" 1 
ATOM   106 O  "O4'" . DT  A 1 6  ? 13.279  1.532   -6.749  1.00 39.66 ? 7   DT  A "O4'" 1 
ATOM   107 C  "C3'" . DT  A 1 6  ? 11.519  1.332   -5.135  1.00 52.48 ? 7   DT  A "C3'" 1 
ATOM   108 O  "O3'" . DT  A 1 6  ? 10.232  1.877   -5.390  1.00 54.69 ? 7   DT  A "O3'" 1 
ATOM   109 C  "C2'" . DT  A 1 6  ? 11.733  0.029   -5.888  1.00 56.95 ? 7   DT  A "C2'" 1 
ATOM   110 C  "C1'" . DT  A 1 6  ? 12.453  0.474   -7.155  1.00 42.85 ? 7   DT  A "C1'" 1 
ATOM   111 N  N1    . DT  A 1 6  ? 13.309  -0.560  -7.763  1.00 31.43 ? 7   DT  A N1    1 
ATOM   112 C  C2    . DT  A 1 6  ? 13.137  -0.829  -9.103  1.00 28.89 ? 7   DT  A C2    1 
ATOM   113 O  O2    . DT  A 1 6  ? 12.312  -0.247  -9.801  1.00 36.23 ? 7   DT  A O2    1 
ATOM   114 N  N3    . DT  A 1 6  ? 13.960  -1.809  -9.599  1.00 23.31 ? 7   DT  A N3    1 
ATOM   115 C  C4    . DT  A 1 6  ? 14.917  -2.532  -8.907  1.00 25.33 ? 7   DT  A C4    1 
ATOM   116 O  O4    . DT  A 1 6  ? 15.593  -3.383  -9.495  1.00 29.37 ? 7   DT  A O4    1 
ATOM   117 C  C5    . DT  A 1 6  ? 15.043  -2.202  -7.500  1.00 20.38 ? 7   DT  A C5    1 
ATOM   118 C  C7    . DT  A 1 6  ? 16.052  -2.931  -6.666  1.00 14.96 ? 7   DT  A C7    1 
ATOM   119 C  C6    . DT  A 1 6  ? 14.241  -1.242  -7.004  1.00 23.61 ? 7   DT  A C6    1 
ATOM   120 P  P     . DT  A 1 7  ? 8.919   1.005   -5.101  1.00 49.70 ? 8   DT  A P     1 
ATOM   121 O  OP1   . DT  A 1 7  ? 7.875   1.892   -4.541  1.00 42.87 ? 8   DT  A OP1   1 
ATOM   122 O  OP2   . DT  A 1 7  ? 9.287   -0.242  -4.389  1.00 36.69 ? 8   DT  A OP2   1 
ATOM   123 O  "O5'" . DT  A 1 7  ? 8.440   0.710   -6.572  1.00 50.73 ? 8   DT  A "O5'" 1 
ATOM   124 C  "C5'" . DT  A 1 7  ? 8.400   1.781   -7.488  1.00 38.65 ? 8   DT  A "C5'" 1 
ATOM   125 C  "C4'" . DT  A 1 7  ? 7.882   1.298   -8.810  1.00 27.20 ? 8   DT  A "C4'" 1 
ATOM   126 O  "O4'" . DT  A 1 7  ? 8.858   0.405   -9.374  1.00 27.41 ? 8   DT  A "O4'" 1 
ATOM   127 C  "C3'" . DT  A 1 7  ? 6.586   0.505   -8.682  1.00 19.23 ? 8   DT  A "C3'" 1 
ATOM   128 O  "O3'" . DT  A 1 7  ? 5.665   0.934   -9.668  1.00 26.74 ? 8   DT  A "O3'" 1 
ATOM   129 C  "C2'" . DT  A 1 7  ? 7.001   -0.937  -8.913  1.00 29.46 ? 8   DT  A "C2'" 1 
ATOM   130 C  "C1'" . DT  A 1 7  ? 8.255   -0.816  -9.762  1.00 10.01 ? 8   DT  A "C1'" 1 
ATOM   131 N  N1    . DT  A 1 7  ? 9.243   -1.871  -9.495  1.00 28.00 ? 8   DT  A N1    1 
ATOM   132 C  C2    . DT  A 1 7  ? 9.656   -2.692  -10.527 1.00 26.58 ? 8   DT  A C2    1 
ATOM   133 O  O2    . DT  A 1 7  ? 9.182   -2.639  -11.639 1.00 29.87 ? 8   DT  A O2    1 
ATOM   134 N  N3    . DT  A 1 7  ? 10.634  -3.593  -10.193 1.00 17.37 ? 8   DT  A N3    1 
ATOM   135 C  C4    . DT  A 1 7  ? 11.204  -3.768  -8.947  1.00 24.70 ? 8   DT  A C4    1 
ATOM   136 O  O4    . DT  A 1 7  ? 12.094  -4.602  -8.790  1.00 23.06 ? 8   DT  A O4    1 
ATOM   137 C  C5    . DT  A 1 7  ? 10.678  -2.905  -7.895  1.00 23.36 ? 8   DT  A C5    1 
ATOM   138 C  C7    . DT  A 1 7  ? 11.196  -3.064  -6.495  1.00 21.94 ? 8   DT  A C7    1 
ATOM   139 C  C6    . DT  A 1 7  ? 9.746   -2.009  -8.222  1.00 20.59 ? 8   DT  A C6    1 
ATOM   140 P  P     . DG  A 1 8  ? 4.122   0.605   -9.475  1.00 34.91 ? 9   DG  A P     1 
ATOM   141 O  OP1   . DG  A 1 8  ? 3.350   1.699   -10.139 1.00 23.23 ? 9   DG  A OP1   1 
ATOM   142 O  OP2   . DG  A 1 8  ? 3.885   0.283   -8.047  1.00 27.26 ? 9   DG  A OP2   1 
ATOM   143 O  "O5'" . DG  A 1 8  ? 3.945   -0.736  -10.297 1.00 44.70 ? 9   DG  A "O5'" 1 
ATOM   144 C  "C5'" . DG  A 1 8  ? 4.128   -0.742  -11.705 1.00 34.36 ? 9   DG  A "C5'" 1 
ATOM   145 C  "C4'" . DG  A 1 8  ? 4.093   -2.163  -12.210 1.00 27.67 ? 9   DG  A "C4'" 1 
ATOM   146 O  "O4'" . DG  A 1 8  ? 5.263   -2.893  -11.760 1.00 32.54 ? 9   DG  A "O4'" 1 
ATOM   147 C  "C3'" . DG  A 1 8  ? 2.900   -2.962  -11.703 1.00 37.40 ? 9   DG  A "C3'" 1 
ATOM   148 O  "O3'" . DG  A 1 8  ? 2.534   -3.847  -12.735 1.00 40.36 ? 9   DG  A "O3'" 1 
ATOM   149 C  "C2'" . DG  A 1 8  ? 3.492   -3.771  -10.560 1.00 27.84 ? 9   DG  A "C2'" 1 
ATOM   150 C  "C1'" . DG  A 1 8  ? 4.850   -4.088  -11.133 1.00 11.38 ? 9   DG  A "C1'" 1 
ATOM   151 N  N9    . DG  A 1 8  ? 5.868   -4.473  -10.170 1.00 19.76 ? 9   DG  A N9    1 
ATOM   152 C  C8    . DG  A 1 8  ? 5.973   -4.043  -8.877  1.00 24.27 ? 9   DG  A C8    1 
ATOM   153 N  N7    . DG  A 1 8  ? 6.985   -4.567  -8.243  1.00 29.26 ? 9   DG  A N7    1 
ATOM   154 C  C5    . DG  A 1 8  ? 7.595   -5.389  -9.175  1.00 15.10 ? 9   DG  A C5    1 
ATOM   155 C  C6    . DG  A 1 8  ? 8.759   -6.215  -9.053  1.00 19.37 ? 9   DG  A C6    1 
ATOM   156 O  O6    . DG  A 1 8  ? 9.487   -6.375  -8.050  1.00 24.93 ? 9   DG  A O6    1 
ATOM   157 N  N1    . DG  A 1 8  ? 9.042   -6.893  -10.250 1.00 13.79 ? 9   DG  A N1    1 
ATOM   158 C  C2    . DG  A 1 8  ? 8.290   -6.792  -11.404 1.00 25.21 ? 9   DG  A C2    1 
ATOM   159 N  N2    . DG  A 1 8  ? 8.706   -7.536  -12.431 1.00 35.89 ? 9   DG  A N2    1 
ATOM   160 N  N3    . DG  A 1 8  ? 7.203   -6.018  -11.534 1.00 14.66 ? 9   DG  A N3    1 
ATOM   161 C  C4    . DG  A 1 8  ? 6.918   -5.348  -10.377 1.00 16.71 ? 9   DG  A C4    1 
ATOM   162 P  P     . DA  A 1 9  ? 1.019   -4.258  -12.926 1.00 41.89 ? 10  DA  A P     1 
ATOM   163 O  OP1   . DA  A 1 9  ? 0.317   -3.160  -13.622 1.00 24.32 ? 10  DA  A OP1   1 
ATOM   164 O  OP2   . DA  A 1 9  ? 0.509   -4.741  -11.624 1.00 40.61 ? 10  DA  A OP2   1 
ATOM   165 O  "O5'" . DA  A 1 9  ? 1.133   -5.500  -13.911 1.00 49.78 ? 10  DA  A "O5'" 1 
ATOM   166 C  "C5'" . DA  A 1 9  ? 1.897   -5.397  -15.103 1.00 33.67 ? 10  DA  A "C5'" 1 
ATOM   167 C  "C4'" . DA  A 1 9  ? 2.543   -6.722  -15.438 1.00 28.88 ? 10  DA  A "C4'" 1 
ATOM   168 O  "O4'" . DA  A 1 9  ? 3.632   -7.055  -14.548 1.00 31.90 ? 10  DA  A "O4'" 1 
ATOM   169 C  "C3'" . DA  A 1 9  ? 1.637   -7.943  -15.461 1.00 32.63 ? 10  DA  A "C3'" 1 
ATOM   170 O  "O3'" . DA  A 1 9  ? 2.008   -8.697  -16.605 1.00 49.84 ? 10  DA  A "O3'" 1 
ATOM   171 C  "C2'" . DA  A 1 9  ? 1.976   -8.670  -14.166 1.00 39.06 ? 10  DA  A "C2'" 1 
ATOM   172 C  "C1'" . DA  A 1 9  ? 3.437   -8.320  -13.935 1.00 23.85 ? 10  DA  A "C1'" 1 
ATOM   173 N  N9    . DA  A 1 9  ? 3.820   -8.161  -12.530 1.00 29.49 ? 10  DA  A N9    1 
ATOM   174 C  C8    . DA  A 1 9  ? 3.228   -7.318  -11.620 1.00 32.60 ? 10  DA  A C8    1 
ATOM   175 N  N7    . DA  A 1 9  ? 3.797   -7.333  -10.443 1.00 33.89 ? 10  DA  A N7    1 
ATOM   176 C  C5    . DA  A 1 9  ? 4.833   -8.245  -10.579 1.00 26.38 ? 10  DA  A C5    1 
ATOM   177 C  C6    . DA  A 1 9  ? 5.813   -8.706  -9.679  1.00 31.21 ? 10  DA  A C6    1 
ATOM   178 N  N6    . DA  A 1 9  ? 5.963   -8.222  -8.450  1.00 30.85 ? 10  DA  A N6    1 
ATOM   179 N  N1    . DA  A 1 9  ? 6.664   -9.670  -10.105 1.00 26.98 ? 10  DA  A N1    1 
ATOM   180 C  C2    . DA  A 1 9  ? 6.558   -10.086 -11.373 1.00 29.00 ? 10  DA  A C2    1 
ATOM   181 N  N3    . DA  A 1 9  ? 5.705   -9.697  -12.322 1.00 26.80 ? 10  DA  A N3    1 
ATOM   182 C  C4    . DA  A 1 9  ? 4.851   -8.776  -11.853 1.00 22.64 ? 10  DA  A C4    1 
ATOM   183 P  P     . DT  A 1 10 ? 1.106   -9.918  -17.079 1.00 48.82 ? 11  DT  A P     1 
ATOM   184 O  OP1   . DT  A 1 10 ? 1.264   -9.988  -18.560 1.00 44.61 ? 11  DT  A OP1   1 
ATOM   185 O  OP2   . DT  A 1 10 ? -0.245  -9.753  -16.494 1.00 47.77 ? 11  DT  A OP2   1 
ATOM   186 O  "O5'" . DT  A 1 10 ? 1.843   -11.147 -16.392 1.00 25.89 ? 11  DT  A "O5'" 1 
ATOM   187 C  "C5'" . DT  A 1 10 ? 3.270   -11.192 -16.350 1.00 21.29 ? 11  DT  A "C5'" 1 
ATOM   188 C  "C4'" . DT  A 1 10 ? 3.730   -12.327 -15.463 1.00 30.85 ? 11  DT  A "C4'" 1 
ATOM   189 O  "O4'" . DT  A 1 10 ? 4.138   -11.903 -14.132 1.00 46.96 ? 11  DT  A "O4'" 1 
ATOM   190 C  "C3'" . DT  A 1 10 ? 2.664   -13.402 -15.259 1.00 44.03 ? 11  DT  A "C3'" 1 
ATOM   191 O  "O3'" . DT  A 1 10 ? 3.246   -14.678 -15.408 1.00 53.39 ? 11  DT  A "O3'" 1 
ATOM   192 C  "C2'" . DT  A 1 10 ? 2.274   -13.239 -13.808 1.00 49.14 ? 11  DT  A "C2'" 1 
ATOM   193 C  "C1'" . DT  A 1 10 ? 3.591   -12.813 -13.191 1.00 39.19 ? 11  DT  A "C1'" 1 
ATOM   194 N  N1    . DT  A 1 10 ? 3.414   -12.123 -11.895 1.00 26.75 ? 11  DT  A N1    1 
ATOM   195 C  C2    . DT  A 1 10 ? 4.290   -12.380 -10.852 1.00 28.16 ? 11  DT  A C2    1 
ATOM   196 O  O2    . DT  A 1 10 ? 5.259   -13.109 -10.960 1.00 43.11 ? 11  DT  A O2    1 
ATOM   197 N  N3    . DT  A 1 10 ? 3.985   -11.731 -9.671  1.00 23.29 ? 11  DT  A N3    1 
ATOM   198 C  C4    . DT  A 1 10 ? 2.930   -10.855 -9.452  1.00 19.03 ? 11  DT  A C4    1 
ATOM   199 O  O4    . DT  A 1 10 ? 2.798   -10.324 -8.360  1.00 22.59 ? 11  DT  A O4    1 
ATOM   200 C  C5    . DT  A 1 10 ? 2.060   -10.632 -10.595 1.00 13.53 ? 11  DT  A C5    1 
ATOM   201 C  C7    . DT  A 1 10 ? 0.872   -9.734  -10.455 1.00 13.81 ? 11  DT  A C7    1 
ATOM   202 C  C6    . DT  A 1 10 ? 2.355   -11.258 -11.740 1.00 21.30 ? 11  DT  A C6    1 
ATOM   203 P  P     . DA  A 1 11 ? 2.388   -15.862 -16.054 1.00 56.00 ? 12  DA  A P     1 
ATOM   204 O  OP1   . DA  A 1 11 ? 2.633   -15.831 -17.517 1.00 54.09 ? 12  DA  A OP1   1 
ATOM   205 O  OP2   . DA  A 1 11 ? 1.004   -15.789 -15.540 1.00 57.85 ? 12  DA  A OP2   1 
ATOM   206 O  "O5'" . DA  A 1 11 ? 3.097   -17.137 -15.439 1.00 36.06 ? 12  DA  A "O5'" 1 
ATOM   207 C  "C5'" . DA  A 1 11 ? 4.506   -17.163 -15.318 1.00 46.83 ? 12  DA  A "C5'" 1 
ATOM   208 C  "C4'" . DA  A 1 11 ? 4.891   -17.843 -14.031 1.00 52.96 ? 12  DA  A "C4'" 1 
ATOM   209 O  "O4'" . DA  A 1 11 ? 4.614   -16.985 -12.901 1.00 61.39 ? 12  DA  A "O4'" 1 
ATOM   210 C  "C3'" . DA  A 1 11 ? 4.117   -19.130 -13.779 1.00 53.42 ? 12  DA  A "C3'" 1 
ATOM   211 O  "O3'" . DA  A 1 11 ? 4.997   -20.091 -13.225 1.00 62.91 ? 12  DA  A "O3'" 1 
ATOM   212 C  "C2'" . DA  A 1 11 ? 3.063   -18.724 -12.761 1.00 48.51 ? 12  DA  A "C2'" 1 
ATOM   213 C  "C1'" . DA  A 1 11 ? 3.789   -17.664 -11.967 1.00 33.14 ? 12  DA  A "C1'" 1 
ATOM   214 N  N9    . DA  A 1 11 ? 2.930   -16.659 -11.342 1.00 33.75 ? 12  DA  A N9    1 
ATOM   215 C  C8    . DA  A 1 11 ? 1.779   -16.070 -11.820 1.00 28.68 ? 12  DA  A C8    1 
ATOM   216 N  N7    . DA  A 1 11 ? 1.269   -15.174 -11.002 1.00 35.55 ? 12  DA  A N7    1 
ATOM   217 C  C5    . DA  A 1 11 ? 2.142   -15.177 -9.919  1.00 33.48 ? 12  DA  A C5    1 
ATOM   218 C  C6    . DA  A 1 11 ? 2.169   -14.445 -8.718  1.00 29.47 ? 12  DA  A C6    1 
ATOM   219 N  N6    . DA  A 1 11 ? 1.272   -13.517 -8.396  1.00 20.46 ? 12  DA  A N6    1 
ATOM   220 N  N1    . DA  A 1 11 ? 3.172   -14.704 -7.846  1.00 29.52 ? 12  DA  A N1    1 
ATOM   221 C  C2    . DA  A 1 11 ? 4.079   -15.628 -8.172  1.00 33.75 ? 12  DA  A C2    1 
ATOM   222 N  N3    . DA  A 1 11 ? 4.167   -16.372 -9.271  1.00 37.43 ? 12  DA  A N3    1 
ATOM   223 C  C4    . DA  A 1 11 ? 3.157   -16.096 -10.111 1.00 34.68 ? 12  DA  A C4    1 
ATOM   224 P  P     . DA  A 1 12 ? 4.619   -21.641 -13.303 1.00 71.49 ? 13  DA  A P     1 
ATOM   225 O  OP1   . DA  A 1 12 ? 5.699   -22.262 -14.103 1.00 71.58 ? 13  DA  A OP1   1 
ATOM   226 O  OP2   . DA  A 1 12 ? 3.199   -21.803 -13.717 1.00 62.28 ? 13  DA  A OP2   1 
ATOM   227 O  "O5'" . DA  A 1 12 ? 4.765   -22.093 -11.790 1.00 61.40 ? 13  DA  A "O5'" 1 
ATOM   228 C  "C5'" . DA  A 1 12 ? 5.841   -21.589 -11.012 1.00 60.19 ? 13  DA  A "C5'" 1 
ATOM   229 C  "C4'" . DA  A 1 12 ? 5.440   -21.527 -9.562  1.00 45.64 ? 13  DA  A "C4'" 1 
ATOM   230 O  "O4'" . DA  A 1 12 ? 4.595   -20.378 -9.290  1.00 59.66 ? 13  DA  A "O4'" 1 
ATOM   231 C  "C3'" . DA  A 1 12 ? 4.651   -22.752 -9.119  1.00 51.25 ? 13  DA  A "C3'" 1 
ATOM   232 O  "O3'" . DA  A 1 12 ? 5.126   -23.140 -7.845  1.00 54.14 ? 13  DA  A "O3'" 1 
ATOM   233 C  "C2'" . DA  A 1 12 ? 3.221   -22.239 -9.016  1.00 44.03 ? 13  DA  A "C2'" 1 
ATOM   234 C  "C1'" . DA  A 1 12 ? 3.452   -20.805 -8.564  1.00 47.18 ? 13  DA  A "C1'" 1 
ATOM   235 N  N9    . DA  A 1 12 ? 2.363   -19.862 -8.827  1.00 36.57 ? 13  DA  A N9    1 
ATOM   236 C  C8    . DA  A 1 12 ? 1.562   -19.781 -9.938  1.00 34.05 ? 13  DA  A C8    1 
ATOM   237 N  N7    . DA  A 1 12 ? 0.671   -18.821 -9.881  1.00 33.41 ? 13  DA  A N7    1 
ATOM   238 C  C5    . DA  A 1 12 ? 0.903   -18.223 -8.651  1.00 21.92 ? 13  DA  A C5    1 
ATOM   239 C  C6    . DA  A 1 12 ? 0.278   -17.127 -7.983  1.00 16.98 ? 13  DA  A C6    1 
ATOM   240 N  N6    . DA  A 1 12 ? -0.753  -16.429 -8.482  1.00 16.09 ? 13  DA  A N6    1 
ATOM   241 N  N1    . DA  A 1 12 ? 0.757   -16.788 -6.768  1.00 20.23 ? 13  DA  A N1    1 
ATOM   242 C  C2    . DA  A 1 12 ? 1.765   -17.512 -6.252  1.00 30.42 ? 13  DA  A C2    1 
ATOM   243 N  N3    . DA  A 1 12 ? 2.417   -18.557 -6.772  1.00 25.05 ? 13  DA  A N3    1 
ATOM   244 C  C4    . DA  A 1 12 ? 1.938   -18.858 -7.988  1.00 30.19 ? 13  DA  A C4    1 
ATOM   245 P  P     . DG  A 1 13 ? 4.844   -24.612 -7.321  1.00 75.95 ? 14  DG  A P     1 
ATOM   246 O  OP1   . DG  A 1 13 ? 6.147   -25.277 -7.084  1.00 60.72 ? 14  DG  A OP1   1 
ATOM   247 O  OP2   . DG  A 1 13 ? 3.856   -25.212 -8.246  1.00 70.80 ? 14  DG  A OP2   1 
ATOM   248 O  "O5'" . DG  A 1 13 ? 4.174   -24.340 -5.914  1.00 69.32 ? 14  DG  A "O5'" 1 
ATOM   249 C  "C5'" . DG  A 1 13 ? 4.801   -23.454 -5.001  1.00 59.58 ? 14  DG  A "C5'" 1 
ATOM   250 C  "C4'" . DG  A 1 13 ? 3.786   -22.906 -4.032  1.00 52.25 ? 14  DG  A "C4'" 1 
ATOM   251 O  "O4'" . DG  A 1 13 ? 2.942   -21.910 -4.658  1.00 57.93 ? 14  DG  A "O4'" 1 
ATOM   252 C  "C3'" . DG  A 1 13 ? 2.843   -23.969 -3.480  1.00 43.82 ? 14  DG  A "C3'" 1 
ATOM   253 O  "O3'" . DG  A 1 13 ? 2.669   -23.716 -2.098  1.00 59.81 ? 14  DG  A "O3'" 1 
ATOM   254 C  "C2'" . DG  A 1 13 ? 1.546   -23.725 -4.232  1.00 36.42 ? 14  DG  A "C2'" 1 
ATOM   255 C  "C1'" . DG  A 1 13 ? 1.594   -22.219 -4.351  1.00 44.13 ? 14  DG  A "C1'" 1 
ATOM   256 N  N9    . DG  A 1 13 ? 0.727   -21.619 -5.360  1.00 33.75 ? 14  DG  A N9    1 
ATOM   257 C  C8    . DG  A 1 13 ? 0.538   -22.001 -6.662  1.00 37.99 ? 14  DG  A C8    1 
ATOM   258 N  N7    . DG  A 1 13 ? -0.367  -21.287 -7.276  1.00 38.61 ? 14  DG  A N7    1 
ATOM   259 C  C5    . DG  A 1 13 ? -0.781  -20.369 -6.324  1.00 29.86 ? 14  DG  A C5    1 
ATOM   260 C  C6    . DG  A 1 13 ? -1.752  -19.340 -6.405  1.00 30.22 ? 14  DG  A C6    1 
ATOM   261 O  O6    . DG  A 1 13 ? -2.450  -19.014 -7.378  1.00 35.54 ? 14  DG  A O6    1 
ATOM   262 N  N1    . DG  A 1 13 ? -1.869  -18.659 -5.202  1.00 22.05 ? 14  DG  A N1    1 
ATOM   263 C  C2    . DG  A 1 13 ? -1.111  -18.914 -4.073  1.00 25.71 ? 14  DG  A C2    1 
ATOM   264 N  N2    . DG  A 1 13 ? -1.328  -18.133 -2.996  1.00 21.19 ? 14  DG  A N2    1 
ATOM   265 N  N3    . DG  A 1 13 ? -0.195  -19.864 -3.999  1.00 16.94 ? 14  DG  A N3    1 
ATOM   266 C  C4    . DG  A 1 13 ? -0.097  -20.550 -5.145  1.00 29.65 ? 14  DG  A C4    1 
ATOM   267 P  P     . DA  A 1 14 ? 3.674   -24.388 -1.060  1.00 67.34 ? 15  DA  A P     1 
ATOM   268 O  OP1   . DA  A 1 14 ? 3.030   -24.440 0.286   1.00 68.07 ? 15  DA  A OP1   1 
ATOM   269 O  OP2   . DA  A 1 14 ? 4.971   -23.682 -1.233  1.00 73.37 ? 15  DA  A OP2   1 
ATOM   270 O  "O5'" . DA  A 1 14 ? 3.825   -25.868 -1.617  1.00 61.86 ? 15  DA  A "O5'" 1 
ATOM   271 C  "C5'" . DA  A 1 14 ? 2.708   -26.740 -1.645  1.00 65.02 ? 15  DA  A "C5'" 1 
ATOM   272 C  "C4'" . DA  A 1 14 ? 3.169   -28.176 -1.710  1.00 65.37 ? 15  DA  A "C4'" 1 
ATOM   273 O  "O4'" . DA  A 1 14 ? 4.029   -28.465 -0.573  1.00 66.52 ? 15  DA  A "O4'" 1 
ATOM   274 C  "C3'" . DA  A 1 14 ? 2.014   -29.173 -1.627  1.00 68.43 ? 15  DA  A "C3'" 1 
ATOM   275 O  "O3'" . DA  A 1 14 ? 2.314   -30.378 -2.340  1.00 80.86 ? 15  DA  A "O3'" 1 
ATOM   276 C  "C2'" . DA  A 1 14 ? 2.001   -29.537 -0.156  1.00 60.25 ? 15  DA  A "C2'" 1 
ATOM   277 C  "C1'" . DA  A 1 14 ? 3.491   -29.561 0.141   1.00 45.22 ? 15  DA  A "C1'" 1 
ATOM   278 N  N9    . DA  A 1 14 ? 3.815   -29.427 1.562   1.00 38.55 ? 15  DA  A N9    1 
ATOM   279 C  C8    . DA  A 1 14 ? 3.535   -28.387 2.408   1.00 35.09 ? 15  DA  A C8    1 
ATOM   280 N  N7    . DA  A 1 14 ? 3.868   -28.618 3.657   1.00 44.62 ? 15  DA  A N7    1 
ATOM   281 C  C5    . DA  A 1 14 ? 4.430   -29.889 3.629   1.00 40.88 ? 15  DA  A C5    1 
ATOM   282 C  C6    . DA  A 1 14 ? 4.972   -30.725 4.642   1.00 41.83 ? 15  DA  A C6    1 
ATOM   283 N  N6    . DA  A 1 14 ? 5.043   -30.392 5.933   1.00 43.68 ? 15  DA  A N6    1 
ATOM   284 N  N1    . DA  A 1 14 ? 5.437   -31.938 4.271   1.00 39.17 ? 15  DA  A N1    1 
ATOM   285 C  C2    . DA  A 1 14 ? 5.361   -32.285 2.977   1.00 40.25 ? 15  DA  A C2    1 
ATOM   286 N  N3    . DA  A 1 14 ? 4.879   -31.593 1.941   1.00 42.99 ? 15  DA  A N3    1 
ATOM   287 C  C4    . DA  A 1 14 ? 4.423   -30.391 2.339   1.00 38.57 ? 15  DA  A C4    1 
ATOM   288 O  "O5'" . DA  B 2 1  ? -11.670 -17.040 -12.217 1.00 57.09 ? 16  DA  B "O5'" 1 
ATOM   289 C  "C5'" . DA  B 2 1  ? -12.984 -16.497 -12.120 1.00 68.02 ? 16  DA  B "C5'" 1 
ATOM   290 C  "C4'" . DA  B 2 1  ? -13.619 -16.373 -10.751 1.00 57.17 ? 16  DA  B "C4'" 1 
ATOM   291 O  "O4'" . DA  B 2 1  ? -13.839 -17.698 -10.201 1.00 46.00 ? 16  DA  B "O4'" 1 
ATOM   292 C  "C3'" A DA  B 2 1  ? -13.082 -15.538 -9.584  0.50 60.02 ? 16  DA  B "C3'" 1 
ATOM   293 C  "C3'" B DA  B 2 1  ? -12.563 -15.691 -9.873  0.50 51.92 ? 16  DA  B "C3'" 1 
ATOM   294 O  "O3'" A DA  B 2 1  ? -14.248 -14.950 -8.957  0.50 58.13 ? 16  DA  B "O3'" 1 
ATOM   295 O  "O3'" B DA  B 2 1  ? -12.792 -14.342 -9.478  0.50 40.53 ? 16  DA  B "O3'" 1 
ATOM   296 C  "C2'" . DA  B 2 1  ? -12.425 -16.572 -8.660  1.00 51.37 ? 16  DA  B "C2'" 1 
ATOM   297 C  "C1'" . DA  B 2 1  ? -13.167 -17.869 -8.964  1.00 23.13 ? 16  DA  B "C1'" 1 
ATOM   298 N  N9    . DA  B 2 1  ? -12.083 -18.807 -9.205  1.00 27.32 ? 16  DA  B N9    1 
ATOM   299 C  C8    . DA  B 2 1  ? -11.565 -19.194 -10.418 1.00 30.25 ? 16  DA  B C8    1 
ATOM   300 N  N7    . DA  B 2 1  ? -10.468 -19.908 -10.324 1.00 34.55 ? 16  DA  B N7    1 
ATOM   301 C  C5    . DA  B 2 1  ? -10.275 -20.037 -8.961  1.00 31.39 ? 16  DA  B C5    1 
ATOM   302 C  C6    . DA  B 2 1  ? -9.313  -20.704 -8.221  1.00 25.47 ? 16  DA  B C6    1 
ATOM   303 N  N6    . DA  B 2 1  ? -8.298  -21.367 -8.766  1.00 38.01 ? 16  DA  B N6    1 
ATOM   304 N  N1    . DA  B 2 1  ? -9.429  -20.679 -6.879  1.00 19.74 ? 16  DA  B N1    1 
ATOM   305 C  C2    . DA  B 2 1  ? -10.457 -20.019 -6.331  1.00 13.98 ? 16  DA  B C2    1 
ATOM   306 N  N3    . DA  B 2 1  ? -11.436 -19.345 -6.925  1.00 15.70 ? 16  DA  B N3    1 
ATOM   307 C  C4    . DA  B 2 1  ? -11.286 -19.393 -8.257  1.00 24.53 ? 16  DA  B C4    1 
ATOM   308 P  P     A DT  B 2 2  ? -14.095 -14.045 -7.639  0.50 62.57 ? 17  DT  B P     1 
ATOM   309 P  P     B DT  B 2 2  ? -11.514 -13.403 -9.146  0.50 21.88 ? 17  DT  B P     1 
ATOM   310 O  OP1   A DT  B 2 2  ? -15.267 -14.249 -6.755  0.50 54.21 ? 17  DT  B OP1   1 
ATOM   311 O  OP1   B DT  B 2 2  ? -11.988 -12.003 -9.010  0.50 26.61 ? 17  DT  B OP1   1 
ATOM   312 O  OP2   A DT  B 2 2  ? -13.727 -12.668 -8.057  0.50 61.55 ? 17  DT  B OP2   1 
ATOM   313 O  OP2   B DT  B 2 2  ? -10.434 -13.709 -10.114 0.50 19.39 ? 17  DT  B OP2   1 
ATOM   314 O  "O5'" A DT  B 2 2  ? -12.853 -14.705 -6.916  0.50 43.16 ? 17  DT  B "O5'" 1 
ATOM   315 O  "O5'" B DT  B 2 2  ? -11.008 -13.905 -7.707  0.50 21.05 ? 17  DT  B "O5'" 1 
ATOM   316 C  "C5'" A DT  B 2 2  ? -11.699 -13.952 -6.662  0.50 40.76 ? 17  DT  B "C5'" 1 
ATOM   317 C  "C5'" B DT  B 2 2  ? -11.918 -13.951 -6.603  0.50 25.51 ? 17  DT  B "C5'" 1 
ATOM   318 C  "C4'" A DT  B 2 2  ? -11.220 -14.252 -5.269  0.50 39.75 ? 17  DT  B "C4'" 1 
ATOM   319 C  "C4'" B DT  B 2 2  ? -11.223 -14.257 -5.288  0.50 38.17 ? 17  DT  B "C4'" 1 
ATOM   320 O  "O4'" . DT  B 2 2  ? -10.760 -15.625 -5.220  1.00 21.79 ? 17  DT  B "O4'" 1 
ATOM   321 C  "C3'" . DT  B 2 2  ? -10.052 -13.376 -4.845  1.00 40.19 ? 17  DT  B "C3'" 1 
ATOM   322 O  "O3'" . DT  B 2 2  ? -10.229 -12.993 -3.502  1.00 64.50 ? 17  DT  B "O3'" 1 
ATOM   323 C  "C2'" . DT  B 2 2  ? -8.854  -14.287 -4.942  1.00 48.63 ? 17  DT  B "C2'" 1 
ATOM   324 C  "C1'" . DT  B 2 2  ? -9.432  -15.672 -4.727  1.00 34.28 ? 17  DT  B "C1'" 1 
ATOM   325 N  N1    . DT  B 2 2  ? -8.679  -16.614 -5.556  1.00 26.22 ? 17  DT  B N1    1 
ATOM   326 C  C2    . DT  B 2 2  ? -7.787  -17.452 -4.938  1.00 21.92 ? 17  DT  B C2    1 
ATOM   327 O  O2    . DT  B 2 2  ? -7.668  -17.516 -3.727  1.00 36.60 ? 17  DT  B O2    1 
ATOM   328 N  N3    . DT  B 2 2  ? -7.025  -18.215 -5.795  1.00 15.82 ? 17  DT  B N3    1 
ATOM   329 C  C4    . DT  B 2 2  ? -7.078  -18.223 -7.170  1.00 19.80 ? 17  DT  B C4    1 
ATOM   330 O  O4    . DT  B 2 2  ? -6.319  -18.954 -7.804  1.00 31.87 ? 17  DT  B O4    1 
ATOM   331 C  C5    . DT  B 2 2  ? -8.074  -17.329 -7.753  1.00 14.60 ? 17  DT  B C5    1 
ATOM   332 C  C7    . DT  B 2 2  ? -8.198  -17.254 -9.241  1.00 12.59 ? 17  DT  B C7    1 
ATOM   333 C  C6    . DT  B 2 2  ? -8.826  -16.600 -6.928  1.00 20.42 ? 17  DT  B C6    1 
HETATM 334 BR BR    . CBR B 2 3  ? -6.134  -14.226 -7.354  0.66 42.14 ? 18  CBR B BR    1 
HETATM 335 P  P     . CBR B 2 3  ? -9.501  -11.687 -2.972  1.00 73.77 ? 18  CBR B P     1 
HETATM 336 O  OP1   . CBR B 2 3  ? -10.412 -11.121 -1.942  1.00 59.95 ? 18  CBR B OP1   1 
HETATM 337 O  OP2   . CBR B 2 3  ? -9.082  -10.869 -4.148  1.00 61.29 ? 18  CBR B OP2   1 
HETATM 338 O  "O5'" . CBR B 2 3  ? -8.226  -12.299 -2.266  1.00 47.28 ? 18  CBR B "O5'" 1 
HETATM 339 N  N1    . CBR B 2 3  ? -4.847  -14.978 -3.525  1.00 23.23 ? 18  CBR B N1    1 
HETATM 340 C  C6    . CBR B 2 3  ? -5.482  -14.452 -4.606  1.00 16.44 ? 18  CBR B C6    1 
HETATM 341 C  C2    . CBR B 2 3  ? -3.906  -16.008 -3.681  1.00 29.23 ? 18  CBR B C2    1 
HETATM 342 O  O2    . CBR B 2 3  ? -3.316  -16.423 -2.681  1.00 34.62 ? 18  CBR B O2    1 
HETATM 343 N  N3    . CBR B 2 3  ? -3.664  -16.508 -4.923  1.00 24.48 ? 18  CBR B N3    1 
HETATM 344 C  C4    . CBR B 2 3  ? -4.309  -15.991 -5.977  1.00 25.41 ? 18  CBR B C4    1 
HETATM 345 N  N4    . CBR B 2 3  ? -4.047  -16.502 -7.191  1.00 31.04 ? 18  CBR B N4    1 
HETATM 346 C  C5    . CBR B 2 3  ? -5.256  -14.919 -5.830  1.00 15.18 ? 18  CBR B C5    1 
HETATM 347 C  "C2'" . CBR B 2 3  ? -5.092  -12.992 -1.987  1.00 20.27 ? 18  CBR B "C2'" 1 
HETATM 348 C  "C5'" . CBR B 2 3  ? -8.390  -13.399 -1.411  1.00 35.34 ? 18  CBR B "C5'" 1 
HETATM 349 C  "C4'" . CBR B 2 3  ? -7.047  -13.901 -0.962  1.00 24.48 ? 18  CBR B "C4'" 1 
HETATM 350 O  "O4'" . CBR B 2 3  ? -6.495  -14.850 -1.904  1.00 31.58 ? 18  CBR B "O4'" 1 
HETATM 351 C  "C1'" . CBR B 2 3  ? -5.153  -14.497 -2.178  1.00 14.98 ? 18  CBR B "C1'" 1 
HETATM 352 C  "C3'" . CBR B 2 3  ? -6.011  -12.794 -0.793  1.00 21.53 ? 18  CBR B "C3'" 1 
HETATM 353 O  "O3'" . CBR B 2 3  ? -5.329  -12.769 0.409   1.00 25.19 ? 18  CBR B "O3'" 1 
ATOM   354 P  P     . DT  B 2 4  ? -4.290  -11.769 1.331   1.00 44.70 ? 19  DT  B P     1 
ATOM   355 O  OP1   . DT  B 2 4  ? -4.565  -11.720 2.789   1.00 45.93 ? 19  DT  B OP1   1 
ATOM   356 O  OP2   . DT  B 2 4  ? -4.469  -10.560 0.494   1.00 27.12 ? 19  DT  B OP2   1 
ATOM   357 O  "O5'" . DT  B 2 4  ? -2.843  -12.365 1.104   1.00 24.66 ? 19  DT  B "O5'" 1 
ATOM   358 C  "C5'" . DT  B 2 4  ? -2.633  -13.431 0.205   1.00 35.84 ? 19  DT  B "C5'" 1 
ATOM   359 C  "C4'" . DT  B 2 4  ? -1.313  -13.949 0.497   1.00 37.02 ? 19  DT  B "C4'" 1 
ATOM   360 O  "O4'" . DT  B 2 4  ? -1.193  -14.741 -0.672  1.00 53.59 ? 19  DT  B "O4'" 1 
ATOM   361 C  "C3'" . DT  B 2 4  ? -0.239  -13.032 0.710   1.00 45.07 ? 19  DT  B "C3'" 1 
ATOM   362 O  "O3'" . DT  B 2 4  ? 0.805   -13.413 1.607   1.00 34.57 ? 19  DT  B "O3'" 1 
ATOM   363 C  "C2'" . DT  B 2 4  ? 0.274   -12.917 -0.719  1.00 41.00 ? 19  DT  B "C2'" 1 
ATOM   364 C  "C1'" . DT  B 2 4  ? -0.043  -14.270 -1.347  1.00 43.07 ? 19  DT  B "C1'" 1 
ATOM   365 N  N1    . DT  B 2 4  ? -0.384  -14.229 -2.779  1.00 22.36 ? 19  DT  B N1    1 
ATOM   366 C  C2    . DT  B 2 4  ? 0.222   -15.126 -3.632  1.00 25.15 ? 19  DT  B C2    1 
ATOM   367 O  O2    . DT  B 2 4  ? 1.136   -15.865 -3.277  1.00 36.14 ? 19  DT  B O2    1 
ATOM   368 N  N3    . DT  B 2 4  ? -0.254  -15.101 -4.932  1.00 18.08 ? 19  DT  B N3    1 
ATOM   369 C  C4    . DT  B 2 4  ? -1.202  -14.237 -5.451  1.00 24.05 ? 19  DT  B C4    1 
ATOM   370 O  O4    . DT  B 2 4  ? -1.537  -14.313 -6.640  1.00 27.95 ? 19  DT  B O4    1 
ATOM   371 C  C5    . DT  B 2 4  ? -1.739  -13.276 -4.506  1.00 21.65 ? 19  DT  B C5    1 
ATOM   372 C  C7    . DT  B 2 4  ? -2.742  -12.279 -4.985  1.00 30.54 ? 19  DT  B C7    1 
ATOM   373 C  C6    . DT  B 2 4  ? -1.314  -13.327 -3.238  1.00 19.89 ? 19  DT  B C6    1 
ATOM   374 P  P     . DT  B 2 5  ? 2.027   -12.407 1.894   1.00 39.80 ? 20  DT  B P     1 
ATOM   375 O  OP1   . DT  B 2 5  ? 2.441   -12.550 3.309   1.00 24.96 ? 20  DT  B OP1   1 
ATOM   376 O  OP2   . DT  B 2 5  ? 1.699   -11.063 1.370   1.00 37.51 ? 20  DT  B OP2   1 
ATOM   377 O  "O5'" . DT  B 2 5  ? 3.198   -13.053 1.038   1.00 33.77 ? 20  DT  B "O5'" 1 
ATOM   378 C  "C5'" . DT  B 2 5  ? 3.583   -14.403 1.284   1.00 32.06 ? 20  DT  B "C5'" 1 
ATOM   379 C  "C4'" . DT  B 2 5  ? 4.590   -14.873 0.263   1.00 26.27 ? 20  DT  B "C4'" 1 
ATOM   380 O  "O4'" . DT  B 2 5  ? 3.942   -15.037 -1.024  1.00 38.67 ? 20  DT  B "O4'" 1 
ATOM   381 C  "C3'" . DT  B 2 5  ? 5.734   -13.877 0.057   1.00 44.02 ? 20  DT  B "C3'" 1 
ATOM   382 O  "O3'" . DT  B 2 5  ? 6.998   -14.453 0.330   1.00 40.25 ? 20  DT  B "O3'" 1 
ATOM   383 C  "C2'" . DT  B 2 5  ? 5.635   -13.452 -1.399  1.00 30.17 ? 20  DT  B "C2'" 1 
ATOM   384 C  "C1'" . DT  B 2 5  ? 4.781   -14.527 -2.048  1.00 23.51 ? 20  DT  B "C1'" 1 
ATOM   385 N  N1    . DT  B 2 5  ? 3.919   -13.983 -3.125  1.00 22.07 ? 20  DT  B N1    1 
ATOM   386 C  C2    . DT  B 2 5  ? 3.893   -14.639 -4.336  1.00 25.59 ? 20  DT  B C2    1 
ATOM   387 O  O2    . DT  B 2 5  ? 4.545   -15.640 -4.564  1.00 35.88 ? 20  DT  B O2    1 
ATOM   388 N  N3    . DT  B 2 5  ? 3.078   -14.068 -5.280  1.00 24.98 ? 20  DT  B N3    1 
ATOM   389 C  C4    . DT  B 2 5  ? 2.314   -12.929 -5.139  1.00 33.05 ? 20  DT  B C4    1 
ATOM   390 O  O4    . DT  B 2 5  ? 1.628   -12.537 -6.063  1.00 36.84 ? 20  DT  B O4    1 
ATOM   391 C  C5    . DT  B 2 5  ? 2.395   -12.290 -3.861  1.00 28.36 ? 20  DT  B C5    1 
ATOM   392 C  C7    . DT  B 2 5  ? 1.604   -11.041 -3.631  1.00 33.48 ? 20  DT  B C7    1 
ATOM   393 C  C6    . DT  B 2 5  ? 3.180   -12.843 -2.924  1.00 19.71 ? 20  DT  B C6    1 
ATOM   394 P  P     . DA  B 2 6  ? 8.271   -13.495 0.502   1.00 48.87 ? 21  DA  B P     1 
ATOM   395 O  OP1   . DA  B 2 6  ? 9.090   -13.897 1.688   1.00 44.40 ? 21  DA  B OP1   1 
ATOM   396 O  OP2   . DA  B 2 6  ? 7.763   -12.115 0.400   1.00 23.82 ? 21  DA  B OP2   1 
ATOM   397 O  "O5'" . DA  B 2 6  ? 9.125   -13.880 -0.781  1.00 53.99 ? 21  DA  B "O5'" 1 
ATOM   398 C  "C5'" . DA  B 2 6  ? 9.373   -15.252 -1.052  1.00 46.91 ? 21  DA  B "C5'" 1 
ATOM   399 C  "C4'" . DA  B 2 6  ? 9.841   -15.429 -2.472  1.00 45.55 ? 21  DA  B "C4'" 1 
ATOM   400 O  "O4'" . DA  B 2 6  ? 8.787   -15.015 -3.373  1.00 34.66 ? 21  DA  B "O4'" 1 
ATOM   401 C  "C3'" . DA  B 2 6  ? 11.067  -14.598 -2.833  1.00 40.07 ? 21  DA  B "C3'" 1 
ATOM   402 O  "O3'" . DA  B 2 6  ? 11.938  -15.406 -3.620  1.00 50.03 ? 21  DA  B "O3'" 1 
ATOM   403 C  "C2'" . DA  B 2 6  ? 10.488  -13.419 -3.601  1.00 30.52 ? 21  DA  B "C2'" 1 
ATOM   404 C  "C1'" . DA  B 2 6  ? 9.255   -14.010 -4.259  1.00 20.06 ? 21  DA  B "C1'" 1 
ATOM   405 N  N9    . DA  B 2 6  ? 8.159   -13.062 -4.470  1.00 25.92 ? 21  DA  B N9    1 
ATOM   406 C  C8    . DA  B 2 6  ? 7.700   -12.112 -3.584  1.00 32.18 ? 21  DA  B C8    1 
ATOM   407 N  N7    . DA  B 2 6  ? 6.692   -11.407 -4.042  1.00 30.46 ? 21  DA  B N7    1 
ATOM   408 C  C5    . DA  B 2 6  ? 6.472   -11.919 -5.315  1.00 20.72 ? 21  DA  B C5    1 
ATOM   409 C  C6    . DA  B 2 6  ? 5.537   -11.578 -6.337  1.00 17.82 ? 21  DA  B C6    1 
ATOM   410 N  N6    . DA  B 2 6  ? 4.623   -10.613 -6.213  1.00 18.05 ? 21  DA  B N6    1 
ATOM   411 N  N1    . DA  B 2 6  ? 5.589   -12.278 -7.504  1.00 14.94 ? 21  DA  B N1    1 
ATOM   412 C  C2    . DA  B 2 6  ? 6.520   -13.250 -7.619  1.00 26.84 ? 21  DA  B C2    1 
ATOM   413 N  N3    . DA  B 2 6  ? 7.443   -13.656 -6.730  1.00 25.09 ? 21  DA  B N3    1 
ATOM   414 C  C4    . DA  B 2 6  ? 7.366   -12.940 -5.593  1.00 15.95 ? 21  DA  B C4    1 
ATOM   415 P  P     . DT  B 2 7  ? 13.201  -14.748 -4.345  1.00 46.03 ? 22  DT  B P     1 
ATOM   416 O  OP1   . DT  B 2 7  ? 14.300  -15.733 -4.275  1.00 33.83 ? 22  DT  B OP1   1 
ATOM   417 O  OP2   . DT  B 2 7  ? 13.421  -13.377 -3.839  1.00 59.00 ? 22  DT  B OP2   1 
ATOM   418 O  "O5'" . DT  B 2 7  ? 12.708  -14.649 -5.850  1.00 39.28 ? 22  DT  B "O5'" 1 
ATOM   419 C  "C5'" . DT  B 2 7  ? 12.260  -15.809 -6.527  1.00 26.60 ? 22  DT  B "C5'" 1 
ATOM   420 C  "C4'" . DT  B 2 7  ? 12.020  -15.490 -7.981  1.00 34.25 ? 22  DT  B "C4'" 1 
ATOM   421 O  "O4'" . DT  B 2 7  ? 10.872  -14.612 -8.115  1.00 41.73 ? 22  DT  B "O4'" 1 
ATOM   422 C  "C3'" . DT  B 2 7  ? 13.186  -14.810 -8.716  1.00 28.74 ? 22  DT  B "C3'" 1 
ATOM   423 O  "O3'" . DT  B 2 7  ? 13.302  -15.430 -10.000 1.00 50.01 ? 22  DT  B "O3'" 1 
ATOM   424 C  "C2'" . DT  B 2 7  ? 12.729  -13.365 -8.864  1.00 27.36 ? 22  DT  B "C2'" 1 
ATOM   425 C  "C1'" . DT  B 2 7  ? 11.207  -13.496 -8.938  1.00 20.23 ? 22  DT  B "C1'" 1 
ATOM   426 N  N1    . DT  B 2 7  ? 10.430  -12.332 -8.454  1.00 21.98 ? 22  DT  B N1    1 
ATOM   427 C  C2    . DT  B 2 7  ? 9.404   -11.832 -9.247  1.00 26.48 ? 22  DT  B C2    1 
ATOM   428 O  O2    . DT  B 2 7  ? 9.133   -12.269 -10.350 1.00 26.68 ? 22  DT  B O2    1 
ATOM   429 N  N3    . DT  B 2 7  ? 8.699   -10.796 -8.687  1.00 25.15 ? 22  DT  B N3    1 
ATOM   430 C  C4    . DT  B 2 7  ? 8.913   -10.213 -7.444  1.00 21.08 ? 22  DT  B C4    1 
ATOM   431 O  O4    . DT  B 2 7  ? 8.183   -9.304  -7.064  1.00 21.48 ? 22  DT  B O4    1 
ATOM   432 C  C5    . DT  B 2 7  ? 10.025  -10.760 -6.690  1.00 10.00 ? 22  DT  B C5    1 
ATOM   433 C  C7    . DT  B 2 7  ? 10.366  -10.173 -5.356  1.00 14.42 ? 22  DT  B C7    1 
ATOM   434 C  C6    . DT  B 2 7  ? 10.712  -11.781 -7.228  1.00 23.84 ? 22  DT  B C6    1 
ATOM   435 P  P     . DC  B 2 8  ? 14.632  -15.252 -10.878 1.00 44.35 ? 23  DC  B P     1 
ATOM   436 O  OP1   . DC  B 2 8  ? 14.696  -16.467 -11.729 1.00 41.61 ? 23  DC  B OP1   1 
ATOM   437 O  OP2   . DC  B 2 8  ? 15.808  -14.889 -10.036 1.00 31.27 ? 23  DC  B OP2   1 
ATOM   438 O  "O5'" . DC  B 2 8  ? 14.245  -14.048 -11.839 1.00 35.08 ? 23  DC  B "O5'" 1 
ATOM   439 C  "C5'" . DC  B 2 8  ? 13.199  -14.219 -12.781 1.00 38.49 ? 23  DC  B "C5'" 1 
ATOM   440 C  "C4'" . DC  B 2 8  ? 12.870  -12.902 -13.432 1.00 41.58 ? 23  DC  B "C4'" 1 
ATOM   441 O  "O4'" . DC  B 2 8  ? 12.163  -12.036 -12.509 1.00 45.24 ? 23  DC  B "O4'" 1 
ATOM   442 C  "C3'" . DC  B 2 8  ? 14.111  -12.125 -13.870 1.00 46.23 ? 23  DC  B "C3'" 1 
ATOM   443 O  "O3'" . DC  B 2 8  ? 13.847  -11.466 -15.107 1.00 40.93 ? 23  DC  B "O3'" 1 
ATOM   444 C  "C2'" . DC  B 2 8  ? 14.259  -11.077 -12.789 1.00 41.98 ? 23  DC  B "C2'" 1 
ATOM   445 C  "C1'" . DC  B 2 8  ? 12.797  -10.774 -12.542 1.00 35.60 ? 23  DC  B "C1'" 1 
ATOM   446 N  N1    . DC  B 2 8  ? 12.510  -10.069 -11.295 1.00 20.58 ? 23  DC  B N1    1 
ATOM   447 C  C2    . DC  B 2 8  ? 11.377  -9.225  -11.242 1.00 20.95 ? 23  DC  B C2    1 
ATOM   448 O  O2    . DC  B 2 8  ? 10.673  -9.093  -12.266 1.00 22.91 ? 23  DC  B O2    1 
ATOM   449 N  N3    . DC  B 2 8  ? 11.094  -8.568  -10.087 1.00 14.61 ? 23  DC  B N3    1 
ATOM   450 C  C4    . DC  B 2 8  ? 11.893  -8.722  -9.025  1.00 22.84 ? 23  DC  B C4    1 
ATOM   451 N  N4    . DC  B 2 8  ? 11.552  -8.099  -7.897  1.00 22.80 ? 23  DC  B N4    1 
ATOM   452 C  C5    . DC  B 2 8  ? 13.074  -9.549  -9.071  1.00 10.63 ? 23  DC  B C5    1 
ATOM   453 C  C6    . DC  B 2 8  ? 13.328  -10.204 -10.207 1.00 15.15 ? 23  DC  B C6    1 
ATOM   454 P  P     . DA  B 2 9  ? 14.876  -11.639 -16.328 1.00 42.40 ? 24  DA  B P     1 
ATOM   455 O  OP1   . DA  B 2 9  ? 14.755  -13.045 -16.775 1.00 43.27 ? 24  DA  B OP1   1 
ATOM   456 O  OP2   . DA  B 2 9  ? 16.202  -11.134 -15.876 1.00 38.53 ? 24  DA  B OP2   1 
ATOM   457 O  "O5'" . DA  B 2 9  ? 14.245  -10.694 -17.446 1.00 28.76 ? 24  DA  B "O5'" 1 
ATOM   458 C  "C5'" . DA  B 2 9  ? 12.896  -10.895 -17.868 1.00 24.77 ? 24  DA  B "C5'" 1 
ATOM   459 C  "C4'" . DA  B 2 9  ? 12.188  -9.568  -18.059 1.00 35.95 ? 24  DA  B "C4'" 1 
ATOM   460 O  "O4'" . DA  B 2 9  ? 11.891  -8.948  -16.787 1.00 44.89 ? 24  DA  B "O4'" 1 
ATOM   461 C  "C3'" . DA  B 2 9  ? 12.924  -8.513  -18.880 1.00 31.70 ? 24  DA  B "C3'" 1 
ATOM   462 O  "O3'" . DA  B 2 9  ? 11.989  -7.853  -19.742 1.00 41.21 ? 24  DA  B "O3'" 1 
ATOM   463 C  "C2'" . DA  B 2 9  ? 13.478  -7.564  -17.823 1.00 44.47 ? 24  DA  B "C2'" 1 
ATOM   464 C  "C1'" . DA  B 2 9  ? 12.448  -7.646  -16.703 1.00 36.86 ? 24  DA  B "C1'" 1 
ATOM   465 N  N9    . DA  B 2 9  ? 12.985  -7.496  -15.344 1.00 35.14 ? 24  DA  B N9    1 
ATOM   466 C  C8    . DA  B 2 9  ? 14.098  -8.109  -14.811 1.00 36.97 ? 24  DA  B C8    1 
ATOM   467 N  N7    . DA  B 2 9  ? 14.307  -7.817  -13.542 1.00 30.24 ? 24  DA  B N7    1 
ATOM   468 C  C5    . DA  B 2 9  ? 13.269  -6.949  -13.224 1.00 31.04 ? 24  DA  B C5    1 
ATOM   469 C  C6    . DA  B 2 9  ? 12.920  -6.282  -12.030 1.00 30.66 ? 24  DA  B C6    1 
ATOM   470 N  N6    . DA  B 2 9  ? 13.590  -6.410  -10.889 1.00 34.22 ? 24  DA  B N6    1 
ATOM   471 N  N1    . DA  B 2 9  ? 11.840  -5.478  -12.052 1.00 25.05 ? 24  DA  B N1    1 
ATOM   472 C  C2    . DA  B 2 9  ? 11.150  -5.374  -13.182 1.00 23.32 ? 24  DA  B C2    1 
ATOM   473 N  N3    . DA  B 2 9  ? 11.366  -5.954  -14.363 1.00 26.28 ? 24  DA  B N3    1 
ATOM   474 C  C4    . DA  B 2 9  ? 12.456  -6.733  -14.322 1.00 28.91 ? 24  DA  B C4    1 
ATOM   475 P  P     . DA  B 2 10 ? 12.485  -6.648  -20.682 1.00 55.04 ? 25  DA  B P     1 
ATOM   476 O  OP1   . DA  B 2 10 ? 11.598  -6.610  -21.881 1.00 43.26 ? 25  DA  B OP1   1 
ATOM   477 O  OP2   . DA  B 2 10 ? 13.948  -6.754  -20.846 1.00 46.67 ? 25  DA  B OP2   1 
ATOM   478 O  "O5'" . DA  B 2 10 ? 12.218  -5.339  -19.827 1.00 52.50 ? 25  DA  B "O5'" 1 
ATOM   479 C  "C5'" . DA  B 2 10 ? 10.900  -4.885  -19.600 1.00 39.03 ? 25  DA  B "C5'" 1 
ATOM   480 C  "C4'" . DA  B 2 10 ? 10.935  -3.622  -18.780 1.00 25.04 ? 25  DA  B "C4'" 1 
ATOM   481 O  "O4'" . DA  B 2 10 ? 11.495  -3.893  -17.466 1.00 46.00 ? 25  DA  B "O4'" 1 
ATOM   482 C  "C3'" . DA  B 2 10 ? 11.792  -2.504  -19.371 1.00 39.47 ? 25  DA  B "C3'" 1 
ATOM   483 O  "O3'" . DA  B 2 10 ? 11.154  -1.267  -19.058 1.00 35.47 ? 25  DA  B "O3'" 1 
ATOM   484 C  "C2'" . DA  B 2 10 ? 13.075  -2.599  -18.564 1.00 35.11 ? 25  DA  B "C2'" 1 
ATOM   485 C  "C1'" . DA  B 2 10 ? 12.492  -2.922  -17.205 1.00 36.52 ? 25  DA  B "C1'" 1 
ATOM   486 N  N9    . DA  B 2 10 ? 13.402  -3.438  -16.183 1.00 26.98 ? 25  DA  B N9    1 
ATOM   487 C  C8    . DA  B 2 10 ? 14.499  -4.249  -16.310 1.00 29.70 ? 25  DA  B C8    1 
ATOM   488 N  N7    . DA  B 2 10 ? 15.123  -4.476  -15.177 1.00 25.99 ? 25  DA  B N7    1 
ATOM   489 C  C5    . DA  B 2 10 ? 14.376  -3.777  -14.241 1.00 15.94 ? 25  DA  B C5    1 
ATOM   490 C  C6    . DA  B 2 10 ? 14.527  -3.581  -12.857 1.00 27.14 ? 25  DA  B C6    1 
ATOM   491 N  N6    . DA  B 2 10 ? 15.524  -4.100  -12.139 1.00 30.29 ? 25  DA  B N6    1 
ATOM   492 N  N1    . DA  B 2 10 ? 13.611  -2.813  -12.226 1.00 27.28 ? 25  DA  B N1    1 
ATOM   493 C  C2    . DA  B 2 10 ? 12.620  -2.284  -12.941 1.00 26.19 ? 25  DA  B C2    1 
ATOM   494 N  N3    . DA  B 2 10 ? 12.373  -2.382  -14.241 1.00 34.46 ? 25  DA  B N3    1 
ATOM   495 C  C4    . DA  B 2 10 ? 13.304  -3.147  -14.843 1.00 27.56 ? 25  DA  B C4    1 
ATOM   496 P  P     . DA  B 2 11 ? 10.406  -0.446  -20.204 1.00 45.89 ? 26  DA  B P     1 
ATOM   497 O  OP1   . DA  B 2 11 ? 9.430   -1.340  -20.848 1.00 44.03 ? 26  DA  B OP1   1 
ATOM   498 O  OP2   . DA  B 2 11 ? 11.432  0.235   -21.028 1.00 52.70 ? 26  DA  B OP2   1 
ATOM   499 O  "O5'" . DA  B 2 11 ? 9.612   0.658   -19.384 1.00 46.84 ? 26  DA  B "O5'" 1 
ATOM   500 C  "C5'" . DA  B 2 11 ? 8.557   0.291   -18.515 1.00 42.46 ? 26  DA  B "C5'" 1 
ATOM   501 C  "C4'" . DA  B 2 11 ? 8.553   1.191   -17.305 1.00 43.01 ? 26  DA  B "C4'" 1 
ATOM   502 O  "O4'" . DA  B 2 11 ? 9.601   0.839   -16.370 1.00 34.33 ? 26  DA  B "O4'" 1 
ATOM   503 C  "C3'" . DA  B 2 11 ? 8.769   2.655   -17.645 1.00 35.36 ? 26  DA  B "C3'" 1 
ATOM   504 O  "O3'" . DA  B 2 11 ? 7.912   3.442   -16.826 1.00 22.45 ? 26  DA  B "O3'" 1 
ATOM   505 C  "C2'" . DA  B 2 11 ? 10.244  2.879   -17.332 1.00 33.01 ? 26  DA  B "C2'" 1 
ATOM   506 C  "C1'" . DA  B 2 11 ? 10.490  1.931   -16.168 1.00 18.02 ? 26  DA  B "C1'" 1 
ATOM   507 N  N9    . DA  B 2 11 ? 11.848  1.373   -16.091 1.00 27.96 ? 26  DA  B N9    1 
ATOM   508 C  C8    . DA  B 2 11 ? 12.597  0.896   -17.137 1.00 25.99 ? 26  DA  B C8    1 
ATOM   509 N  N7    . DA  B 2 11 ? 13.730  0.358   -16.771 1.00 25.00 ? 26  DA  B N7    1 
ATOM   510 C  C5    . DA  B 2 11 ? 13.751  0.507   -15.393 1.00 24.52 ? 26  DA  B C5    1 
ATOM   511 C  C6    . DA  B 2 11 ? 14.687  0.107   -14.401 1.00 31.52 ? 26  DA  B C6    1 
ATOM   512 N  N6    . DA  B 2 11 ? 15.799  -0.582  -14.658 1.00 33.06 ? 26  DA  B N6    1 
ATOM   513 N  N1    . DA  B 2 11 ? 14.418  0.428   -13.120 1.00 19.88 ? 26  DA  B N1    1 
ATOM   514 C  C2    . DA  B 2 11 ? 13.274  1.070   -12.856 1.00 32.03 ? 26  DA  B C2    1 
ATOM   515 N  N3    . DA  B 2 11 ? 12.308  1.466   -13.691 1.00 19.78 ? 26  DA  B N3    1 
ATOM   516 C  C4    . DA  B 2 11 ? 12.611  1.157   -14.959 1.00 20.93 ? 26  DA  B C4    1 
ATOM   517 P  P     . DA  B 2 12 ? 7.955   5.024   -16.953 1.00 42.36 ? 27  DA  B P     1 
ATOM   518 O  OP1   . DA  B 2 12 ? 6.624   5.524   -16.559 1.00 49.17 ? 27  DA  B OP1   1 
ATOM   519 O  OP2   . DA  B 2 12 ? 8.502   5.370   -18.290 1.00 56.62 ? 27  DA  B OP2   1 
ATOM   520 O  "O5'" . DA  B 2 12 ? 9.010   5.423   -15.837 1.00 36.67 ? 27  DA  B "O5'" 1 
ATOM   521 C  "C5'" . DA  B 2 12 ? 8.744   5.096   -14.476 1.00 43.66 ? 27  DA  B "C5'" 1 
ATOM   522 C  "C4'" . DA  B 2 12 ? 9.757   5.749   -13.574 1.00 35.11 ? 27  DA  B "C4'" 1 
ATOM   523 O  "O4'" . DA  B 2 12 ? 11.007  5.033   -13.630 1.00 43.99 ? 27  DA  B "O4'" 1 
ATOM   524 C  "C3'" . DA  B 2 12 ? 10.074  7.191   -13.938 1.00 35.62 ? 27  DA  B "C3'" 1 
ATOM   525 O  "O3'" . DA  B 2 12 ? 10.235  7.930   -12.717 1.00 38.46 ? 27  DA  B "O3'" 1 
ATOM   526 C  "C2'" . DA  B 2 12 ? 11.369  7.064   -14.721 1.00 27.37 ? 27  DA  B "C2'" 1 
ATOM   527 C  "C1'" . DA  B 2 12 ? 12.050  5.917   -14.002 1.00 27.46 ? 27  DA  B "C1'" 1 
ATOM   528 N  N9    . DA  B 2 12 ? 13.026  5.140   -14.769 1.00 32.35 ? 27  DA  B N9    1 
ATOM   529 C  C8    . DA  B 2 12 ? 13.003  4.810   -16.102 1.00 25.52 ? 27  DA  B C8    1 
ATOM   530 N  N7    . DA  B 2 12 ? 13.999  4.034   -16.471 1.00 29.03 ? 27  DA  B N7    1 
ATOM   531 C  C5    . DA  B 2 12 ? 14.737  3.855   -15.304 1.00 25.98 ? 27  DA  B C5    1 
ATOM   532 C  C6    . DA  B 2 12 ? 15.909  3.111   -15.012 1.00 27.20 ? 27  DA  B C6    1 
ATOM   533 N  N6    . DA  B 2 12 ? 16.567  2.379   -15.906 1.00 40.07 ? 27  DA  B N6    1 
ATOM   534 N  N1    . DA  B 2 12 ? 16.376  3.146   -13.746 1.00 20.96 ? 27  DA  B N1    1 
ATOM   535 C  C2    . DA  B 2 12 ? 15.708  3.870   -12.843 1.00 32.22 ? 27  DA  B C2    1 
ATOM   536 N  N3    . DA  B 2 12 ? 14.601  4.595   -12.988 1.00 28.25 ? 27  DA  B N3    1 
ATOM   537 C  C4    . DA  B 2 12 ? 14.159  4.547   -14.254 1.00 28.97 ? 27  DA  B C4    1 
ATOM   538 P  P     . DA  B 2 13 ? 10.069  9.524   -12.712 1.00 55.73 ? 28  DA  B P     1 
ATOM   539 O  OP1   . DA  B 2 13 ? 9.118   9.896   -11.642 1.00 64.40 ? 28  DA  B OP1   1 
ATOM   540 O  OP2   . DA  B 2 13 ? 9.813   9.969   -14.110 1.00 60.14 ? 28  DA  B OP2   1 
ATOM   541 O  "O5'" . DA  B 2 13 ? 11.528  9.973   -12.277 1.00 49.00 ? 28  DA  B "O5'" 1 
ATOM   542 C  "C5'" . DA  B 2 13 ? 12.579  9.035   -12.389 1.00 55.37 ? 28  DA  B "C5'" 1 
ATOM   543 C  "C4'" . DA  B 2 13 ? 13.831  9.526   -11.711 1.00 48.50 ? 28  DA  B "C4'" 1 
ATOM   544 O  "O4'" . DA  B 2 13 ? 14.765  8.431   -11.900 1.00 42.11 ? 28  DA  B "O4'" 1 
ATOM   545 C  "C3'" . DA  B 2 13 ? 14.447  10.757  -12.381 1.00 51.91 ? 28  DA  B "C3'" 1 
ATOM   546 O  "O3'" . DA  B 2 13 ? 15.122  11.628  -11.469 1.00 51.77 ? 28  DA  B "O3'" 1 
ATOM   547 C  "C2'" . DA  B 2 13 ? 15.462  10.172  -13.335 1.00 57.87 ? 28  DA  B "C2'" 1 
ATOM   548 C  "C1'" . DA  B 2 13 ? 15.844  8.838   -12.711 1.00 42.08 ? 28  DA  B "C1'" 1 
ATOM   549 N  N9    . DA  B 2 13 ? 16.047  7.862   -13.785 1.00 29.82 ? 28  DA  B N9    1 
ATOM   550 C  C8    . DA  B 2 13 ? 15.371  7.822   -14.980 1.00 30.44 ? 28  DA  B C8    1 
ATOM   551 N  N7    . DA  B 2 13 ? 15.934  7.046   -15.874 1.00 35.79 ? 28  DA  B N7    1 
ATOM   552 C  C5    . DA  B 2 13 ? 17.013  6.493   -15.200 1.00 19.57 ? 28  DA  B C5    1 
ATOM   553 C  C6    . DA  B 2 13 ? 18.015  5.621   -15.614 1.00 22.35 ? 28  DA  B C6    1 
ATOM   554 N  N6    . DA  B 2 13 ? 18.087  5.146   -16.860 1.00 31.81 ? 28  DA  B N6    1 
ATOM   555 N  N1    . DA  B 2 13 ? 18.952  5.251   -14.704 1.00 23.11 ? 28  DA  B N1    1 
ATOM   556 C  C2    . DA  B 2 13 ? 18.850  5.734   -13.459 1.00 28.29 ? 28  DA  B C2    1 
ATOM   557 N  N3    . DA  B 2 13 ? 17.938  6.571   -12.949 1.00 28.06 ? 28  DA  B N3    1 
ATOM   558 C  C4    . DA  B 2 13 ? 17.049  6.925   -13.889 1.00 20.64 ? 28  DA  B C4    1 
ATOM   559 P  P     . DC  B 2 14 ? 15.857  12.958  -12.030 1.00 53.70 ? 29  DC  B P     1 
ATOM   560 O  OP1   . DC  B 2 14 ? 15.746  14.000  -10.987 1.00 44.64 ? 29  DC  B OP1   1 
ATOM   561 O  OP2   . DC  B 2 14 ? 15.404  13.256  -13.411 1.00 33.54 ? 29  DC  B OP2   1 
ATOM   562 O  "O5'" . DC  B 2 14 ? 17.388  12.553  -12.095 1.00 46.51 ? 29  DC  B "O5'" 1 
ATOM   563 C  "C5'" . DC  B 2 14 ? 18.069  12.118  -10.925 1.00 46.49 ? 29  DC  B "C5'" 1 
ATOM   564 C  "C4'" . DC  B 2 14 ? 19.473  11.702  -11.279 1.00 42.91 ? 29  DC  B "C4'" 1 
ATOM   565 O  "O4'" . DC  B 2 14 ? 19.414  10.556  -12.175 1.00 40.88 ? 29  DC  B "O4'" 1 
ATOM   566 C  "C3'" . DC  B 2 14 ? 20.252  12.788  -12.029 1.00 43.71 ? 29  DC  B "C3'" 1 
ATOM   567 O  "O3'" . DC  B 2 14 ? 21.621  12.791  -11.620 1.00 49.12 ? 29  DC  B "O3'" 1 
ATOM   568 C  "C2'" . DC  B 2 14 ? 20.162  12.343  -13.480 1.00 42.73 ? 29  DC  B "C2'" 1 
ATOM   569 C  "C1'" . DC  B 2 14 ? 20.176  10.831  -13.335 1.00 35.68 ? 29  DC  B "C1'" 1 
ATOM   570 N  N1    . DC  B 2 14 ? 19.593  10.093  -14.473 1.00 26.05 ? 29  DC  B N1    1 
ATOM   571 C  C2    . DC  B 2 14 ? 20.305  9.000   -15.005 1.00 30.62 ? 29  DC  B C2    1 
ATOM   572 O  O2    . DC  B 2 14 ? 21.298  8.571   -14.401 1.00 34.86 ? 29  DC  B O2    1 
ATOM   573 N  N3    . DC  B 2 14 ? 19.873  8.424   -16.148 1.00 36.52 ? 29  DC  B N3    1 
ATOM   574 C  C4    . DC  B 2 14 ? 18.751  8.860   -16.731 1.00 38.78 ? 29  DC  B C4    1 
ATOM   575 N  N4    . DC  B 2 14 ? 18.394  8.292   -17.891 1.00 34.20 ? 29  DC  B N4    1 
ATOM   576 C  C5    . DC  B 2 14 ? 17.954  9.906   -16.156 1.00 32.01 ? 29  DC  B C5    1 
ATOM   577 C  C6    . DC  B 2 14 ? 18.408  10.486  -15.037 1.00 28.35 ? 29  DC  B C6    1 
ATOM   578 N  N     . GLY C 3 1  ? 18.388  6.484   -9.331  1.00 58.90 ? 139 GLY C N     1 
ATOM   579 C  CA    . GLY C 3 1  ? 17.468  5.338   -9.040  1.00 49.01 ? 139 GLY C CA    1 
ATOM   580 C  C     . GLY C 3 1  ? 16.017  5.689   -9.313  1.00 55.46 ? 139 GLY C C     1 
ATOM   581 O  O     . GLY C 3 1  ? 15.689  6.833   -9.620  1.00 43.56 ? 139 GLY C O     1 
ATOM   582 N  N     . ARG C 3 2  ? 15.130  4.709   -9.205  1.00 61.89 ? 140 ARG C N     1 
ATOM   583 C  CA    . ARG C 3 2  ? 13.727  4.988   -9.444  1.00 52.87 ? 140 ARG C CA    1 
ATOM   584 C  C     . ARG C 3 2  ? 13.005  5.344   -8.157  1.00 45.70 ? 140 ARG C C     1 
ATOM   585 O  O     . ARG C 3 2  ? 13.200  4.713   -7.116  1.00 42.16 ? 140 ARG C O     1 
ATOM   586 C  CB    . ARG C 3 2  ? 13.048  3.799   -10.099 1.00 51.10 ? 140 ARG C CB    1 
ATOM   587 C  CG    . ARG C 3 2  ? 11.579  4.025   -10.362 1.00 58.78 ? 140 ARG C CG    1 
ATOM   588 C  CD    . ARG C 3 2  ? 11.005  2.892   -11.178 1.00 45.99 ? 140 ARG C CD    1 
ATOM   589 N  NE    . ARG C 3 2  ? 9.558   2.970   -11.182 1.00 39.31 ? 140 ARG C NE    1 
ATOM   590 C  CZ    . ARG C 3 2  ? 8.766   2.198   -11.907 1.00 36.33 ? 140 ARG C CZ    1 
ATOM   591 N  NH1   . ARG C 3 2  ? 9.282   1.280   -12.701 1.00 27.86 ? 140 ARG C NH1   1 
ATOM   592 N  NH2   . ARG C 3 2  ? 7.453   2.354   -11.827 1.00 35.99 ? 140 ARG C NH2   1 
ATOM   593 N  N     . PRO C 3 3  ? 12.173  6.389   -8.205  1.00 39.48 ? 141 PRO C N     1 
ATOM   594 C  CA    . PRO C 3 3  ? 11.432  6.808   -7.016  1.00 36.04 ? 141 PRO C CA    1 
ATOM   595 C  C     . PRO C 3 3  ? 10.417  5.791   -6.529  1.00 31.89 ? 141 PRO C C     1 
ATOM   596 O  O     . PRO C 3 3  ? 9.895   4.992   -7.292  1.00 34.88 ? 141 PRO C O     1 
ATOM   597 C  CB    . PRO C 3 3  ? 10.783  8.123   -7.453  1.00 52.60 ? 141 PRO C CB    1 
ATOM   598 C  CG    . PRO C 3 3  ? 10.668  7.988   -8.932  1.00 46.24 ? 141 PRO C CG    1 
ATOM   599 C  CD    . PRO C 3 3  ? 11.985  7.352   -9.301  1.00 48.13 ? 141 PRO C CD    1 
ATOM   600 N  N     . ARG C 3 4  ? 10.156  5.821   -5.232  1.00 31.77 ? 142 ARG C N     1 
ATOM   601 C  CA    . ARG C 3 4  ? 9.196   4.917   -4.638  1.00 32.54 ? 142 ARG C CA    1 
ATOM   602 C  C     . ARG C 3 4  ? 7.807   5.305   -5.085  1.00 42.11 ? 142 ARG C C     1 
ATOM   603 O  O     . ARG C 3 4  ? 7.575   6.438   -5.496  1.00 47.55 ? 142 ARG C O     1 
ATOM   604 C  CB    . ARG C 3 4  ? 9.317   4.977   -3.130  1.00 27.36 ? 142 ARG C CB    1 
ATOM   605 C  CG    . ARG C 3 4  ? 10.635  4.407   -2.664  1.00 29.16 ? 142 ARG C CG    1 
ATOM   606 C  CD    . ARG C 3 4  ? 10.614  4.152   -1.169  1.00 22.29 ? 142 ARG C CD    1 
ATOM   607 N  NE    . ARG C 3 4  ? 11.771  3.379   -0.722  1.00 25.13 ? 142 ARG C NE    1 
ATOM   608 C  CZ    . ARG C 3 4  ? 11.725  2.067   -0.496  1.00 41.12 ? 142 ARG C CZ    1 
ATOM   609 N  NH1   . ARG C 3 4  ? 10.583  1.410   -0.685  1.00 52.92 ? 142 ARG C NH1   1 
ATOM   610 N  NH2   . ARG C 3 4  ? 12.802  1.412   -0.057  1.00 36.33 ? 142 ARG C NH2   1 
ATOM   611 N  N     . ALA C 3 5  ? 6.886   4.360   -5.016  1.00 44.61 ? 143 ALA C N     1 
ATOM   612 C  CA    . ALA C 3 5  ? 5.522   4.624   -5.422  1.00 48.21 ? 143 ALA C CA    1 
ATOM   613 C  C     . ALA C 3 5  ? 4.803   5.451   -4.371  1.00 50.00 ? 143 ALA C C     1 
ATOM   614 O  O     . ALA C 3 5  ? 3.997   6.328   -4.702  1.00 46.57 ? 143 ALA C O     1 
ATOM   615 C  CB    . ALA C 3 5  ? 4.792   3.313   -5.640  1.00 55.32 ? 143 ALA C CB    1 
ATOM   616 N  N     . ILE C 3 6  ? 5.096   5.160   -3.105  1.00 48.62 ? 144 ILE C N     1 
ATOM   617 C  CA    . ILE C 3 6  ? 4.476   5.862   -1.988  1.00 44.39 ? 144 ILE C CA    1 
ATOM   618 C  C     . ILE C 3 6  ? 5.510   6.410   -0.999  1.00 50.68 ? 144 ILE C C     1 
ATOM   619 O  O     . ILE C 3 6  ? 6.483   5.733   -0.647  1.00 48.99 ? 144 ILE C O     1 
ATOM   620 C  CB    . ILE C 3 6  ? 3.494   4.942   -1.206  1.00 45.45 ? 144 ILE C CB    1 
ATOM   621 C  CG1   . ILE C 3 6  ? 4.262   3.833   -0.474  1.00 32.00 ? 144 ILE C CG1   1 
ATOM   622 C  CG2   . ILE C 3 6  ? 2.486   4.323   -2.157  1.00 36.69 ? 144 ILE C CG2   1 
ATOM   623 C  CD1   . ILE C 3 6  ? 4.521   2.577   -1.298  1.00 32.81 ? 144 ILE C CD1   1 
ATOM   624 N  N     . ASN C 3 7  ? 5.302   7.641   -0.548  1.00 50.50 ? 145 ASN C N     1 
ATOM   625 C  CA    . ASN C 3 7  ? 6.222   8.227   0.412   1.00 42.13 ? 145 ASN C CA    1 
ATOM   626 C  C     . ASN C 3 7  ? 5.918   7.666   1.787   1.00 49.18 ? 145 ASN C C     1 
ATOM   627 O  O     . ASN C 3 7  ? 4.931   6.948   1.976   1.00 59.03 ? 145 ASN C O     1 
ATOM   628 C  CB    . ASN C 3 7  ? 6.108   9.747   0.426   1.00 40.92 ? 145 ASN C CB    1 
ATOM   629 C  CG    . ASN C 3 7  ? 4.681   10.217  0.521   1.00 32.04 ? 145 ASN C CG    1 
ATOM   630 O  OD1   . ASN C 3 7  ? 3.973   9.915   1.483   1.00 48.59 ? 145 ASN C OD1   1 
ATOM   631 N  ND2   . ASN C 3 7  ? 4.245   10.967  -0.490  1.00 42.09 ? 145 ASN C ND2   1 
ATOM   632 N  N     . LYS C 3 8  ? 6.768   7.999   2.749   1.00 46.72 ? 146 LYS C N     1 
ATOM   633 C  CA    . LYS C 3 8  ? 6.596   7.483   4.095   1.00 49.37 ? 146 LYS C CA    1 
ATOM   634 C  C     . LYS C 3 8  ? 5.269   7.874   4.703   1.00 43.63 ? 146 LYS C C     1 
ATOM   635 O  O     . LYS C 3 8  ? 4.701   7.119   5.505   1.00 47.94 ? 146 LYS C O     1 
ATOM   636 C  CB    . LYS C 3 8  ? 7.766   7.910   4.988   1.00 54.75 ? 146 LYS C CB    1 
ATOM   637 N  N     . HIS C 3 9  ? 4.769   9.037   4.296   1.00 41.92 ? 147 HIS C N     1 
ATOM   638 C  CA    . HIS C 3 9  ? 3.481   9.537   4.769   1.00 57.67 ? 147 HIS C CA    1 
ATOM   639 C  C     . HIS C 3 9  ? 2.396   8.557   4.299   1.00 57.66 ? 147 HIS C C     1 
ATOM   640 O  O     . HIS C 3 9  ? 1.654   7.977   5.107   1.00 52.88 ? 147 HIS C O     1 
ATOM   641 N  N     . GLU C 3 10 ? 2.342   8.365   2.983   1.00 55.57 ? 148 GLU C N     1 
ATOM   642 C  CA    . GLU C 3 10 ? 1.378   7.476   2.349   1.00 45.92 ? 148 GLU C CA    1 
ATOM   643 C  C     . GLU C 3 10 ? 1.462   6.070   2.917   1.00 38.95 ? 148 GLU C C     1 
ATOM   644 O  O     . GLU C 3 10 ? 0.467   5.356   3.003   1.00 47.33 ? 148 GLU C O     1 
ATOM   645 C  CB    . GLU C 3 10 ? 1.631   7.452   0.852   1.00 34.96 ? 148 GLU C CB    1 
ATOM   646 C  CG    . GLU C 3 10 ? 1.572   8.841   0.236   1.00 30.30 ? 148 GLU C CG    1 
ATOM   647 C  CD    . GLU C 3 10 ? 1.905   8.857   -1.247  1.00 51.00 ? 148 GLU C CD    1 
ATOM   648 O  OE1   . GLU C 3 10 ? 2.987   8.345   -1.621  1.00 58.43 ? 148 GLU C OE1   1 
ATOM   649 O  OE2   . GLU C 3 10 ? 1.086   9.391   -2.031  1.00 58.36 ? 148 GLU C OE2   1 
ATOM   650 N  N     . GLN C 3 11 ? 2.654   5.671   3.310   1.00 32.90 ? 149 GLN C N     1 
ATOM   651 C  CA    . GLN C 3 11 ? 2.815   4.351   3.874   1.00 35.60 ? 149 GLN C CA    1 
ATOM   652 C  C     . GLN C 3 11 ? 2.074   4.193   5.196   1.00 39.97 ? 149 GLN C C     1 
ATOM   653 O  O     . GLN C 3 11 ? 1.435   3.175   5.421   1.00 47.29 ? 149 GLN C O     1 
ATOM   654 C  CB    . GLN C 3 11 ? 4.292   4.052   4.077   1.00 36.36 ? 149 GLN C CB    1 
ATOM   655 C  CG    . GLN C 3 11 ? 5.050   3.912   2.794   1.00 44.94 ? 149 GLN C CG    1 
ATOM   656 C  CD    . GLN C 3 11 ? 6.518   3.642   3.029   1.00 60.68 ? 149 GLN C CD    1 
ATOM   657 O  OE1   . GLN C 3 11 ? 6.874   2.773   3.837   1.00 51.97 ? 149 GLN C OE1   1 
ATOM   658 N  NE2   . GLN C 3 11 ? 7.383   4.379   2.319   1.00 55.96 ? 149 GLN C NE2   1 
ATOM   659 N  N     . GLU C 3 12 ? 2.166   5.193   6.072   1.00 49.20 ? 150 GLU C N     1 
ATOM   660 C  CA    . GLU C 3 12 ? 1.497   5.125   7.374   1.00 53.75 ? 150 GLU C CA    1 
ATOM   661 C  C     . GLU C 3 12 ? 0.002   5.085   7.165   1.00 50.13 ? 150 GLU C C     1 
ATOM   662 O  O     . GLU C 3 12 ? -0.713  4.332   7.810   1.00 58.46 ? 150 GLU C O     1 
ATOM   663 C  CB    . GLU C 3 12 ? 1.827   6.346   8.222   1.00 55.91 ? 150 GLU C CB    1 
ATOM   664 N  N     . GLN C 3 13 ? -0.462  5.927   6.257   1.00 42.44 ? 151 GLN C N     1 
ATOM   665 C  CA    . GLN C 3 13 ? -1.870  5.989   5.943   1.00 41.56 ? 151 GLN C CA    1 
ATOM   666 C  C     . GLN C 3 13 ? -2.339  4.667   5.334   1.00 42.77 ? 151 GLN C C     1 
ATOM   667 O  O     . GLN C 3 13 ? -3.240  4.005   5.865   1.00 36.89 ? 151 GLN C O     1 
ATOM   668 C  CB    . GLN C 3 13 ? -2.128  7.156   4.985   1.00 35.12 ? 151 GLN C CB    1 
ATOM   669 C  CG    . GLN C 3 13 ? -3.346  6.951   4.125   1.00 26.53 ? 151 GLN C CG    1 
ATOM   670 C  CD    . GLN C 3 13 ? -3.718  8.180   3.295   1.00 49.77 ? 151 GLN C CD    1 
ATOM   671 O  OE1   . GLN C 3 13 ? -2.849  8.891   2.755   1.00 50.01 ? 151 GLN C OE1   1 
ATOM   672 N  NE2   . GLN C 3 13 ? -5.028  8.426   3.174   1.00 25.86 ? 151 GLN C NE2   1 
ATOM   673 N  N     . ILE C 3 14 ? -1.724  4.270   4.224   1.00 45.94 ? 152 ILE C N     1 
ATOM   674 C  CA    . ILE C 3 14 ? -2.112  3.012   3.588   1.00 40.51 ? 152 ILE C CA    1 
ATOM   675 C  C     . ILE C 3 14 ? -2.055  1.895   4.617   1.00 33.65 ? 152 ILE C C     1 
ATOM   676 O  O     . ILE C 3 14 ? -2.969  1.081   4.700   1.00 51.17 ? 152 ILE C O     1 
ATOM   677 C  CB    . ILE C 3 14 ? -1.204  2.674   2.368   1.00 31.17 ? 152 ILE C CB    1 
ATOM   678 C  CG1   . ILE C 3 14 ? -1.594  3.564   1.182   1.00 36.78 ? 152 ILE C CG1   1 
ATOM   679 C  CG2   . ILE C 3 14 ? -1.330  1.207   2.019   1.00 24.21 ? 152 ILE C CG2   1 
ATOM   680 C  CD1   . ILE C 3 14 ? -0.652  3.540   -0.024  1.00 25.83 ? 152 ILE C CD1   1 
ATOM   681 N  N     . SER C 3 15 ? -0.992  1.863   5.411   1.00 31.61 ? 153 SER C N     1 
ATOM   682 C  CA    . SER C 3 15 ? -0.865  0.833   6.435   1.00 30.01 ? 153 SER C CA    1 
ATOM   683 C  C     . SER C 3 15 ? -2.136  0.798   7.282   1.00 38.06 ? 153 SER C C     1 
ATOM   684 O  O     . SER C 3 15 ? -2.671  -0.282  7.604   1.00 37.73 ? 153 SER C O     1 
ATOM   685 C  CB    . SER C 3 15 ? 0.328   1.128   7.344   1.00 41.07 ? 153 SER C CB    1 
ATOM   686 O  OG    . SER C 3 15 ? 0.502   0.104   8.302   1.00 59.88 ? 153 SER C OG    1 
ATOM   687 N  N     . ARG C 3 16 ? -2.609  1.995   7.634   1.00 38.76 ? 154 ARG C N     1 
ATOM   688 C  CA    . ARG C 3 16 ? -3.806  2.139   8.447   1.00 42.83 ? 154 ARG C CA    1 
ATOM   689 C  C     . ARG C 3 16 ? -5.008  1.615   7.687   1.00 46.62 ? 154 ARG C C     1 
ATOM   690 O  O     . ARG C 3 16 ? -5.721  0.728   8.162   1.00 52.52 ? 154 ARG C O     1 
ATOM   691 C  CB    . ARG C 3 16 ? -4.021  3.609   8.819   1.00 46.11 ? 154 ARG C CB    1 
ATOM   692 C  CG    . ARG C 3 16 ? -4.148  3.852   10.316  1.00 60.49 ? 154 ARG C CG    1 
ATOM   693 C  CD    . ARG C 3 16 ? -4.139  5.343   10.639  1.00 56.97 ? 154 ARG C CD    1 
ATOM   694 N  NE    . ARG C 3 16 ? -2.862  5.984   10.315  1.00 45.67 ? 154 ARG C NE    1 
ATOM   695 C  CZ    . ARG C 3 16 ? -2.760  7.116   9.624   1.00 50.19 ? 154 ARG C CZ    1 
ATOM   696 N  NH1   . ARG C 3 16 ? -3.868  7.710   9.192   1.00 42.70 ? 154 ARG C NH1   1 
ATOM   697 N  NH2   . ARG C 3 16 ? -1.564  7.659   9.371   1.00 46.05 ? 154 ARG C NH2   1 
ATOM   698 N  N     . LEU C 3 17 ? -5.230  2.167   6.501   1.00 47.21 ? 155 LEU C N     1 
ATOM   699 C  CA    . LEU C 3 17 ? -6.345  1.737   5.672   1.00 34.66 ? 155 LEU C CA    1 
ATOM   700 C  C     . LEU C 3 17 ? -6.366  0.219   5.568   1.00 33.44 ? 155 LEU C C     1 
ATOM   701 O  O     . LEU C 3 17 ? -7.411  -0.406  5.704   1.00 48.83 ? 155 LEU C O     1 
ATOM   702 C  CB    . LEU C 3 17 ? -6.227  2.359   4.285   1.00 35.24 ? 155 LEU C CB    1 
ATOM   703 C  CG    . LEU C 3 17 ? -6.387  3.882   4.257   1.00 23.55 ? 155 LEU C CG    1 
ATOM   704 C  CD1   . LEU C 3 17 ? -6.039  4.443   2.853   1.00 32.55 ? 155 LEU C CD1   1 
ATOM   705 C  CD2   . LEU C 3 17 ? -7.841  4.207   4.616   1.00 32.69 ? 155 LEU C CD2   1 
ATOM   706 N  N     . LEU C 3 18 ? -5.205  -0.379  5.337   1.00 34.85 ? 156 LEU C N     1 
ATOM   707 C  CA    . LEU C 3 18 ? -5.140  -1.831  5.220   1.00 42.11 ? 156 LEU C CA    1 
ATOM   708 C  C     . LEU C 3 18 ? -5.596  -2.548  6.487   1.00 47.91 ? 156 LEU C C     1 
ATOM   709 O  O     . LEU C 3 18 ? -6.275  -3.569  6.408   1.00 51.37 ? 156 LEU C O     1 
ATOM   710 C  CB    . LEU C 3 18 ? -3.726  -2.266  4.852   1.00 31.91 ? 156 LEU C CB    1 
ATOM   711 C  CG    . LEU C 3 18 ? -3.441  -2.141  3.364   1.00 26.79 ? 156 LEU C CG    1 
ATOM   712 C  CD1   . LEU C 3 18 ? -1.957  -2.307  3.134   1.00 29.03 ? 156 LEU C CD1   1 
ATOM   713 C  CD2   . LEU C 3 18 ? -4.246  -3.187  2.572   1.00 31.30 ? 156 LEU C CD2   1 
ATOM   714 N  N     . GLU C 3 19 ? -5.216  -2.019  7.648   1.00 51.76 ? 157 GLU C N     1 
ATOM   715 C  CA    . GLU C 3 19 ? -5.608  -2.617  8.921   1.00 54.61 ? 157 GLU C CA    1 
ATOM   716 C  C     . GLU C 3 19 ? -7.101  -2.387  9.142   1.00 56.25 ? 157 GLU C C     1 
ATOM   717 O  O     . GLU C 3 19 ? -7.771  -3.178  9.802   1.00 53.80 ? 157 GLU C O     1 
ATOM   718 C  CB    . GLU C 3 19 ? -4.805  -2.011  10.075  1.00 54.34 ? 157 GLU C CB    1 
ATOM   719 C  CG    . GLU C 3 19 ? -3.316  -2.270  9.965   1.00 72.65 ? 157 GLU C CG    1 
ATOM   720 C  CD    . GLU C 3 19 ? -2.512  -1.610  11.065  1.00 89.24 ? 157 GLU C CD    1 
ATOM   721 O  OE1   . GLU C 3 19 ? -2.695  -1.981  12.246  1.00 93.00 ? 157 GLU C OE1   1 
ATOM   722 O  OE2   . GLU C 3 19 ? -1.693  -0.720  10.745  1.00 95.00 ? 157 GLU C OE2   1 
ATOM   723 N  N     . LYS C 3 20 ? -7.625  -1.298  8.591   1.00 56.63 ? 158 LYS C N     1 
ATOM   724 C  CA    . LYS C 3 20 ? -9.044  -1.027  8.727   1.00 48.96 ? 158 LYS C CA    1 
ATOM   725 C  C     . LYS C 3 20 ? -9.850  -1.901  7.770   1.00 46.54 ? 158 LYS C C     1 
ATOM   726 O  O     . LYS C 3 20 ? -11.078 -1.832  7.752   1.00 58.69 ? 158 LYS C O     1 
ATOM   727 C  CB    . LYS C 3 20 ? -9.345  0.437   8.442   1.00 61.07 ? 158 LYS C CB    1 
ATOM   728 N  N     . GLY C 3 21 ? -9.165  -2.702  6.954   1.00 41.73 ? 159 GLY C N     1 
ATOM   729 C  CA    . GLY C 3 21 ? -9.876  -3.585  6.041   1.00 46.89 ? 159 GLY C CA    1 
ATOM   730 C  C     . GLY C 3 21 ? -10.033 -3.178  4.586   1.00 52.61 ? 159 GLY C C     1 
ATOM   731 O  O     . GLY C 3 21 ? -10.835 -3.767  3.868   1.00 56.47 ? 159 GLY C O     1 
ATOM   732 N  N     . HIS C 3 22 ? -9.289  -2.178  4.134   1.00 57.82 ? 160 HIS C N     1 
ATOM   733 C  CA    . HIS C 3 22 ? -9.399  -1.778  2.737   1.00 52.23 ? 160 HIS C CA    1 
ATOM   734 C  C     . HIS C 3 22 ? -8.671  -2.729  1.781   1.00 48.85 ? 160 HIS C C     1 
ATOM   735 O  O     . HIS C 3 22 ? -7.491  -3.028  1.955   1.00 45.34 ? 160 HIS C O     1 
ATOM   736 C  CB    . HIS C 3 22 ? -8.874  -0.361  2.543   1.00 53.19 ? 160 HIS C CB    1 
ATOM   737 C  CG    . HIS C 3 22 ? -9.770  0.690   3.111   1.00 60.60 ? 160 HIS C CG    1 
ATOM   738 N  ND1   . HIS C 3 22 ? -9.790  1.007   4.454   1.00 59.00 ? 160 HIS C ND1   1 
ATOM   739 C  CD2   . HIS C 3 22 ? -10.700 1.480   2.522   1.00 52.62 ? 160 HIS C CD2   1 
ATOM   740 C  CE1   . HIS C 3 22 ? -10.692 1.948   4.666   1.00 66.23 ? 160 HIS C CE1   1 
ATOM   741 N  NE2   . HIS C 3 22 ? -11.260 2.251   3.511   1.00 63.18 ? 160 HIS C NE2   1 
ATOM   742 N  N     . PRO C 3 23 ? -9.379  -3.201  0.745   1.00 45.53 ? 161 PRO C N     1 
ATOM   743 C  CA    . PRO C 3 23 ? -8.873  -4.118  -0.281  1.00 43.18 ? 161 PRO C CA    1 
ATOM   744 C  C     . PRO C 3 23 ? -7.686  -3.548  -1.055  1.00 44.96 ? 161 PRO C C     1 
ATOM   745 O  O     . PRO C 3 23 ? -7.774  -2.470  -1.658  1.00 42.56 ? 161 PRO C O     1 
ATOM   746 C  CB    . PRO C 3 23 ? -10.088 -4.327  -1.170  1.00 45.68 ? 161 PRO C CB    1 
ATOM   747 C  CG    . PRO C 3 23 ? -10.777 -3.004  -1.088  1.00 55.70 ? 161 PRO C CG    1 
ATOM   748 C  CD    . PRO C 3 23 ? -10.718 -2.708  0.378   1.00 40.13 ? 161 PRO C CD    1 
ATOM   749 N  N     . ARG C 3 24 ? -6.580  -4.285  -1.042  1.00 37.46 ? 162 ARG C N     1 
ATOM   750 C  CA    . ARG C 3 24 ? -5.381  -3.848  -1.723  1.00 30.68 ? 162 ARG C CA    1 
ATOM   751 C  C     . ARG C 3 24 ? -5.633  -3.449  -3.171  1.00 33.47 ? 162 ARG C C     1 
ATOM   752 O  O     . ARG C 3 24 ? -4.966  -2.558  -3.689  1.00 36.63 ? 162 ARG C O     1 
ATOM   753 C  CB    . ARG C 3 24 ? -4.322  -4.938  -1.668  1.00 32.70 ? 162 ARG C CB    1 
ATOM   754 C  CG    . ARG C 3 24 ? -3.919  -5.346  -0.257  1.00 26.04 ? 162 ARG C CG    1 
ATOM   755 C  CD    . ARG C 3 24 ? -2.786  -6.365  -0.349  1.00 30.55 ? 162 ARG C CD    1 
ATOM   756 N  NE    . ARG C 3 24 ? -1.864  -6.323  0.784   1.00 29.52 ? 162 ARG C NE    1 
ATOM   757 C  CZ    . ARG C 3 24 ? -2.109  -6.892  1.958   1.00 45.44 ? 162 ARG C CZ    1 
ATOM   758 N  NH1   . ARG C 3 24 ? -1.224  -6.813  2.938   1.00 57.61 ? 162 ARG C NH1   1 
ATOM   759 N  NH2   . ARG C 3 24 ? -3.244  -7.547  2.152   1.00 53.52 ? 162 ARG C NH2   1 
ATOM   760 N  N     . GLN C 3 25 ? -6.594  -4.082  -3.831  1.00 34.49 ? 163 GLN C N     1 
ATOM   761 C  CA    . GLN C 3 25 ? -6.869  -3.713  -5.209  1.00 37.13 ? 163 GLN C CA    1 
ATOM   762 C  C     . GLN C 3 25 ? -7.393  -2.287  -5.253  1.00 46.67 ? 163 GLN C C     1 
ATOM   763 O  O     . GLN C 3 25 ? -6.985  -1.481  -6.098  1.00 42.92 ? 163 GLN C O     1 
ATOM   764 C  CB    . GLN C 3 25 ? -7.891  -4.652  -5.823  1.00 43.45 ? 163 GLN C CB    1 
ATOM   765 C  CG    . GLN C 3 25 ? -7.401  -6.066  -5.991  1.00 62.33 ? 163 GLN C CG    1 
ATOM   766 C  CD    . GLN C 3 25 ? -8.157  -6.787  -7.088  1.00 82.47 ? 163 GLN C CD    1 
ATOM   767 O  OE1   . GLN C 3 25 ? -8.162  -6.344  -8.240  1.00 81.53 ? 163 GLN C OE1   1 
ATOM   768 N  NE2   . GLN C 3 25 ? -8.808  -7.899  -6.740  1.00 81.22 ? 163 GLN C NE2   1 
ATOM   769 N  N     . GLN C 3 26 ? -8.299  -1.969  -4.335  1.00 51.23 ? 164 GLN C N     1 
ATOM   770 C  CA    . GLN C 3 26 ? -8.845  -0.625  -4.290  1.00 53.40 ? 164 GLN C CA    1 
ATOM   771 C  C     . GLN C 3 26 ? -7.757  0.390   -4.005  1.00 45.36 ? 164 GLN C C     1 
ATOM   772 O  O     . GLN C 3 26 ? -7.657  1.412   -4.692  1.00 47.34 ? 164 GLN C O     1 
ATOM   773 C  CB    . GLN C 3 26 ? -9.928  -0.514  -3.225  1.00 69.71 ? 164 GLN C CB    1 
ATOM   774 N  N     . LEU C 3 27 ? -6.935  0.105   -3.002  1.00 50.81 ? 165 LEU C N     1 
ATOM   775 C  CA    . LEU C 3 27 ? -5.865  1.025   -2.646  1.00 49.96 ? 165 LEU C CA    1 
ATOM   776 C  C     . LEU C 3 27 ? -4.896  1.193   -3.791  1.00 50.35 ? 165 LEU C C     1 
ATOM   777 O  O     . LEU C 3 27 ? -4.402  2.297   -4.027  1.00 50.05 ? 165 LEU C O     1 
ATOM   778 C  CB    . LEU C 3 27 ? -5.119  0.557   -1.396  1.00 35.26 ? 165 LEU C CB    1 
ATOM   779 C  CG    . LEU C 3 27 ? -5.957  0.570   -0.114  1.00 34.18 ? 165 LEU C CG    1 
ATOM   780 C  CD1   . LEU C 3 27 ? -5.072  0.433   1.143   1.00 23.75 ? 165 LEU C CD1   1 
ATOM   781 C  CD2   . LEU C 3 27 ? -6.748  1.871   -0.076  1.00 29.44 ? 165 LEU C CD2   1 
ATOM   782 N  N     . ALA C 3 28 ? -4.631  0.103   -4.512  1.00 48.42 ? 166 ALA C N     1 
ATOM   783 C  CA    . ALA C 3 28 ? -3.722  0.168   -5.648  1.00 37.62 ? 166 ALA C CA    1 
ATOM   784 C  C     . ALA C 3 28 ? -4.255  1.204   -6.628  1.00 40.36 ? 166 ALA C C     1 
ATOM   785 O  O     . ALA C 3 28 ? -3.603  2.209   -6.907  1.00 43.15 ? 166 ALA C O     1 
ATOM   786 C  CB    . ALA C 3 28 ? -3.623  -1.195  -6.333  1.00 26.56 ? 166 ALA C CB    1 
ATOM   787 N  N     . ILE C 3 29 ? -5.461  0.946   -7.125  1.00 38.91 ? 167 ILE C N     1 
ATOM   788 C  CA    . ILE C 3 29 ? -6.129  1.818   -8.081  1.00 39.73 ? 167 ILE C CA    1 
ATOM   789 C  C     . ILE C 3 29 ? -6.118  3.281   -7.677  1.00 42.50 ? 167 ILE C C     1 
ATOM   790 O  O     . ILE C 3 29 ? -5.708  4.153   -8.444  1.00 43.94 ? 167 ILE C O     1 
ATOM   791 C  CB    . ILE C 3 29 ? -7.579  1.395   -8.252  1.00 44.98 ? 167 ILE C CB    1 
ATOM   792 C  CG1   . ILE C 3 29 ? -7.636  -0.078  -8.665  1.00 51.95 ? 167 ILE C CG1   1 
ATOM   793 C  CG2   . ILE C 3 29 ? -8.253  2.298   -9.253  1.00 37.64 ? 167 ILE C CG2   1 
ATOM   794 C  CD1   . ILE C 3 29 ? -9.027  -0.677  -8.627  1.00 55.34 ? 167 ILE C CD1   1 
ATOM   795 N  N     . ILE C 3 30 ? -6.581  3.547   -6.466  1.00 48.82 ? 168 ILE C N     1 
ATOM   796 C  CA    . ILE C 3 30 ? -6.635  4.905   -5.957  1.00 44.71 ? 168 ILE C CA    1 
ATOM   797 C  C     . ILE C 3 30 ? -5.249  5.556   -5.922  1.00 39.60 ? 168 ILE C C     1 
ATOM   798 O  O     . ILE C 3 30 ? -5.054  6.648   -6.453  1.00 34.07 ? 168 ILE C O     1 
ATOM   799 C  CB    . ILE C 3 30 ? -7.258  4.916   -4.549  1.00 50.28 ? 168 ILE C CB    1 
ATOM   800 C  CG1   . ILE C 3 30 ? -8.646  4.281   -4.617  1.00 57.26 ? 168 ILE C CG1   1 
ATOM   801 C  CG2   . ILE C 3 30 ? -7.357  6.342   -4.018  1.00 57.05 ? 168 ILE C CG2   1 
ATOM   802 C  CD1   . ILE C 3 30 ? -9.232  3.930   -3.268  1.00 57.14 ? 168 ILE C CD1   1 
ATOM   803 N  N     . PHE C 3 31 ? -4.275  4.894   -5.309  1.00 38.64 ? 169 PHE C N     1 
ATOM   804 C  CA    . PHE C 3 31 ? -2.947  5.497   -5.259  1.00 37.76 ? 169 PHE C CA    1 
ATOM   805 C  C     . PHE C 3 31 ? -2.204  5.408   -6.564  1.00 45.94 ? 169 PHE C C     1 
ATOM   806 O  O     . PHE C 3 31 ? -1.117  5.954   -6.690  1.00 43.58 ? 169 PHE C O     1 
ATOM   807 C  CB    . PHE C 3 31 ? -2.113  4.887   -4.146  1.00 31.21 ? 169 PHE C CB    1 
ATOM   808 C  CG    . PHE C 3 31 ? -2.541  5.327   -2.793  1.00 45.15 ? 169 PHE C CG    1 
ATOM   809 C  CD1   . PHE C 3 31 ? -3.564  4.663   -2.124  1.00 45.87 ? 169 PHE C CD1   1 
ATOM   810 C  CD2   . PHE C 3 31 ? -1.959  6.448   -2.201  1.00 52.72 ? 169 PHE C CD2   1 
ATOM   811 C  CE1   . PHE C 3 31 ? -4.007  5.100   -0.885  1.00 40.94 ? 169 PHE C CE1   1 
ATOM   812 C  CE2   . PHE C 3 31 ? -2.390  6.902   -0.961  1.00 45.32 ? 169 PHE C CE2   1 
ATOM   813 C  CZ    . PHE C 3 31 ? -3.420  6.222   -0.298  1.00 41.56 ? 169 PHE C CZ    1 
ATOM   814 N  N     . GLY C 3 32 ? -2.816  4.733   -7.538  1.00 53.41 ? 170 GLY C N     1 
ATOM   815 C  CA    . GLY C 3 32 ? -2.215  4.581   -8.850  1.00 44.15 ? 170 GLY C CA    1 
ATOM   816 C  C     . GLY C 3 32 ? -0.897  3.845   -8.795  1.00 47.75 ? 170 GLY C C     1 
ATOM   817 O  O     . GLY C 3 32 ? 0.114   4.346   -9.263  1.00 59.78 ? 170 GLY C O     1 
ATOM   818 N  N     . ILE C 3 33 ? -0.903  2.664   -8.192  1.00 36.11 ? 171 ILE C N     1 
ATOM   819 C  CA    . ILE C 3 33 ? 0.301   1.847   -8.086  1.00 34.02 ? 171 ILE C CA    1 
ATOM   820 C  C     . ILE C 3 33 ? -0.128  0.401   -8.209  1.00 43.59 ? 171 ILE C C     1 
ATOM   821 O  O     . ILE C 3 33 ? -1.313  0.103   -8.326  1.00 49.63 ? 171 ILE C O     1 
ATOM   822 C  CB    . ILE C 3 33 ? 1.011   2.041   -6.746  1.00 26.01 ? 171 ILE C CB    1 
ATOM   823 C  CG1   . ILE C 3 33 ? 0.090   1.612   -5.607  1.00 35.58 ? 171 ILE C CG1   1 
ATOM   824 C  CG2   . ILE C 3 33 ? 1.386   3.492   -6.576  1.00 46.04 ? 171 ILE C CG2   1 
ATOM   825 C  CD1   . ILE C 3 33 ? 0.784   1.522   -4.268  1.00 24.11 ? 171 ILE C CD1   1 
ATOM   826 N  N     . GLY C 3 34 ? 0.828   -0.507  -8.162  1.00 41.04 ? 172 GLY C N     1 
ATOM   827 C  CA    . GLY C 3 34 ? 0.460   -1.896  -8.324  1.00 34.94 ? 172 GLY C CA    1 
ATOM   828 C  C     . GLY C 3 34 ? 0.224   -2.735  -7.090  1.00 34.47 ? 172 GLY C C     1 
ATOM   829 O  O     . GLY C 3 34 ? 0.910   -2.593  -6.074  1.00 24.60 ? 172 GLY C O     1 
ATOM   830 N  N     . VAL C 3 35 ? -0.737  -3.645  -7.207  1.00 30.84 ? 173 VAL C N     1 
ATOM   831 C  CA    . VAL C 3 35 ? -1.069  -4.537  -6.119  1.00 21.33 ? 173 VAL C CA    1 
ATOM   832 C  C     . VAL C 3 35 ? 0.176   -5.270  -5.614  1.00 24.12 ? 173 VAL C C     1 
ATOM   833 O  O     . VAL C 3 35 ? 0.367   -5.410  -4.406  1.00 30.89 ? 173 VAL C O     1 
ATOM   834 C  CB    . VAL C 3 35 ? -2.157  -5.549  -6.554  1.00 18.33 ? 173 VAL C CB    1 
ATOM   835 C  CG1   . VAL C 3 35 ? -2.349  -6.598  -5.483  1.00 22.20 ? 173 VAL C CG1   1 
ATOM   836 C  CG2   . VAL C 3 35 ? -3.486  -4.826  -6.750  1.00 10.00 ? 173 VAL C CG2   1 
ATOM   837 N  N     . SER C 3 36 ? 1.042   -5.714  -6.525  1.00 26.93 ? 174 SER C N     1 
ATOM   838 C  CA    . SER C 3 36 ? 2.240   -6.413  -6.082  1.00 25.80 ? 174 SER C CA    1 
ATOM   839 C  C     . SER C 3 36 ? 3.125   -5.540  -5.184  1.00 26.49 ? 174 SER C C     1 
ATOM   840 O  O     . SER C 3 36 ? 3.754   -6.034  -4.248  1.00 33.28 ? 174 SER C O     1 
ATOM   841 C  CB    . SER C 3 36 ? 3.043   -6.959  -7.281  1.00 37.13 ? 174 SER C CB    1 
ATOM   842 O  OG    . SER C 3 36 ? 3.516   -5.956  -8.147  1.00 36.32 ? 174 SER C OG    1 
ATOM   843 N  N     . THR C 3 37 ? 3.152   -4.244  -5.474  1.00 26.18 ? 175 THR C N     1 
ATOM   844 C  CA    . THR C 3 37 ? 3.926   -3.284  -4.706  1.00 29.00 ? 175 THR C CA    1 
ATOM   845 C  C     . THR C 3 37 ? 3.385   -3.223  -3.281  1.00 36.54 ? 175 THR C C     1 
ATOM   846 O  O     . THR C 3 37 ? 4.145   -3.231  -2.312  1.00 41.31 ? 175 THR C O     1 
ATOM   847 C  CB    . THR C 3 37 ? 3.828   -1.859  -5.314  1.00 26.75 ? 175 THR C CB    1 
ATOM   848 O  OG1   . THR C 3 37 ? 4.202   -1.892  -6.697  1.00 20.53 ? 175 THR C OG1   1 
ATOM   849 C  CG2   . THR C 3 37 ? 4.734   -0.899  -4.558  1.00 21.63 ? 175 THR C CG2   1 
ATOM   850 N  N     . LEU C 3 38 ? 2.062   -3.175  -3.158  1.00 33.03 ? 176 LEU C N     1 
ATOM   851 C  CA    . LEU C 3 38 ? 1.451   -3.124  -1.836  1.00 33.72 ? 176 LEU C CA    1 
ATOM   852 C  C     . LEU C 3 38 ? 1.820   -4.375  -1.047  1.00 34.67 ? 176 LEU C C     1 
ATOM   853 O  O     . LEU C 3 38 ? 2.265   -4.278  0.105   1.00 40.95 ? 176 LEU C O     1 
ATOM   854 C  CB    . LEU C 3 38 ? -0.070  -2.956  -1.939  1.00 30.05 ? 176 LEU C CB    1 
ATOM   855 C  CG    . LEU C 3 38 ? -0.501  -1.565  -2.417  1.00 30.15 ? 176 LEU C CG    1 
ATOM   856 C  CD1   . LEU C 3 38 ? -2.008  -1.489  -2.577  1.00 23.69 ? 176 LEU C CD1   1 
ATOM   857 C  CD2   . LEU C 3 38 ? -0.023  -0.509  -1.426  1.00 26.04 ? 176 LEU C CD2   1 
ATOM   858 N  N     . TYR C 3 39 ? 1.651   -5.546  -1.654  1.00 30.56 ? 177 TYR C N     1 
ATOM   859 C  CA    . TYR C 3 39 ? 2.020   -6.777  -0.955  1.00 30.97 ? 177 TYR C CA    1 
ATOM   860 C  C     . TYR C 3 39 ? 3.498   -6.742  -0.536  1.00 29.42 ? 177 TYR C C     1 
ATOM   861 O  O     . TYR C 3 39 ? 3.875   -7.393  0.431   1.00 39.01 ? 177 TYR C O     1 
ATOM   862 C  CB    . TYR C 3 39 ? 1.757   -8.011  -1.826  1.00 26.97 ? 177 TYR C CB    1 
ATOM   863 C  CG    . TYR C 3 39 ? 0.302   -8.447  -1.879  1.00 31.21 ? 177 TYR C CG    1 
ATOM   864 C  CD1   . TYR C 3 39 ? -0.310  -9.086  -0.792  1.00 24.95 ? 177 TYR C CD1   1 
ATOM   865 C  CD2   . TYR C 3 39 ? -0.451  -8.256  -3.035  1.00 35.09 ? 177 TYR C CD2   1 
ATOM   866 C  CE1   . TYR C 3 39 ? -1.637  -9.538  -0.877  1.00 24.42 ? 177 TYR C CE1   1 
ATOM   867 C  CE2   . TYR C 3 39 ? -1.754  -8.682  -3.123  1.00 22.02 ? 177 TYR C CE2   1 
ATOM   868 C  CZ    . TYR C 3 39 ? -2.348  -9.328  -2.051  1.00 31.49 ? 177 TYR C CZ    1 
ATOM   869 O  OH    . TYR C 3 39 ? -3.646  -9.762  -2.186  1.00 35.52 ? 177 TYR C OH    1 
ATOM   870 N  N     . ARG C 3 40 ? 4.331   -5.981  -1.246  1.00 26.47 ? 178 ARG C N     1 
ATOM   871 C  CA    . ARG C 3 40 ? 5.748   -5.906  -0.874  1.00 29.58 ? 178 ARG C CA    1 
ATOM   872 C  C     . ARG C 3 40 ? 5.931   -4.964  0.306   1.00 29.96 ? 178 ARG C C     1 
ATOM   873 O  O     . ARG C 3 40 ? 6.635   -5.282  1.256   1.00 29.46 ? 178 ARG C O     1 
ATOM   874 C  CB    . ARG C 3 40 ? 6.629   -5.426  -2.033  1.00 29.76 ? 178 ARG C CB    1 
ATOM   875 C  CG    . ARG C 3 40 ? 8.145   -5.471  -1.706  1.00 38.85 ? 178 ARG C CG    1 
ATOM   876 C  CD    . ARG C 3 40 ? 8.977   -4.665  -2.701  1.00 26.32 ? 178 ARG C CD    1 
ATOM   877 N  NE    . ARG C 3 40 ? 8.360   -4.754  -4.022  1.00 30.93 ? 178 ARG C NE    1 
ATOM   878 C  CZ    . ARG C 3 40 ? 8.127   -3.707  -4.792  1.00 41.91 ? 178 ARG C CZ    1 
ATOM   879 N  NH1   . ARG C 3 40 ? 7.551   -3.865  -5.966  1.00 47.03 ? 178 ARG C NH1   1 
ATOM   880 N  NH2   . ARG C 3 40 ? 8.481   -2.505  -4.378  1.00 47.28 ? 178 ARG C NH2   1 
ATOM   881 N  N     . TYR C 3 41 ? 5.320   -3.790  0.229   1.00 23.27 ? 179 TYR C N     1 
ATOM   882 C  CA    . TYR C 3 41 ? 5.401   -2.849  1.332   1.00 24.98 ? 179 TYR C CA    1 
ATOM   883 C  C     . TYR C 3 41 ? 4.674   -3.404  2.571   1.00 34.45 ? 179 TYR C C     1 
ATOM   884 O  O     . TYR C 3 41 ? 5.140   -3.249  3.695   1.00 43.15 ? 179 TYR C O     1 
ATOM   885 C  CB    . TYR C 3 41 ? 4.802   -1.504  0.938   1.00 29.70 ? 179 TYR C CB    1 
ATOM   886 C  CG    . TYR C 3 41 ? 5.716   -0.600  0.155   1.00 31.73 ? 179 TYR C CG    1 
ATOM   887 C  CD1   . TYR C 3 41 ? 5.878   -0.750  -1.217  1.00 33.51 ? 179 TYR C CD1   1 
ATOM   888 C  CD2   . TYR C 3 41 ? 6.402   0.428   0.787   1.00 38.10 ? 179 TYR C CD2   1 
ATOM   889 C  CE1   . TYR C 3 41 ? 6.703   0.115   -1.954  1.00 35.50 ? 179 TYR C CE1   1 
ATOM   890 C  CE2   . TYR C 3 41 ? 7.226   1.301   0.074   1.00 32.20 ? 179 TYR C CE2   1 
ATOM   891 C  CZ    . TYR C 3 41 ? 7.370   1.144   -1.301  1.00 35.66 ? 179 TYR C CZ    1 
ATOM   892 O  OH    . TYR C 3 41 ? 8.115   2.053   -2.015  1.00 35.59 ? 179 TYR C OH    1 
ATOM   893 N  N     . PHE C 3 42 ? 3.550   -4.084  2.364   1.00 36.12 ? 180 PHE C N     1 
ATOM   894 C  CA    . PHE C 3 42 ? 2.800   -4.635  3.490   1.00 32.73 ? 180 PHE C CA    1 
ATOM   895 C  C     . PHE C 3 42 ? 2.369   -6.066  3.273   1.00 37.81 ? 180 PHE C C     1 
ATOM   896 O  O     . PHE C 3 42 ? 1.296   -6.322  2.757   1.00 29.18 ? 180 PHE C O     1 
ATOM   897 C  CB    . PHE C 3 42 ? 1.556   -3.785  3.764   1.00 44.97 ? 180 PHE C CB    1 
ATOM   898 C  CG    . PHE C 3 42 ? 1.772   -2.323  3.552   1.00 45.76 ? 180 PHE C CG    1 
ATOM   899 C  CD1   . PHE C 3 42 ? 1.397   -1.721  2.357   1.00 46.75 ? 180 PHE C CD1   1 
ATOM   900 C  CD2   . PHE C 3 42 ? 2.393   -1.553  4.523   1.00 37.22 ? 180 PHE C CD2   1 
ATOM   901 C  CE1   . PHE C 3 42 ? 1.639   -0.367  2.131   1.00 48.35 ? 180 PHE C CE1   1 
ATOM   902 C  CE2   . PHE C 3 42 ? 2.642   -0.196  4.309   1.00 31.11 ? 180 PHE C CE2   1 
ATOM   903 C  CZ    . PHE C 3 42 ? 2.266   0.399   3.116   1.00 41.43 ? 180 PHE C CZ    1 
ATOM   904 N  N     . PRO C 3 43 ? 3.223   -7.025  3.645   1.00 42.67 ? 181 PRO C N     1 
ATOM   905 C  CA    . PRO C 3 43 ? 2.937   -8.450  3.502   1.00 42.39 ? 181 PRO C CA    1 
ATOM   906 C  C     . PRO C 3 43 ? 1.630   -8.783  4.212   1.00 46.85 ? 181 PRO C C     1 
ATOM   907 O  O     . PRO C 3 43 ? 1.331   -8.198  5.254   1.00 47.33 ? 181 PRO C O     1 
ATOM   908 C  CB    . PRO C 3 43 ? 4.120   -9.095  4.199   1.00 46.91 ? 181 PRO C CB    1 
ATOM   909 C  CG    . PRO C 3 43 ? 5.196   -8.168  3.912   1.00 35.54 ? 181 PRO C CG    1 
ATOM   910 C  CD    . PRO C 3 43 ? 4.592   -6.827  4.144   1.00 44.96 ? 181 PRO C CD    1 
ATOM   911 N  N     . ALA C 3 44 ? 0.853   -9.712  3.660   1.00 45.01 ? 182 ALA C N     1 
ATOM   912 C  CA    . ALA C 3 44 ? -0.402  -10.085 4.301   1.00 42.51 ? 182 ALA C CA    1 
ATOM   913 C  C     . ALA C 3 44 ? 0.009   -10.495 5.707   1.00 43.59 ? 182 ALA C C     1 
ATOM   914 O  O     . ALA C 3 44 ? -0.584  -10.080 6.703   1.00 49.23 ? 182 ALA C O     1 
ATOM   915 C  CB    . ALA C 3 44 ? -1.047  -11.253 3.571   1.00 47.59 ? 182 ALA C CB    1 
ATOM   916 N  N     . SER C 3 45 ? 1.051   -11.312 5.764   1.00 45.40 ? 183 SER C N     1 
ATOM   917 C  CA    . SER C 3 45 ? 1.609   -11.774 7.021   1.00 48.28 ? 183 SER C CA    1 
ATOM   918 C  C     . SER C 3 45 ? 2.244   -10.595 7.776   1.00 53.93 ? 183 SER C C     1 
ATOM   919 O  O     . SER C 3 45 ? 3.460   -10.588 8.007   1.00 56.63 ? 183 SER C O     1 
ATOM   920 C  CB    . SER C 3 45 ? 2.664   -12.855 6.738   1.00 59.46 ? 183 SER C CB    1 
ATOM   921 O  OG    . SER C 3 45 ? 3.519   -12.492 5.650   1.00 59.61 ? 183 SER C OG    1 
ATOM   922 N  N     . SER C 3 46 ? 1.432   -9.595  8.128   1.00 55.24 ? 184 SER C N     1 
ATOM   923 C  CA    . SER C 3 46 ? 1.905   -8.411  8.866   1.00 59.32 ? 184 SER C CA    1 
ATOM   924 C  C     . SER C 3 46 ? 0.774   -7.434  9.221   1.00 59.24 ? 184 SER C C     1 
ATOM   925 O  O     . SER C 3 46 ? 1.027   -6.302  9.635   1.00 67.37 ? 184 SER C O     1 
ATOM   926 C  CB    . SER C 3 46 ? 2.982   -7.644  8.068   1.00 49.01 ? 184 SER C CB    1 
ATOM   927 O  OG    . SER C 3 46 ? 2.439   -6.582  7.274   1.00 40.27 ? 184 SER C OG    1 
ATOM   928 N  N     . ILE C 3 47 ? -0.470  -7.870  9.067   1.00 55.16 ? 185 ILE C N     1 
ATOM   929 C  CA    . ILE C 3 47 ? -1.596  -7.004  9.359   1.00 58.18 ? 185 ILE C CA    1 
ATOM   930 C  C     . ILE C 3 47 ? -2.447  -7.535  10.510  1.00 66.40 ? 185 ILE C C     1 
ATOM   931 O  O     . ILE C 3 47 ? -2.689  -6.745  11.452  1.00 76.44 ? 185 ILE C O     1 
ATOM   932 C  CB    . ILE C 3 47 ? -2.475  -6.838  8.111   1.00 61.81 ? 185 ILE C CB    1 
ATOM   933 C  CG1   . ILE C 3 47 ? -1.621  -6.351  6.940   1.00 56.68 ? 185 ILE C CG1   1 
ATOM   934 C  CG2   . ILE C 3 47 ? -3.591  -5.841  8.387   1.00 63.15 ? 185 ILE C CG2   1 
ATOM   935 C  CD1   . ILE C 3 47 ? -0.903  -5.039  7.208   1.00 57.74 ? 185 ILE C CD1   1 
HETATM 936 C  C     . TRS D 4 .  ? 8.441   -11.529 -15.633 1.00 63.46 ? 204 TRS B C     1 
HETATM 937 C  C1    . TRS D 4 .  ? 7.288   -10.912 -16.456 1.00 65.11 ? 204 TRS B C1    1 
HETATM 938 C  C2    . TRS D 4 .  ? 7.884   -12.377 -14.666 1.00 73.37 ? 204 TRS B C2    1 
HETATM 939 C  C3    . TRS D 4 .  ? 9.262   -10.350 -15.094 1.00 64.39 ? 204 TRS B C3    1 
HETATM 940 N  N     . TRS D 4 .  ? 9.286   -12.329 -16.532 1.00 74.97 ? 204 TRS B N     1 
HETATM 941 O  O1    . TRS D 4 .  ? 6.573   -9.975  -15.765 1.00 74.52 ? 204 TRS B O1    1 
HETATM 942 O  O2    . TRS D 4 .  ? 8.743   -13.191 -13.942 1.00 81.76 ? 204 TRS B O2    1 
HETATM 943 O  O3    . TRS D 4 .  ? 10.372  -10.670 -14.314 1.00 59.48 ? 204 TRS B O3    1 
HETATM 944 C  C     . TRS E 4 .  ? 1.866   5.862   -11.553 1.00 68.58 ? 203 TRS C C     1 
HETATM 945 C  C1    . TRS E 4 .  ? 0.811   4.852   -12.004 1.00 67.43 ? 203 TRS C C1    1 
HETATM 946 C  C2    . TRS E 4 .  ? 2.396   5.854   -10.257 1.00 54.81 ? 203 TRS C C2    1 
HETATM 947 C  C3    . TRS E 4 .  ? 1.874   7.124   -12.462 1.00 73.21 ? 203 TRS C C3    1 
HETATM 948 N  N     . TRS E 4 .  ? 0.727   6.510   -10.846 1.00 43.67 ? 203 TRS C N     1 
HETATM 949 O  O1    . TRS E 4 .  ? 1.294   4.012   -12.949 1.00 85.49 ? 203 TRS C O1    1 
HETATM 950 O  O2    . TRS E 4 .  ? 3.075   4.710   -9.849  1.00 49.94 ? 203 TRS C O2    1 
HETATM 951 O  O3    . TRS E 4 .  ? 2.805   8.125   -12.170 1.00 82.30 ? 203 TRS C O3    1 
HETATM 952 O  O     . HOH F 5 .  ? 7.128   -4.955  -16.572 1.00 40.54 ? 201 HOH A O     1 
HETATM 953 O  O     . HOH F 5 .  ? 8.559   -18.615 -9.006  1.00 23.62 ? 202 HOH A O     1 
HETATM 954 O  O     . HOH F 5 .  ? 27.294  -4.184  -8.010  1.00 38.38 ? 208 HOH A O     1 
HETATM 955 O  O     . HOH F 5 .  ? 0.336   -5.855  -9.494  1.00 30.66 ? 212 HOH A O     1 
HETATM 956 O  O     . HOH G 5 .  ? 5.205   -8.882  -3.347  1.00 23.39 ? 205 HOH B O     1 
HETATM 957 O  O     . HOH G 5 .  ? 7.775   -7.651  -4.937  1.00 31.00 ? 207 HOH B O     1 
HETATM 958 O  O     . HOH H 5 .  ? 10.498  -3.715  1.109   1.00 65.52 ? 206 HOH C O     1 
# 
